data_5J1Y
# 
_entry.id   5J1Y 
# 
_audit_conform.dict_name       mmcif_pdbx.dic 
_audit_conform.dict_version    5.383 
_audit_conform.dict_location   http://mmcif.pdb.org/dictionaries/ascii/mmcif_pdbx.dic 
# 
loop_
_database_2.database_id 
_database_2.database_code 
_database_2.pdbx_database_accession 
_database_2.pdbx_DOI 
PDB   5J1Y         pdb_00005j1y 10.2210/pdb5j1y/pdb 
WWPDB D_1000219826 ?            ?                   
# 
loop_
_pdbx_audit_revision_history.ordinal 
_pdbx_audit_revision_history.data_content_type 
_pdbx_audit_revision_history.major_revision 
_pdbx_audit_revision_history.minor_revision 
_pdbx_audit_revision_history.revision_date 
1 'Structure model' 1 0 2017-04-05 
2 'Structure model' 2 0 2017-07-12 
3 'Structure model' 2 1 2017-09-13 
4 'Structure model' 2 2 2017-12-06 
5 'Structure model' 2 3 2024-01-10 
# 
_pdbx_audit_revision_details.ordinal             1 
_pdbx_audit_revision_details.revision_ordinal    1 
_pdbx_audit_revision_details.data_content_type   'Structure model' 
_pdbx_audit_revision_details.provider            repository 
_pdbx_audit_revision_details.type                'Initial release' 
_pdbx_audit_revision_details.description         ? 
_pdbx_audit_revision_details.details             ? 
# 
loop_
_pdbx_audit_revision_group.ordinal 
_pdbx_audit_revision_group.revision_ordinal 
_pdbx_audit_revision_group.data_content_type 
_pdbx_audit_revision_group.group 
1 2 'Structure model' 'Atomic model'               
2 2 'Structure model' 'Derived calculations'       
3 3 'Structure model' 'Author supporting evidence' 
4 4 'Structure model' 'Database references'        
5 5 'Structure model' 'Data collection'            
6 5 'Structure model' 'Database references'        
7 5 'Structure model' 'Refinement description'     
# 
loop_
_pdbx_audit_revision_category.ordinal 
_pdbx_audit_revision_category.revision_ordinal 
_pdbx_audit_revision_category.data_content_type 
_pdbx_audit_revision_category.category 
1  2 'Structure model' atom_site                     
2  2 'Structure model' struct_conn                   
3  2 'Structure model' struct_site                   
4  2 'Structure model' struct_site_gen               
5  3 'Structure model' pdbx_audit_support            
6  4 'Structure model' citation                      
7  4 'Structure model' citation_author               
8  5 'Structure model' chem_comp_atom                
9  5 'Structure model' chem_comp_bond                
10 5 'Structure model' database_2                    
11 5 'Structure model' pdbx_initial_refinement_model 
# 
loop_
_pdbx_audit_revision_item.ordinal 
_pdbx_audit_revision_item.revision_ordinal 
_pdbx_audit_revision_item.data_content_type 
_pdbx_audit_revision_item.item 
1  2 'Structure model' '_atom_site.label_alt_id'                  
2  3 'Structure model' '_pdbx_audit_support.funding_organization' 
3  4 'Structure model' '_citation.country'                        
4  4 'Structure model' '_citation.journal_abbrev'                 
5  4 'Structure model' '_citation.journal_id_CSD'                 
6  4 'Structure model' '_citation.journal_id_ISSN'                
7  4 'Structure model' '_citation.journal_volume'                 
8  4 'Structure model' '_citation.page_first'                     
9  4 'Structure model' '_citation.page_last'                      
10 4 'Structure model' '_citation.pdbx_database_id_DOI'           
11 4 'Structure model' '_citation.pdbx_database_id_PubMed'        
12 4 'Structure model' '_citation.title'                          
13 4 'Structure model' '_citation.year'                           
14 5 'Structure model' '_database_2.pdbx_DOI'                     
15 5 'Structure model' '_database_2.pdbx_database_accession'      
# 
_pdbx_database_status.status_code                     REL 
_pdbx_database_status.status_code_sf                  REL 
_pdbx_database_status.status_code_mr                  ? 
_pdbx_database_status.entry_id                        5J1Y 
_pdbx_database_status.recvd_initial_deposition_date   2016-03-29 
_pdbx_database_status.SG_entry                        N 
_pdbx_database_status.deposit_site                    RCSB 
_pdbx_database_status.process_site                    PDBE 
_pdbx_database_status.status_code_cs                  ? 
_pdbx_database_status.methods_development_category    ? 
_pdbx_database_status.pdb_format_compatible           Y 
_pdbx_database_status.status_code_nmr_data            ? 
# 
loop_
_audit_author.name 
_audit_author.pdbx_ordinal 
'Blaszczyk, M.'   1 
'Surade, S.'      2 
'Nikiforov, P.O.' 3 
'Abell, C.'       4 
'Blundell, T.L.'  5 
# 
_citation.abstract                  ? 
_citation.abstract_id_CAS           ? 
_citation.book_id_ISBN              ? 
_citation.book_publisher            ? 
_citation.book_publisher_city       ? 
_citation.book_title                ? 
_citation.coordinate_linkage        ? 
_citation.country                   US 
_citation.database_id_Medline       ? 
_citation.details                   ? 
_citation.id                        primary 
_citation.journal_abbrev            'ACS Chem. Biol.' 
_citation.journal_id_ASTM           ? 
_citation.journal_id_CSD            ? 
_citation.journal_id_ISSN           1554-8937 
_citation.journal_full              ? 
_citation.journal_issue             ? 
_citation.journal_volume            12 
_citation.language                  ? 
_citation.page_first                1390 
_citation.page_last                 1396 
_citation.title                     
;Fragment-Sized EthR Inhibitors Exhibit Exceptionally Strong Ethionamide Boosting Effect in Whole-Cell Mycobacterium tuberculosis Assays.
;
_citation.year                      2017 
_citation.database_id_CSD           ? 
_citation.pdbx_database_id_DOI      10.1021/acschembio.7b00091 
_citation.pdbx_database_id_PubMed   28314097 
_citation.unpublished_flag          ? 
# 
loop_
_citation_author.citation_id 
_citation_author.name 
_citation_author.ordinal 
_citation_author.identifier_ORCID 
primary 'Nikiforov, P.O.' 1  ? 
primary 'Blaszczyk, M.'   2  ? 
primary 'Surade, S.'      3  ? 
primary 'Boshoff, H.I.'   4  ? 
primary 'Sajid, A.'       5  ? 
primary 'Delorme, V.'     6  ? 
primary 'Deboosere, N.'   7  ? 
primary 'Brodin, P.'      8  ? 
primary 'Baulard, A.R.'   9  ? 
primary 'Barry, C.E.'     10 ? 
primary 'Blundell, T.L.'  11 ? 
primary 'Abell, C.'       12 ? 
# 
loop_
_entity.id 
_entity.type 
_entity.src_method 
_entity.pdbx_description 
_entity.formula_weight 
_entity.pdbx_number_of_molecules 
_entity.pdbx_ec 
_entity.pdbx_mutation 
_entity.pdbx_fragment 
_entity.details 
1 polymer     man EthR                                                   23781.705 1  ? ? ? ? 
2 non-polymer syn '3-[(3S)-oxolan-3-yl]-1-(pyrrolidin-1-yl)propan-1-one' 197.274   2  ? ? ? ? 
3 water       nat water                                                  18.015    42 ? ? ? ? 
# 
_entity_name_com.entity_id   1 
_entity_name_com.name        'Mutant monooxygenase EthR,TetR family transcriptional regulator' 
# 
_entity_poly.entity_id                      1 
_entity_poly.type                           'polypeptide(L)' 
_entity_poly.nstd_linkage                   no 
_entity_poly.nstd_monomer                   no 
_entity_poly.pdbx_seq_one_letter_code       
;MTTSAASQASLPRGRRTARPSGDDRELAILATAENLLEDRPLADISVDDLAKGAGISRPTFYFYFPSKEAVLLTLLDRVV
NQADMALQTLAENPADTDRENMWRTGINVFFETFGSHKAVTRAGQAARATSVEVAELWSTFMQKWIAYTAAVIDAERDRG
AAPRTLPAHELATALNLMNERTLFASFAGEQPSVPEARVLDTLVHIWVTSIYGENR
;
_entity_poly.pdbx_seq_one_letter_code_can   
;MTTSAASQASLPRGRRTARPSGDDRELAILATAENLLEDRPLADISVDDLAKGAGISRPTFYFYFPSKEAVLLTLLDRVV
NQADMALQTLAENPADTDRENMWRTGINVFFETFGSHKAVTRAGQAARATSVEVAELWSTFMQKWIAYTAAVIDAERDRG
AAPRTLPAHELATALNLMNERTLFASFAGEQPSVPEARVLDTLVHIWVTSIYGENR
;
_entity_poly.pdbx_strand_id                 A 
_entity_poly.pdbx_target_identifier         ? 
# 
loop_
_pdbx_entity_nonpoly.entity_id 
_pdbx_entity_nonpoly.name 
_pdbx_entity_nonpoly.comp_id 
2 '3-[(3S)-oxolan-3-yl]-1-(pyrrolidin-1-yl)propan-1-one' P87 
3 water                                                  HOH 
# 
loop_
_entity_poly_seq.entity_id 
_entity_poly_seq.num 
_entity_poly_seq.mon_id 
_entity_poly_seq.hetero 
1 1   MET n 
1 2   THR n 
1 3   THR n 
1 4   SER n 
1 5   ALA n 
1 6   ALA n 
1 7   SER n 
1 8   GLN n 
1 9   ALA n 
1 10  SER n 
1 11  LEU n 
1 12  PRO n 
1 13  ARG n 
1 14  GLY n 
1 15  ARG n 
1 16  ARG n 
1 17  THR n 
1 18  ALA n 
1 19  ARG n 
1 20  PRO n 
1 21  SER n 
1 22  GLY n 
1 23  ASP n 
1 24  ASP n 
1 25  ARG n 
1 26  GLU n 
1 27  LEU n 
1 28  ALA n 
1 29  ILE n 
1 30  LEU n 
1 31  ALA n 
1 32  THR n 
1 33  ALA n 
1 34  GLU n 
1 35  ASN n 
1 36  LEU n 
1 37  LEU n 
1 38  GLU n 
1 39  ASP n 
1 40  ARG n 
1 41  PRO n 
1 42  LEU n 
1 43  ALA n 
1 44  ASP n 
1 45  ILE n 
1 46  SER n 
1 47  VAL n 
1 48  ASP n 
1 49  ASP n 
1 50  LEU n 
1 51  ALA n 
1 52  LYS n 
1 53  GLY n 
1 54  ALA n 
1 55  GLY n 
1 56  ILE n 
1 57  SER n 
1 58  ARG n 
1 59  PRO n 
1 60  THR n 
1 61  PHE n 
1 62  TYR n 
1 63  PHE n 
1 64  TYR n 
1 65  PHE n 
1 66  PRO n 
1 67  SER n 
1 68  LYS n 
1 69  GLU n 
1 70  ALA n 
1 71  VAL n 
1 72  LEU n 
1 73  LEU n 
1 74  THR n 
1 75  LEU n 
1 76  LEU n 
1 77  ASP n 
1 78  ARG n 
1 79  VAL n 
1 80  VAL n 
1 81  ASN n 
1 82  GLN n 
1 83  ALA n 
1 84  ASP n 
1 85  MET n 
1 86  ALA n 
1 87  LEU n 
1 88  GLN n 
1 89  THR n 
1 90  LEU n 
1 91  ALA n 
1 92  GLU n 
1 93  ASN n 
1 94  PRO n 
1 95  ALA n 
1 96  ASP n 
1 97  THR n 
1 98  ASP n 
1 99  ARG n 
1 100 GLU n 
1 101 ASN n 
1 102 MET n 
1 103 TRP n 
1 104 ARG n 
1 105 THR n 
1 106 GLY n 
1 107 ILE n 
1 108 ASN n 
1 109 VAL n 
1 110 PHE n 
1 111 PHE n 
1 112 GLU n 
1 113 THR n 
1 114 PHE n 
1 115 GLY n 
1 116 SER n 
1 117 HIS n 
1 118 LYS n 
1 119 ALA n 
1 120 VAL n 
1 121 THR n 
1 122 ARG n 
1 123 ALA n 
1 124 GLY n 
1 125 GLN n 
1 126 ALA n 
1 127 ALA n 
1 128 ARG n 
1 129 ALA n 
1 130 THR n 
1 131 SER n 
1 132 VAL n 
1 133 GLU n 
1 134 VAL n 
1 135 ALA n 
1 136 GLU n 
1 137 LEU n 
1 138 TRP n 
1 139 SER n 
1 140 THR n 
1 141 PHE n 
1 142 MET n 
1 143 GLN n 
1 144 LYS n 
1 145 TRP n 
1 146 ILE n 
1 147 ALA n 
1 148 TYR n 
1 149 THR n 
1 150 ALA n 
1 151 ALA n 
1 152 VAL n 
1 153 ILE n 
1 154 ASP n 
1 155 ALA n 
1 156 GLU n 
1 157 ARG n 
1 158 ASP n 
1 159 ARG n 
1 160 GLY n 
1 161 ALA n 
1 162 ALA n 
1 163 PRO n 
1 164 ARG n 
1 165 THR n 
1 166 LEU n 
1 167 PRO n 
1 168 ALA n 
1 169 HIS n 
1 170 GLU n 
1 171 LEU n 
1 172 ALA n 
1 173 THR n 
1 174 ALA n 
1 175 LEU n 
1 176 ASN n 
1 177 LEU n 
1 178 MET n 
1 179 ASN n 
1 180 GLU n 
1 181 ARG n 
1 182 THR n 
1 183 LEU n 
1 184 PHE n 
1 185 ALA n 
1 186 SER n 
1 187 PHE n 
1 188 ALA n 
1 189 GLY n 
1 190 GLU n 
1 191 GLN n 
1 192 PRO n 
1 193 SER n 
1 194 VAL n 
1 195 PRO n 
1 196 GLU n 
1 197 ALA n 
1 198 ARG n 
1 199 VAL n 
1 200 LEU n 
1 201 ASP n 
1 202 THR n 
1 203 LEU n 
1 204 VAL n 
1 205 HIS n 
1 206 ILE n 
1 207 TRP n 
1 208 VAL n 
1 209 THR n 
1 210 SER n 
1 211 ILE n 
1 212 TYR n 
1 213 GLY n 
1 214 GLU n 
1 215 ASN n 
1 216 ARG n 
# 
_entity_src_gen.entity_id                          1 
_entity_src_gen.pdbx_src_id                        1 
_entity_src_gen.pdbx_alt_source_flag               sample 
_entity_src_gen.pdbx_seq_type                      'Biological sequence' 
_entity_src_gen.pdbx_beg_seq_num                   1 
_entity_src_gen.pdbx_end_seq_num                   216 
_entity_src_gen.gene_src_common_name               ? 
_entity_src_gen.gene_src_genus                     ? 
_entity_src_gen.pdbx_gene_src_gene                 
;ethR_2, ethR, ethR_1, AFL40_4013, BN1213_00375, BN1303_02839, ERS007657_00006, ERS007665_03402, ERS007670_00101, ERS007672_00126, ERS007679_01009, ERS007681_01169, ERS007688_00760, ERS007703_00420, ERS007722_01164, ERS007741_02569, ERS013447_02283, ERS013471_02551, ERS023446_02032, ERS024213_01441, ERS024276_01130, ERS027644_00684, ERS027646_02322, ERS027654_00374, ERS027656_00876, ERS031537_01716, ERS075357_02728, ERS075361_00362, ERS075387_01097, ERS124361_02860, IQ38_20160, IQ40_19545, IQ45_19480, IQ47_19420, IU13_19735, IU16_19625
;
_entity_src_gen.gene_src_species                   ? 
_entity_src_gen.gene_src_strain                    ? 
_entity_src_gen.gene_src_tissue                    ? 
_entity_src_gen.gene_src_tissue_fraction           ? 
_entity_src_gen.gene_src_details                   ? 
_entity_src_gen.pdbx_gene_src_fragment             ? 
_entity_src_gen.pdbx_gene_src_scientific_name      'Mycobacterium tuberculosis' 
_entity_src_gen.pdbx_gene_src_ncbi_taxonomy_id     1773 
_entity_src_gen.pdbx_gene_src_variant              ? 
_entity_src_gen.pdbx_gene_src_cell_line            ? 
_entity_src_gen.pdbx_gene_src_atcc                 ? 
_entity_src_gen.pdbx_gene_src_organ                ? 
_entity_src_gen.pdbx_gene_src_organelle            ? 
_entity_src_gen.pdbx_gene_src_cell                 ? 
_entity_src_gen.pdbx_gene_src_cellular_location    ? 
_entity_src_gen.host_org_common_name               ? 
_entity_src_gen.pdbx_host_org_scientific_name      'Escherichia coli' 
_entity_src_gen.pdbx_host_org_ncbi_taxonomy_id     562 
_entity_src_gen.host_org_genus                     ? 
_entity_src_gen.pdbx_host_org_gene                 ? 
_entity_src_gen.pdbx_host_org_organ                ? 
_entity_src_gen.host_org_species                   ? 
_entity_src_gen.pdbx_host_org_tissue               ? 
_entity_src_gen.pdbx_host_org_tissue_fraction      ? 
_entity_src_gen.pdbx_host_org_strain               ? 
_entity_src_gen.pdbx_host_org_variant              ? 
_entity_src_gen.pdbx_host_org_cell_line            ? 
_entity_src_gen.pdbx_host_org_atcc                 ? 
_entity_src_gen.pdbx_host_org_culture_collection   ? 
_entity_src_gen.pdbx_host_org_cell                 ? 
_entity_src_gen.pdbx_host_org_organelle            ? 
_entity_src_gen.pdbx_host_org_cellular_location    ? 
_entity_src_gen.pdbx_host_org_vector_type          ? 
_entity_src_gen.pdbx_host_org_vector               ? 
_entity_src_gen.host_org_details                   ? 
_entity_src_gen.expression_system_id               ? 
_entity_src_gen.plasmid_name                       ? 
_entity_src_gen.plasmid_details                    ? 
_entity_src_gen.pdbx_description                   ? 
# 
loop_
_chem_comp.id 
_chem_comp.type 
_chem_comp.mon_nstd_flag 
_chem_comp.name 
_chem_comp.pdbx_synonyms 
_chem_comp.formula 
_chem_comp.formula_weight 
ALA 'L-peptide linking' y ALANINE                                                ? 'C3 H7 N O2'     89.093  
ARG 'L-peptide linking' y ARGININE                                               ? 'C6 H15 N4 O2 1' 175.209 
ASN 'L-peptide linking' y ASPARAGINE                                             ? 'C4 H8 N2 O3'    132.118 
ASP 'L-peptide linking' y 'ASPARTIC ACID'                                        ? 'C4 H7 N O4'     133.103 
GLN 'L-peptide linking' y GLUTAMINE                                              ? 'C5 H10 N2 O3'   146.144 
GLU 'L-peptide linking' y 'GLUTAMIC ACID'                                        ? 'C5 H9 N O4'     147.129 
GLY 'peptide linking'   y GLYCINE                                                ? 'C2 H5 N O2'     75.067  
HIS 'L-peptide linking' y HISTIDINE                                              ? 'C6 H10 N3 O2 1' 156.162 
HOH non-polymer         . WATER                                                  ? 'H2 O'           18.015  
ILE 'L-peptide linking' y ISOLEUCINE                                             ? 'C6 H13 N O2'    131.173 
LEU 'L-peptide linking' y LEUCINE                                                ? 'C6 H13 N O2'    131.173 
LYS 'L-peptide linking' y LYSINE                                                 ? 'C6 H15 N2 O2 1' 147.195 
MET 'L-peptide linking' y METHIONINE                                             ? 'C5 H11 N O2 S'  149.211 
P87 non-polymer         . '3-[(3S)-oxolan-3-yl]-1-(pyrrolidin-1-yl)propan-1-one' ? 'C11 H19 N O2'   197.274 
PHE 'L-peptide linking' y PHENYLALANINE                                          ? 'C9 H11 N O2'    165.189 
PRO 'L-peptide linking' y PROLINE                                                ? 'C5 H9 N O2'     115.130 
SER 'L-peptide linking' y SERINE                                                 ? 'C3 H7 N O3'     105.093 
THR 'L-peptide linking' y THREONINE                                              ? 'C4 H9 N O3'     119.119 
TRP 'L-peptide linking' y TRYPTOPHAN                                             ? 'C11 H12 N2 O2'  204.225 
TYR 'L-peptide linking' y TYROSINE                                               ? 'C9 H11 N O3'    181.189 
VAL 'L-peptide linking' y VALINE                                                 ? 'C5 H11 N O2'    117.146 
# 
loop_
_pdbx_poly_seq_scheme.asym_id 
_pdbx_poly_seq_scheme.entity_id 
_pdbx_poly_seq_scheme.seq_id 
_pdbx_poly_seq_scheme.mon_id 
_pdbx_poly_seq_scheme.ndb_seq_num 
_pdbx_poly_seq_scheme.pdb_seq_num 
_pdbx_poly_seq_scheme.auth_seq_num 
_pdbx_poly_seq_scheme.pdb_mon_id 
_pdbx_poly_seq_scheme.auth_mon_id 
_pdbx_poly_seq_scheme.pdb_strand_id 
_pdbx_poly_seq_scheme.pdb_ins_code 
_pdbx_poly_seq_scheme.hetero 
A 1 1   MET 1   1   ?   ?   ?   A . n 
A 1 2   THR 2   2   ?   ?   ?   A . n 
A 1 3   THR 3   3   ?   ?   ?   A . n 
A 1 4   SER 4   4   ?   ?   ?   A . n 
A 1 5   ALA 5   5   ?   ?   ?   A . n 
A 1 6   ALA 6   6   ?   ?   ?   A . n 
A 1 7   SER 7   7   ?   ?   ?   A . n 
A 1 8   GLN 8   8   ?   ?   ?   A . n 
A 1 9   ALA 9   9   ?   ?   ?   A . n 
A 1 10  SER 10  10  ?   ?   ?   A . n 
A 1 11  LEU 11  11  ?   ?   ?   A . n 
A 1 12  PRO 12  12  ?   ?   ?   A . n 
A 1 13  ARG 13  13  ?   ?   ?   A . n 
A 1 14  GLY 14  14  ?   ?   ?   A . n 
A 1 15  ARG 15  15  ?   ?   ?   A . n 
A 1 16  ARG 16  16  ?   ?   ?   A . n 
A 1 17  THR 17  17  ?   ?   ?   A . n 
A 1 18  ALA 18  18  ?   ?   ?   A . n 
A 1 19  ARG 19  19  ?   ?   ?   A . n 
A 1 20  PRO 20  20  ?   ?   ?   A . n 
A 1 21  SER 21  21  ?   ?   ?   A . n 
A 1 22  GLY 22  22  22  GLY GLY A . n 
A 1 23  ASP 23  23  23  ASP ASP A . n 
A 1 24  ASP 24  24  24  ASP ASP A . n 
A 1 25  ARG 25  25  25  ARG ARG A . n 
A 1 26  GLU 26  26  26  GLU GLU A . n 
A 1 27  LEU 27  27  27  LEU LEU A . n 
A 1 28  ALA 28  28  28  ALA ALA A . n 
A 1 29  ILE 29  29  29  ILE ILE A . n 
A 1 30  LEU 30  30  30  LEU LEU A . n 
A 1 31  ALA 31  31  31  ALA ALA A . n 
A 1 32  THR 32  32  32  THR THR A . n 
A 1 33  ALA 33  33  33  ALA ALA A . n 
A 1 34  GLU 34  34  34  GLU GLU A . n 
A 1 35  ASN 35  35  35  ASN ASN A . n 
A 1 36  LEU 36  36  36  LEU LEU A . n 
A 1 37  LEU 37  37  37  LEU LEU A . n 
A 1 38  GLU 38  38  38  GLU GLU A . n 
A 1 39  ASP 39  39  39  ASP ASP A . n 
A 1 40  ARG 40  40  40  ARG ARG A . n 
A 1 41  PRO 41  41  41  PRO PRO A . n 
A 1 42  LEU 42  42  42  LEU LEU A . n 
A 1 43  ALA 43  43  43  ALA ALA A . n 
A 1 44  ASP 44  44  44  ASP ASP A . n 
A 1 45  ILE 45  45  45  ILE ILE A . n 
A 1 46  SER 46  46  46  SER SER A . n 
A 1 47  VAL 47  47  47  VAL VAL A . n 
A 1 48  ASP 48  48  48  ASP ASP A . n 
A 1 49  ASP 49  49  49  ASP ASP A . n 
A 1 50  LEU 50  50  50  LEU LEU A . n 
A 1 51  ALA 51  51  51  ALA ALA A . n 
A 1 52  LYS 52  52  52  LYS LYS A . n 
A 1 53  GLY 53  53  53  GLY GLY A . n 
A 1 54  ALA 54  54  54  ALA ALA A . n 
A 1 55  GLY 55  55  55  GLY GLY A . n 
A 1 56  ILE 56  56  56  ILE ILE A . n 
A 1 57  SER 57  57  57  SER SER A . n 
A 1 58  ARG 58  58  58  ARG ARG A . n 
A 1 59  PRO 59  59  59  PRO PRO A . n 
A 1 60  THR 60  60  60  THR THR A . n 
A 1 61  PHE 61  61  61  PHE PHE A . n 
A 1 62  TYR 62  62  62  TYR TYR A . n 
A 1 63  PHE 63  63  63  PHE PHE A . n 
A 1 64  TYR 64  64  64  TYR TYR A . n 
A 1 65  PHE 65  65  65  PHE PHE A . n 
A 1 66  PRO 66  66  66  PRO PRO A . n 
A 1 67  SER 67  67  67  SER SER A . n 
A 1 68  LYS 68  68  68  LYS LYS A . n 
A 1 69  GLU 69  69  69  GLU GLU A . n 
A 1 70  ALA 70  70  70  ALA ALA A . n 
A 1 71  VAL 71  71  71  VAL VAL A . n 
A 1 72  LEU 72  72  72  LEU LEU A . n 
A 1 73  LEU 73  73  73  LEU LEU A . n 
A 1 74  THR 74  74  74  THR THR A . n 
A 1 75  LEU 75  75  75  LEU LEU A . n 
A 1 76  LEU 76  76  76  LEU LEU A . n 
A 1 77  ASP 77  77  77  ASP ASP A . n 
A 1 78  ARG 78  78  78  ARG ARG A . n 
A 1 79  VAL 79  79  79  VAL VAL A . n 
A 1 80  VAL 80  80  80  VAL VAL A . n 
A 1 81  ASN 81  81  81  ASN ASN A . n 
A 1 82  GLN 82  82  82  GLN GLN A . n 
A 1 83  ALA 83  83  83  ALA ALA A . n 
A 1 84  ASP 84  84  84  ASP ASP A . n 
A 1 85  MET 85  85  85  MET MET A . n 
A 1 86  ALA 86  86  86  ALA ALA A . n 
A 1 87  LEU 87  87  87  LEU LEU A . n 
A 1 88  GLN 88  88  88  GLN GLN A . n 
A 1 89  THR 89  89  89  THR THR A . n 
A 1 90  LEU 90  90  90  LEU LEU A . n 
A 1 91  ALA 91  91  91  ALA ALA A . n 
A 1 92  GLU 92  92  92  GLU GLU A . n 
A 1 93  ASN 93  93  93  ASN ASN A . n 
A 1 94  PRO 94  94  94  PRO PRO A . n 
A 1 95  ALA 95  95  95  ALA ALA A . n 
A 1 96  ASP 96  96  96  ASP ASP A . n 
A 1 97  THR 97  97  97  THR THR A . n 
A 1 98  ASP 98  98  98  ASP ASP A . n 
A 1 99  ARG 99  99  99  ARG ARG A . n 
A 1 100 GLU 100 100 100 GLU GLU A . n 
A 1 101 ASN 101 101 101 ASN ASN A . n 
A 1 102 MET 102 102 102 MET MET A . n 
A 1 103 TRP 103 103 103 TRP TRP A . n 
A 1 104 ARG 104 104 104 ARG ARG A . n 
A 1 105 THR 105 105 105 THR THR A . n 
A 1 106 GLY 106 106 106 GLY GLY A . n 
A 1 107 ILE 107 107 107 ILE ILE A . n 
A 1 108 ASN 108 108 108 ASN ASN A . n 
A 1 109 VAL 109 109 109 VAL VAL A . n 
A 1 110 PHE 110 110 110 PHE PHE A . n 
A 1 111 PHE 111 111 111 PHE PHE A . n 
A 1 112 GLU 112 112 112 GLU GLU A . n 
A 1 113 THR 113 113 113 THR THR A . n 
A 1 114 PHE 114 114 114 PHE PHE A . n 
A 1 115 GLY 115 115 115 GLY GLY A . n 
A 1 116 SER 116 116 116 SER SER A . n 
A 1 117 HIS 117 117 117 HIS HIS A . n 
A 1 118 LYS 118 118 118 LYS LYS A . n 
A 1 119 ALA 119 119 119 ALA ALA A . n 
A 1 120 VAL 120 120 120 VAL VAL A . n 
A 1 121 THR 121 121 121 THR THR A . n 
A 1 122 ARG 122 122 122 ARG ARG A . n 
A 1 123 ALA 123 123 123 ALA ALA A . n 
A 1 124 GLY 124 124 124 GLY GLY A . n 
A 1 125 GLN 125 125 125 GLN GLN A . n 
A 1 126 ALA 126 126 126 ALA ALA A . n 
A 1 127 ALA 127 127 127 ALA ALA A . n 
A 1 128 ARG 128 128 128 ARG ARG A . n 
A 1 129 ALA 129 129 129 ALA ALA A . n 
A 1 130 THR 130 130 130 THR THR A . n 
A 1 131 SER 131 131 131 SER SER A . n 
A 1 132 VAL 132 132 132 VAL VAL A . n 
A 1 133 GLU 133 133 133 GLU GLU A . n 
A 1 134 VAL 134 134 134 VAL VAL A . n 
A 1 135 ALA 135 135 135 ALA ALA A . n 
A 1 136 GLU 136 136 136 GLU GLU A . n 
A 1 137 LEU 137 137 137 LEU LEU A . n 
A 1 138 TRP 138 138 138 TRP TRP A . n 
A 1 139 SER 139 139 139 SER SER A . n 
A 1 140 THR 140 140 140 THR THR A . n 
A 1 141 PHE 141 141 141 PHE PHE A . n 
A 1 142 MET 142 142 142 MET MET A . n 
A 1 143 GLN 143 143 143 GLN GLN A . n 
A 1 144 LYS 144 144 144 LYS LYS A . n 
A 1 145 TRP 145 145 145 TRP TRP A . n 
A 1 146 ILE 146 146 146 ILE ILE A . n 
A 1 147 ALA 147 147 147 ALA ALA A . n 
A 1 148 TYR 148 148 148 TYR TYR A . n 
A 1 149 THR 149 149 149 THR THR A . n 
A 1 150 ALA 150 150 150 ALA ALA A . n 
A 1 151 ALA 151 151 151 ALA ALA A . n 
A 1 152 VAL 152 152 152 VAL VAL A . n 
A 1 153 ILE 153 153 153 ILE ILE A . n 
A 1 154 ASP 154 154 154 ASP ASP A . n 
A 1 155 ALA 155 155 155 ALA ALA A . n 
A 1 156 GLU 156 156 156 GLU GLU A . n 
A 1 157 ARG 157 157 157 ARG ARG A . n 
A 1 158 ASP 158 158 158 ASP ASP A . n 
A 1 159 ARG 159 159 159 ARG ARG A . n 
A 1 160 GLY 160 160 160 GLY GLY A . n 
A 1 161 ALA 161 161 161 ALA ALA A . n 
A 1 162 ALA 162 162 162 ALA ALA A . n 
A 1 163 PRO 163 163 163 PRO PRO A . n 
A 1 164 ARG 164 164 164 ARG ARG A . n 
A 1 165 THR 165 165 165 THR THR A . n 
A 1 166 LEU 166 166 166 LEU LEU A . n 
A 1 167 PRO 167 167 167 PRO PRO A . n 
A 1 168 ALA 168 168 168 ALA ALA A . n 
A 1 169 HIS 169 169 169 HIS HIS A . n 
A 1 170 GLU 170 170 170 GLU GLU A . n 
A 1 171 LEU 171 171 171 LEU LEU A . n 
A 1 172 ALA 172 172 172 ALA ALA A . n 
A 1 173 THR 173 173 173 THR THR A . n 
A 1 174 ALA 174 174 174 ALA ALA A . n 
A 1 175 LEU 175 175 175 LEU LEU A . n 
A 1 176 ASN 176 176 176 ASN ASN A . n 
A 1 177 LEU 177 177 177 LEU LEU A . n 
A 1 178 MET 178 178 178 MET MET A . n 
A 1 179 ASN 179 179 179 ASN ASN A . n 
A 1 180 GLU 180 180 180 GLU GLU A . n 
A 1 181 ARG 181 181 181 ARG ARG A . n 
A 1 182 THR 182 182 182 THR THR A . n 
A 1 183 LEU 183 183 183 LEU LEU A . n 
A 1 184 PHE 184 184 184 PHE PHE A . n 
A 1 185 ALA 185 185 185 ALA ALA A . n 
A 1 186 SER 186 186 186 SER SER A . n 
A 1 187 PHE 187 187 187 PHE PHE A . n 
A 1 188 ALA 188 188 188 ALA ALA A . n 
A 1 189 GLY 189 189 189 GLY GLY A . n 
A 1 190 GLU 190 190 190 GLU GLU A . n 
A 1 191 GLN 191 191 191 GLN GLN A . n 
A 1 192 PRO 192 192 192 PRO PRO A . n 
A 1 193 SER 193 193 193 SER SER A . n 
A 1 194 VAL 194 194 194 VAL VAL A . n 
A 1 195 PRO 195 195 195 PRO PRO A . n 
A 1 196 GLU 196 196 196 GLU GLU A . n 
A 1 197 ALA 197 197 197 ALA ALA A . n 
A 1 198 ARG 198 198 198 ARG ARG A . n 
A 1 199 VAL 199 199 199 VAL VAL A . n 
A 1 200 LEU 200 200 200 LEU LEU A . n 
A 1 201 ASP 201 201 201 ASP ASP A . n 
A 1 202 THR 202 202 202 THR THR A . n 
A 1 203 LEU 203 203 203 LEU LEU A . n 
A 1 204 VAL 204 204 204 VAL VAL A . n 
A 1 205 HIS 205 205 205 HIS HIS A . n 
A 1 206 ILE 206 206 206 ILE ILE A . n 
A 1 207 TRP 207 207 207 TRP TRP A . n 
A 1 208 VAL 208 208 208 VAL VAL A . n 
A 1 209 THR 209 209 209 THR THR A . n 
A 1 210 SER 210 210 210 SER SER A . n 
A 1 211 ILE 211 211 211 ILE ILE A . n 
A 1 212 TYR 212 212 212 TYR TYR A . n 
A 1 213 GLY 213 213 213 GLY GLY A . n 
A 1 214 GLU 214 214 214 GLU GLU A . n 
A 1 215 ASN 215 215 ?   ?   ?   A . n 
A 1 216 ARG 216 216 ?   ?   ?   A . n 
# 
loop_
_pdbx_nonpoly_scheme.asym_id 
_pdbx_nonpoly_scheme.entity_id 
_pdbx_nonpoly_scheme.mon_id 
_pdbx_nonpoly_scheme.ndb_seq_num 
_pdbx_nonpoly_scheme.pdb_seq_num 
_pdbx_nonpoly_scheme.auth_seq_num 
_pdbx_nonpoly_scheme.pdb_mon_id 
_pdbx_nonpoly_scheme.auth_mon_id 
_pdbx_nonpoly_scheme.pdb_strand_id 
_pdbx_nonpoly_scheme.pdb_ins_code 
B 2 P87 1  301 1  P87 p87 A . 
C 2 P87 1  302 1  P87 p87 A . 
D 3 HOH 1  401 40 HOH HOH A . 
D 3 HOH 2  402 10 HOH HOH A . 
D 3 HOH 3  403 19 HOH HOH A . 
D 3 HOH 4  404 5  HOH HOH A . 
D 3 HOH 5  405 25 HOH HOH A . 
D 3 HOH 6  406 22 HOH HOH A . 
D 3 HOH 7  407 35 HOH HOH A . 
D 3 HOH 8  408 21 HOH HOH A . 
D 3 HOH 9  409 12 HOH HOH A . 
D 3 HOH 10 410 34 HOH HOH A . 
D 3 HOH 11 411 14 HOH HOH A . 
D 3 HOH 12 412 8  HOH HOH A . 
D 3 HOH 13 413 1  HOH HOH A . 
D 3 HOH 14 414 31 HOH HOH A . 
D 3 HOH 15 415 15 HOH HOH A . 
D 3 HOH 16 416 9  HOH HOH A . 
D 3 HOH 17 417 24 HOH HOH A . 
D 3 HOH 18 418 29 HOH HOH A . 
D 3 HOH 19 419 20 HOH HOH A . 
D 3 HOH 20 420 30 HOH HOH A . 
D 3 HOH 21 421 3  HOH HOH A . 
D 3 HOH 22 422 32 HOH HOH A . 
D 3 HOH 23 423 38 HOH HOH A . 
D 3 HOH 24 424 36 HOH HOH A . 
D 3 HOH 25 425 7  HOH HOH A . 
D 3 HOH 26 426 42 HOH HOH A . 
D 3 HOH 27 427 13 HOH HOH A . 
D 3 HOH 28 428 33 HOH HOH A . 
D 3 HOH 29 429 4  HOH HOH A . 
D 3 HOH 30 430 23 HOH HOH A . 
D 3 HOH 31 431 11 HOH HOH A . 
D 3 HOH 32 432 2  HOH HOH A . 
D 3 HOH 33 433 41 HOH HOH A . 
D 3 HOH 34 434 18 HOH HOH A . 
D 3 HOH 35 435 37 HOH HOH A . 
D 3 HOH 36 436 6  HOH HOH A . 
D 3 HOH 37 437 17 HOH HOH A . 
D 3 HOH 38 438 26 HOH HOH A . 
D 3 HOH 39 439 28 HOH HOH A . 
D 3 HOH 40 440 39 HOH HOH A . 
D 3 HOH 41 441 27 HOH HOH A . 
D 3 HOH 42 442 16 HOH HOH A . 
# 
loop_
_pdbx_unobs_or_zero_occ_atoms.id 
_pdbx_unobs_or_zero_occ_atoms.PDB_model_num 
_pdbx_unobs_or_zero_occ_atoms.polymer_flag 
_pdbx_unobs_or_zero_occ_atoms.occupancy_flag 
_pdbx_unobs_or_zero_occ_atoms.auth_asym_id 
_pdbx_unobs_or_zero_occ_atoms.auth_comp_id 
_pdbx_unobs_or_zero_occ_atoms.auth_seq_id 
_pdbx_unobs_or_zero_occ_atoms.PDB_ins_code 
_pdbx_unobs_or_zero_occ_atoms.auth_atom_id 
_pdbx_unobs_or_zero_occ_atoms.label_alt_id 
_pdbx_unobs_or_zero_occ_atoms.label_asym_id 
_pdbx_unobs_or_zero_occ_atoms.label_comp_id 
_pdbx_unobs_or_zero_occ_atoms.label_seq_id 
_pdbx_unobs_or_zero_occ_atoms.label_atom_id 
1  1 Y 1 A ASP 23  ? CG  ? A ASP 23  CG  
2  1 Y 1 A ASP 23  ? OD1 ? A ASP 23  OD1 
3  1 Y 1 A ASP 23  ? OD2 ? A ASP 23  OD2 
4  1 Y 1 A ARG 25  ? CD  ? A ARG 25  CD  
5  1 Y 1 A ARG 25  ? NE  ? A ARG 25  NE  
6  1 Y 1 A ARG 25  ? CZ  ? A ARG 25  CZ  
7  1 Y 1 A ARG 25  ? NH1 ? A ARG 25  NH1 
8  1 Y 1 A ARG 25  ? NH2 ? A ARG 25  NH2 
9  1 Y 1 A LYS 52  ? CG  ? A LYS 52  CG  
10 1 Y 1 A LYS 52  ? CD  ? A LYS 52  CD  
11 1 Y 1 A LYS 52  ? CE  ? A LYS 52  CE  
12 1 Y 1 A LYS 52  ? NZ  ? A LYS 52  NZ  
13 1 Y 1 A GLU 214 ? CD  ? A GLU 214 CD  
14 1 Y 1 A GLU 214 ? OE1 ? A GLU 214 OE1 
15 1 Y 1 A GLU 214 ? OE2 ? A GLU 214 OE2 
# 
loop_
_software.citation_id 
_software.classification 
_software.compiler_name 
_software.compiler_version 
_software.contact_author 
_software.contact_author_email 
_software.date 
_software.description 
_software.dependencies 
_software.hardware 
_software.language 
_software.location 
_software.mods 
_software.name 
_software.os 
_software.os_version 
_software.type 
_software.version 
_software.pdbx_ordinal 
? 'data scaling'    ? ? ? ? ? ? ? ? ? ? ? Aimless     ? ? ? 0.1.27   1 
? refinement        ? ? ? ? ? ? ? ? ? ? ? REFMAC      ? ? ? 5.6.0117 2 
? 'data extraction' ? ? ? ? ? ? ? ? ? ? ? PDB_EXTRACT ? ? ? 3.20     3 
? 'data reduction'  ? ? ? ? ? ? ? ? ? ? ? xia2        ? ? ? .        4 
? phasing           ? ? ? ? ? ? ? ? ? ? ? PHASER      ? ? ? .        5 
# 
_cell.angle_alpha                  90.000 
_cell.angle_alpha_esd              ? 
_cell.angle_beta                   90.000 
_cell.angle_beta_esd               ? 
_cell.angle_gamma                  90.000 
_cell.angle_gamma_esd              ? 
_cell.entry_id                     5J1Y 
_cell.details                      ? 
_cell.formula_units_Z              ? 
_cell.length_a                     121.293 
_cell.length_a_esd                 ? 
_cell.length_b                     121.293 
_cell.length_b_esd                 ? 
_cell.length_c                     33.682 
_cell.length_c_esd                 ? 
_cell.volume                       ? 
_cell.volume_esd                   ? 
_cell.Z_PDB                        8 
_cell.reciprocal_angle_alpha       ? 
_cell.reciprocal_angle_beta        ? 
_cell.reciprocal_angle_gamma       ? 
_cell.reciprocal_angle_alpha_esd   ? 
_cell.reciprocal_angle_beta_esd    ? 
_cell.reciprocal_angle_gamma_esd   ? 
_cell.reciprocal_length_a          ? 
_cell.reciprocal_length_b          ? 
_cell.reciprocal_length_c          ? 
_cell.reciprocal_length_a_esd      ? 
_cell.reciprocal_length_b_esd      ? 
_cell.reciprocal_length_c_esd      ? 
_cell.pdbx_unique_axis             ? 
# 
_symmetry.entry_id                         5J1Y 
_symmetry.cell_setting                     ? 
_symmetry.Int_Tables_number                92 
_symmetry.space_group_name_Hall            ? 
_symmetry.space_group_name_H-M             'P 41 21 2' 
_symmetry.pdbx_full_space_group_name_H-M   ? 
# 
_exptl.absorpt_coefficient_mu     ? 
_exptl.absorpt_correction_T_max   ? 
_exptl.absorpt_correction_T_min   ? 
_exptl.absorpt_correction_type    ? 
_exptl.absorpt_process_details    ? 
_exptl.entry_id                   5J1Y 
_exptl.crystals_number            1 
_exptl.details                    ? 
_exptl.method                     'X-RAY DIFFRACTION' 
_exptl.method_details             ? 
# 
_exptl_crystal.colour                      ? 
_exptl_crystal.density_diffrn              ? 
_exptl_crystal.density_Matthews            2.60 
_exptl_crystal.density_method              ? 
_exptl_crystal.density_percent_sol         52.78 
_exptl_crystal.description                 ? 
_exptl_crystal.F_000                       ? 
_exptl_crystal.id                          1 
_exptl_crystal.preparation                 ? 
_exptl_crystal.size_max                    ? 
_exptl_crystal.size_mid                    ? 
_exptl_crystal.size_min                    ? 
_exptl_crystal.size_rad                    ? 
_exptl_crystal.colour_lustre               ? 
_exptl_crystal.colour_modifier             ? 
_exptl_crystal.colour_primary              ? 
_exptl_crystal.density_meas                ? 
_exptl_crystal.density_meas_esd            ? 
_exptl_crystal.density_meas_gt             ? 
_exptl_crystal.density_meas_lt             ? 
_exptl_crystal.density_meas_temp           ? 
_exptl_crystal.density_meas_temp_esd       ? 
_exptl_crystal.density_meas_temp_gt        ? 
_exptl_crystal.density_meas_temp_lt        ? 
_exptl_crystal.pdbx_crystal_image_url      ? 
_exptl_crystal.pdbx_crystal_image_format   ? 
_exptl_crystal.pdbx_mosaicity              ? 
_exptl_crystal.pdbx_mosaicity_esd          ? 
# 
_exptl_crystal_grow.apparatus       ? 
_exptl_crystal_grow.atmosphere      ? 
_exptl_crystal_grow.crystal_id      1 
_exptl_crystal_grow.details         ? 
_exptl_crystal_grow.method          'VAPOR DIFFUSION, SITTING DROP' 
_exptl_crystal_grow.method_ref      ? 
_exptl_crystal_grow.pH              6.5 
_exptl_crystal_grow.pressure        ? 
_exptl_crystal_grow.pressure_esd    ? 
_exptl_crystal_grow.seeding         ? 
_exptl_crystal_grow.seeding_ref     ? 
_exptl_crystal_grow.temp            298 
_exptl_crystal_grow.temp_details    ? 
_exptl_crystal_grow.temp_esd        ? 
_exptl_crystal_grow.time            ? 
_exptl_crystal_grow.pdbx_details    'Ammonium sulphate, Glycerol, MES' 
_exptl_crystal_grow.pdbx_pH_range   '6.3 - 6.5' 
# 
_diffrn.ambient_environment    ? 
_diffrn.ambient_temp           100 
_diffrn.ambient_temp_details   ? 
_diffrn.ambient_temp_esd       ? 
_diffrn.crystal_id             1 
_diffrn.crystal_support        ? 
_diffrn.crystal_treatment      ? 
_diffrn.details                ? 
_diffrn.id                     1 
_diffrn.ambient_pressure       ? 
_diffrn.ambient_pressure_esd   ? 
_diffrn.ambient_pressure_gt    ? 
_diffrn.ambient_pressure_lt    ? 
_diffrn.ambient_temp_gt        ? 
_diffrn.ambient_temp_lt        ? 
# 
_diffrn_detector.details                      ? 
_diffrn_detector.detector                     CCD 
_diffrn_detector.diffrn_id                    1 
_diffrn_detector.type                         'ADSC QUANTUM 315' 
_diffrn_detector.area_resol_mean              ? 
_diffrn_detector.dtime                        ? 
_diffrn_detector.pdbx_frames_total            ? 
_diffrn_detector.pdbx_collection_time_total   ? 
_diffrn_detector.pdbx_collection_date         2013-02-09 
# 
_diffrn_radiation.collimation                      ? 
_diffrn_radiation.diffrn_id                        1 
_diffrn_radiation.filter_edge                      ? 
_diffrn_radiation.inhomogeneity                    ? 
_diffrn_radiation.monochromator                    ? 
_diffrn_radiation.polarisn_norm                    ? 
_diffrn_radiation.polarisn_ratio                   ? 
_diffrn_radiation.probe                            ? 
_diffrn_radiation.type                             ? 
_diffrn_radiation.xray_symbol                      ? 
_diffrn_radiation.wavelength_id                    1 
_diffrn_radiation.pdbx_monochromatic_or_laue_m_l   M 
_diffrn_radiation.pdbx_wavelength_list             ? 
_diffrn_radiation.pdbx_wavelength                  ? 
_diffrn_radiation.pdbx_diffrn_protocol             'SINGLE WAVELENGTH' 
_diffrn_radiation.pdbx_analyzer                    ? 
_diffrn_radiation.pdbx_scattering_type             x-ray 
# 
_diffrn_radiation_wavelength.id           1 
_diffrn_radiation_wavelength.wavelength   0.9830 
_diffrn_radiation_wavelength.wt           1.0 
# 
_diffrn_source.current                     ? 
_diffrn_source.details                     ? 
_diffrn_source.diffrn_id                   1 
_diffrn_source.power                       ? 
_diffrn_source.size                        ? 
_diffrn_source.source                      SYNCHROTRON 
_diffrn_source.target                      ? 
_diffrn_source.type                        'DIAMOND BEAMLINE I03' 
_diffrn_source.voltage                     ? 
_diffrn_source.take-off_angle              ? 
_diffrn_source.pdbx_wavelength_list        0.9830 
_diffrn_source.pdbx_wavelength             ? 
_diffrn_source.pdbx_synchrotron_beamline   I03 
_diffrn_source.pdbx_synchrotron_site       Diamond 
# 
_reflns.B_iso_Wilson_estimate            ? 
_reflns.entry_id                         5J1Y 
_reflns.data_reduction_details           ? 
_reflns.data_reduction_method            ? 
_reflns.d_resolution_high                1.790 
_reflns.d_resolution_low                 85.900 
_reflns.details                          ? 
_reflns.limit_h_max                      ? 
_reflns.limit_h_min                      ? 
_reflns.limit_k_max                      ? 
_reflns.limit_k_min                      ? 
_reflns.limit_l_max                      ? 
_reflns.limit_l_min                      ? 
_reflns.number_all                       ? 
_reflns.number_obs                       48182 
_reflns.observed_criterion               ? 
_reflns.observed_criterion_F_max         ? 
_reflns.observed_criterion_F_min         ? 
_reflns.observed_criterion_I_max         ? 
_reflns.observed_criterion_I_min         ? 
_reflns.observed_criterion_sigma_F       ? 
_reflns.observed_criterion_sigma_I       ? 
_reflns.percent_possible_obs             100.000 
_reflns.R_free_details                   ? 
_reflns.Rmerge_F_all                     ? 
_reflns.Rmerge_F_obs                     ? 
_reflns.Friedel_coverage                 ? 
_reflns.number_gt                        ? 
_reflns.threshold_expression             ? 
_reflns.pdbx_redundancy                  6.400 
_reflns.pdbx_Rmerge_I_obs                0.127 
_reflns.pdbx_Rmerge_I_all                ? 
_reflns.pdbx_Rsym_value                  ? 
_reflns.pdbx_netI_over_av_sigmaI         ? 
_reflns.pdbx_netI_over_sigmaI            11.700 
_reflns.pdbx_res_netI_over_av_sigmaI_2   ? 
_reflns.pdbx_res_netI_over_sigmaI_2      ? 
_reflns.pdbx_chi_squared                 ? 
_reflns.pdbx_scaling_rejects             ? 
_reflns.pdbx_d_res_high_opt              ? 
_reflns.pdbx_d_res_low_opt               ? 
_reflns.pdbx_d_res_opt_method            ? 
_reflns.phase_calculation_details        ? 
_reflns.pdbx_Rrim_I_all                  0.139 
_reflns.pdbx_Rpim_I_all                  0.055 
_reflns.pdbx_d_opt                       ? 
_reflns.pdbx_number_measured_all         308594 
_reflns.pdbx_diffrn_id                   1 
_reflns.pdbx_ordinal                     1 
_reflns.pdbx_CC_half                     0.997 
_reflns.pdbx_R_split                     ? 
# 
loop_
_reflns_shell.d_res_high 
_reflns_shell.d_res_low 
_reflns_shell.meanI_over_sigI_all 
_reflns_shell.meanI_over_sigI_obs 
_reflns_shell.number_measured_all 
_reflns_shell.number_measured_obs 
_reflns_shell.number_possible 
_reflns_shell.number_unique_all 
_reflns_shell.number_unique_obs 
_reflns_shell.percent_possible_all 
_reflns_shell.percent_possible_obs 
_reflns_shell.Rmerge_F_all 
_reflns_shell.Rmerge_F_obs 
_reflns_shell.Rmerge_I_all 
_reflns_shell.Rmerge_I_obs 
_reflns_shell.meanI_over_sigI_gt 
_reflns_shell.meanI_over_uI_all 
_reflns_shell.meanI_over_uI_gt 
_reflns_shell.number_measured_gt 
_reflns_shell.number_unique_gt 
_reflns_shell.percent_possible_gt 
_reflns_shell.Rmerge_F_gt 
_reflns_shell.Rmerge_I_gt 
_reflns_shell.pdbx_redundancy 
_reflns_shell.pdbx_Rsym_value 
_reflns_shell.pdbx_chi_squared 
_reflns_shell.pdbx_netI_over_sigmaI_all 
_reflns_shell.pdbx_netI_over_sigmaI_obs 
_reflns_shell.pdbx_Rrim_I_all 
_reflns_shell.pdbx_Rpim_I_all 
_reflns_shell.pdbx_rejects 
_reflns_shell.pdbx_ordinal 
_reflns_shell.pdbx_diffrn_id 
_reflns_shell.pdbx_CC_half 
_reflns_shell.pdbx_R_split 
1.790 1.840  ? ? ? ? ? ? ? 100.000 ? ? ? ? 1.741 ? ? ? ? ? ? ? ? 6.400 ? ? ? ? ? ? ? 1 1 ? ? 
8.010 85.900 ? ? ? ? ? ? ? 99.700  ? ? ? ? 0.041 ? ? ? ? ? ? ? ? 5.100 ? ? ? ? ? ? ? 2 1 ? ? 
# 
_refine.aniso_B[1][1]                            0.0000 
_refine.aniso_B[1][2]                            0.0000 
_refine.aniso_B[1][3]                            0.0000 
_refine.aniso_B[2][2]                            0.0000 
_refine.aniso_B[2][3]                            0.0000 
_refine.aniso_B[3][3]                            0.0000 
_refine.B_iso_max                                74.940 
_refine.B_iso_mean                               19.2760 
_refine.B_iso_min                                3.460 
_refine.correlation_coeff_Fo_to_Fc               0.9350 
_refine.correlation_coeff_Fo_to_Fc_free          0.9170 
_refine.details                                  
'HYDROGENS HAVE BEEN USED IF PRESENT IN THE INPUT U VALUES      : REFINED INDIVIDUALLY' 
_refine.diff_density_max                         ? 
_refine.diff_density_max_esd                     ? 
_refine.diff_density_min                         ? 
_refine.diff_density_min_esd                     ? 
_refine.diff_density_rms                         ? 
_refine.diff_density_rms_esd                     ? 
_refine.entry_id                                 5J1Y 
_refine.pdbx_refine_id                           'X-RAY DIFFRACTION' 
_refine.ls_abs_structure_details                 ? 
_refine.ls_abs_structure_Flack                   ? 
_refine.ls_abs_structure_Flack_esd               ? 
_refine.ls_abs_structure_Rogers                  ? 
_refine.ls_abs_structure_Rogers_esd              ? 
_refine.ls_d_res_high                            1.8100 
_refine.ls_d_res_low                             29.4500 
_refine.ls_extinction_coef                       ? 
_refine.ls_extinction_coef_esd                   ? 
_refine.ls_extinction_expression                 ? 
_refine.ls_extinction_method                     ? 
_refine.ls_goodness_of_fit_all                   ? 
_refine.ls_goodness_of_fit_all_esd               ? 
_refine.ls_goodness_of_fit_obs                   ? 
_refine.ls_goodness_of_fit_obs_esd               ? 
_refine.ls_hydrogen_treatment                    ? 
_refine.ls_matrix_type                           ? 
_refine.ls_number_constraints                    ? 
_refine.ls_number_parameters                     ? 
_refine.ls_number_reflns_all                     ? 
_refine.ls_number_reflns_obs                     22310 
_refine.ls_number_reflns_R_free                  1217 
_refine.ls_number_reflns_R_work                  ? 
_refine.ls_number_restraints                     ? 
_refine.ls_percent_reflns_obs                    99.7100 
_refine.ls_percent_reflns_R_free                 5.2000 
_refine.ls_R_factor_all                          ? 
_refine.ls_R_factor_obs                          0.2154 
_refine.ls_R_factor_R_free                       0.2519 
_refine.ls_R_factor_R_free_error                 ? 
_refine.ls_R_factor_R_free_error_details         ? 
_refine.ls_R_factor_R_work                       0.2135 
_refine.ls_R_Fsqd_factor_obs                     ? 
_refine.ls_R_I_factor_obs                        ? 
_refine.ls_redundancy_reflns_all                 ? 
_refine.ls_redundancy_reflns_obs                 ? 
_refine.ls_restrained_S_all                      ? 
_refine.ls_restrained_S_obs                      ? 
_refine.ls_shift_over_esd_max                    ? 
_refine.ls_shift_over_esd_mean                   ? 
_refine.ls_structure_factor_coef                 ? 
_refine.ls_weighting_details                     ? 
_refine.ls_weighting_scheme                      ? 
_refine.ls_wR_factor_all                         ? 
_refine.ls_wR_factor_obs                         ? 
_refine.ls_wR_factor_R_free                      ? 
_refine.ls_wR_factor_R_work                      ? 
_refine.occupancy_max                            ? 
_refine.occupancy_min                            ? 
_refine.solvent_model_details                    ? 
_refine.solvent_model_param_bsol                 ? 
_refine.solvent_model_param_ksol                 ? 
_refine.ls_R_factor_gt                           ? 
_refine.ls_goodness_of_fit_gt                    ? 
_refine.ls_goodness_of_fit_ref                   ? 
_refine.ls_shift_over_su_max                     ? 
_refine.ls_shift_over_su_max_lt                  ? 
_refine.ls_shift_over_su_mean                    ? 
_refine.ls_shift_over_su_mean_lt                 ? 
_refine.pdbx_ls_sigma_I                          ? 
_refine.pdbx_ls_sigma_F                          0.000 
_refine.pdbx_ls_sigma_Fsqd                       ? 
_refine.pdbx_data_cutoff_high_absF               ? 
_refine.pdbx_data_cutoff_high_rms_absF           ? 
_refine.pdbx_data_cutoff_low_absF                ? 
_refine.pdbx_isotropic_thermal_model             ? 
_refine.pdbx_ls_cross_valid_method               THROUGHOUT 
_refine.pdbx_method_to_determine_struct          'MOLECULAR REPLACEMENT' 
_refine.pdbx_starting_model                      1T56 
_refine.pdbx_stereochemistry_target_values       ? 
_refine.pdbx_R_Free_selection_details            RANDOM 
_refine.pdbx_stereochem_target_val_spec_case     ? 
_refine.pdbx_overall_ESU_R                       0.1220 
_refine.pdbx_overall_ESU_R_Free                  0.1230 
_refine.pdbx_solvent_vdw_probe_radii             1.2000 
_refine.pdbx_solvent_ion_probe_radii             0.8000 
_refine.pdbx_solvent_shrinkage_radii             0.8000 
_refine.pdbx_real_space_R                        ? 
_refine.pdbx_density_correlation                 ? 
_refine.pdbx_pd_number_of_powder_patterns        ? 
_refine.pdbx_pd_number_of_points                 ? 
_refine.pdbx_pd_meas_number_of_points            ? 
_refine.pdbx_pd_proc_ls_prof_R_factor            ? 
_refine.pdbx_pd_proc_ls_prof_wR_factor           ? 
_refine.pdbx_pd_Marquardt_correlation_coeff      ? 
_refine.pdbx_pd_Fsqrd_R_factor                   ? 
_refine.pdbx_pd_ls_matrix_band_width             ? 
_refine.pdbx_overall_phase_error                 ? 
_refine.pdbx_overall_SU_R_free_Cruickshank_DPI   ? 
_refine.pdbx_overall_SU_R_free_Blow_DPI          ? 
_refine.pdbx_overall_SU_R_Blow_DPI               ? 
_refine.pdbx_TLS_residual_ADP_flag               ? 
_refine.pdbx_diffrn_id                           1 
_refine.overall_SU_B                             2.3480 
_refine.overall_SU_ML                            0.0720 
_refine.overall_SU_R_Cruickshank_DPI             0.1310 
_refine.overall_SU_R_free                        ? 
_refine.overall_FOM_free_R_set                   ? 
_refine.overall_FOM_work_R_set                   ? 
_refine.pdbx_average_fsc_overall                 ? 
_refine.pdbx_average_fsc_work                    ? 
_refine.pdbx_average_fsc_free                    ? 
# 
_refine_hist.cycle_id                         final 
_refine_hist.pdbx_refine_id                   'X-RAY DIFFRACTION' 
_refine_hist.d_res_high                       1.8100 
_refine_hist.d_res_low                        29.4500 
_refine_hist.pdbx_number_atoms_ligand         28 
_refine_hist.number_atoms_solvent             42 
_refine_hist.number_atoms_total               1557 
_refine_hist.pdbx_number_residues_total       193 
_refine_hist.pdbx_B_iso_mean_ligand           14.54 
_refine_hist.pdbx_B_iso_mean_solvent          22.23 
_refine_hist.pdbx_number_atoms_protein        1487 
_refine_hist.pdbx_number_atoms_nucleic_acid   0 
# 
loop_
_refine_ls_restr.pdbx_refine_id 
_refine_ls_restr.criterion 
_refine_ls_restr.dev_ideal 
_refine_ls_restr.dev_ideal_target 
_refine_ls_restr.number 
_refine_ls_restr.rejects 
_refine_ls_restr.type 
_refine_ls_restr.weight 
_refine_ls_restr.pdbx_restraint_function 
'X-RAY DIFFRACTION' ? 0.023  0.020  1548 ? r_bond_refined_d       ? ? 
'X-RAY DIFFRACTION' ? 2.085  1.965  2110 ? r_angle_refined_deg    ? ? 
'X-RAY DIFFRACTION' ? 4.884  5.000  192  ? r_dihedral_angle_1_deg ? ? 
'X-RAY DIFFRACTION' ? 36.568 23.714 70   ? r_dihedral_angle_2_deg ? ? 
'X-RAY DIFFRACTION' ? 12.326 15.000 233  ? r_dihedral_angle_3_deg ? ? 
'X-RAY DIFFRACTION' ? 15.151 15.000 12   ? r_dihedral_angle_4_deg ? ? 
'X-RAY DIFFRACTION' ? 0.153  0.200  243  ? r_chiral_restr         ? ? 
'X-RAY DIFFRACTION' ? 0.012  0.021  1181 ? r_gen_planes_refined   ? ? 
# 
_refine_ls_shell.pdbx_refine_id                   'X-RAY DIFFRACTION' 
_refine_ls_shell.d_res_high                       1.8100 
_refine_ls_shell.d_res_low                        1.8570 
_refine_ls_shell.number_reflns_all                1496 
_refine_ls_shell.number_reflns_obs                ? 
_refine_ls_shell.number_reflns_R_free             78 
_refine_ls_shell.number_reflns_R_work             1418 
_refine_ls_shell.percent_reflns_obs               96.3900 
_refine_ls_shell.percent_reflns_R_free            ? 
_refine_ls_shell.R_factor_all                     ? 
_refine_ls_shell.R_factor_obs                     ? 
_refine_ls_shell.R_factor_R_free                  0.4960 
_refine_ls_shell.R_factor_R_free_error            ? 
_refine_ls_shell.R_factor_R_work                  0.4840 
_refine_ls_shell.redundancy_reflns_all            ? 
_refine_ls_shell.redundancy_reflns_obs            ? 
_refine_ls_shell.wR_factor_all                    ? 
_refine_ls_shell.wR_factor_obs                    ? 
_refine_ls_shell.wR_factor_R_free                 ? 
_refine_ls_shell.wR_factor_R_work                 ? 
_refine_ls_shell.pdbx_total_number_of_bins_used   20 
_refine_ls_shell.pdbx_phase_error                 ? 
_refine_ls_shell.pdbx_fsc_work                    ? 
_refine_ls_shell.pdbx_fsc_free                    ? 
# 
_struct.entry_id                     5J1Y 
_struct.title                        
;Structure of Transcriptional Regulatory Repressor Protein - EthR from Mycobacterium Tuberculosis in complex with 1-(pyrrolidin-1-yl)-3-(tetrahydrofuran-3-yl)propan-1-one at 1.81A resolution
;
_struct.pdbx_model_details           ? 
_struct.pdbx_formula_weight          ? 
_struct.pdbx_formula_weight_method   ? 
_struct.pdbx_model_type_details      ? 
_struct.pdbx_CASP_flag               ? 
# 
_struct_keywords.entry_id        5J1Y 
_struct_keywords.text            'EthR, transcription, represor, boosting effect' 
_struct_keywords.pdbx_keywords   TRANSCRIPTION 
# 
loop_
_struct_asym.id 
_struct_asym.pdbx_blank_PDB_chainid_flag 
_struct_asym.pdbx_modified 
_struct_asym.entity_id 
_struct_asym.details 
A N N 1 ? 
B N N 2 ? 
C N N 2 ? 
D N N 3 ? 
# 
_struct_ref.id                         1 
_struct_ref.db_name                    UNP 
_struct_ref.db_code                    A0A045KCS8_MYCTX 
_struct_ref.pdbx_db_accession          A0A045KCS8 
_struct_ref.pdbx_db_isoform            ? 
_struct_ref.entity_id                  1 
_struct_ref.pdbx_seq_one_letter_code   
;MTTSAASQASLPRGRRTARPSGDDRELAILATAENLLEDRPLADISVDDLAKGAGISRPTFYFYFPSKEAVLLTLLDRVV
NQADMALQTLAENPADTDRENMWRTGINVFFETFGSHKAVTRAGQAARATSVEVAELWSTFMQKWIAYTAAVIDAERDRG
AAPRTLPAHELATALNLMNERTLFASFAGEQPSVPEARVLDTLVHIWVTSIYGENR
;
_struct_ref.pdbx_align_begin           1 
# 
_struct_ref_seq.align_id                      1 
_struct_ref_seq.ref_id                        1 
_struct_ref_seq.pdbx_PDB_id_code              5J1Y 
_struct_ref_seq.pdbx_strand_id                A 
_struct_ref_seq.seq_align_beg                 1 
_struct_ref_seq.pdbx_seq_align_beg_ins_code   ? 
_struct_ref_seq.seq_align_end                 216 
_struct_ref_seq.pdbx_seq_align_end_ins_code   ? 
_struct_ref_seq.pdbx_db_accession             A0A045KCS8 
_struct_ref_seq.db_align_beg                  1 
_struct_ref_seq.pdbx_db_align_beg_ins_code    ? 
_struct_ref_seq.db_align_end                  216 
_struct_ref_seq.pdbx_db_align_end_ins_code    ? 
_struct_ref_seq.pdbx_auth_seq_align_beg       1 
_struct_ref_seq.pdbx_auth_seq_align_end       216 
# 
_pdbx_struct_assembly.id                   1 
_pdbx_struct_assembly.details              software_defined_assembly 
_pdbx_struct_assembly.method_details       PISA 
_pdbx_struct_assembly.oligomeric_details   dimeric 
_pdbx_struct_assembly.oligomeric_count     2 
# 
loop_
_pdbx_struct_assembly_prop.biol_id 
_pdbx_struct_assembly_prop.type 
_pdbx_struct_assembly_prop.value 
_pdbx_struct_assembly_prop.details 
1 'ABSA (A^2)' 2780  ? 
1 MORE         -20   ? 
1 'SSA (A^2)'  16950 ? 
# 
_pdbx_struct_assembly_gen.assembly_id       1 
_pdbx_struct_assembly_gen.oper_expression   1,2 
_pdbx_struct_assembly_gen.asym_id_list      A,B,C,D 
# 
loop_
_pdbx_struct_oper_list.id 
_pdbx_struct_oper_list.type 
_pdbx_struct_oper_list.name 
_pdbx_struct_oper_list.symmetry_operation 
_pdbx_struct_oper_list.matrix[1][1] 
_pdbx_struct_oper_list.matrix[1][2] 
_pdbx_struct_oper_list.matrix[1][3] 
_pdbx_struct_oper_list.vector[1] 
_pdbx_struct_oper_list.matrix[2][1] 
_pdbx_struct_oper_list.matrix[2][2] 
_pdbx_struct_oper_list.matrix[2][3] 
_pdbx_struct_oper_list.vector[2] 
_pdbx_struct_oper_list.matrix[3][1] 
_pdbx_struct_oper_list.matrix[3][2] 
_pdbx_struct_oper_list.matrix[3][3] 
_pdbx_struct_oper_list.vector[3] 
1 'identity operation'         1_555 x,y,z    1.0000000000  0.0000000000 0.0000000000 0.0000000000  0.0000000000 1.0000000000 0.0000000000 0.0000000000 0.0000000000 0.0000000000 1.0000000000  0.0000000000  
2 'crystal symmetry operation' 7_556 y,x,-z+1 -0.9999965175 0.0021962283 0.0014634152 22.6224215982 0.0021962283 0.3850418845 0.9228964860 6.1637532140 0.0014634152 0.9228964860 -0.3850453670 -9.3041207766 
# 
loop_
_struct_conf.conf_type_id 
_struct_conf.id 
_struct_conf.pdbx_PDB_helix_id 
_struct_conf.beg_label_comp_id 
_struct_conf.beg_label_asym_id 
_struct_conf.beg_label_seq_id 
_struct_conf.pdbx_beg_PDB_ins_code 
_struct_conf.end_label_comp_id 
_struct_conf.end_label_asym_id 
_struct_conf.end_label_seq_id 
_struct_conf.pdbx_end_PDB_ins_code 
_struct_conf.beg_auth_comp_id 
_struct_conf.beg_auth_asym_id 
_struct_conf.beg_auth_seq_id 
_struct_conf.end_auth_comp_id 
_struct_conf.end_auth_asym_id 
_struct_conf.end_auth_seq_id 
_struct_conf.pdbx_PDB_helix_class 
_struct_conf.details 
_struct_conf.pdbx_PDB_helix_length 
HELX_P HELX_P1  AA1 GLY A 22  ? GLU A 38  ? GLY A 22  GLU A 38  1 ? 17 
HELX_P HELX_P2  AA2 PRO A 41  ? ILE A 45  ? PRO A 41  ILE A 45  5 ? 5  
HELX_P HELX_P3  AA3 SER A 46  ? GLY A 55  ? SER A 46  GLY A 55  1 ? 10 
HELX_P HELX_P4  AA4 SER A 57  ? PHE A 65  ? SER A 57  PHE A 65  1 ? 9  
HELX_P HELX_P5  AA5 SER A 67  ? ASN A 93  ? SER A 67  ASN A 93  1 ? 27 
HELX_P HELX_P6  AA6 ASP A 98  ? SER A 116 ? ASP A 98  SER A 116 1 ? 19 
HELX_P HELX_P7  AA7 HIS A 117 ? ARG A 128 ? HIS A 117 ARG A 128 1 ? 12 
HELX_P HELX_P8  AA8 SER A 131 ? ARG A 159 ? SER A 131 ARG A 159 1 ? 29 
HELX_P HELX_P9  AA9 PRO A 167 ? ALA A 188 ? PRO A 167 ALA A 188 1 ? 22 
HELX_P HELX_P10 AB1 PRO A 195 ? GLY A 213 ? PRO A 195 GLY A 213 1 ? 19 
# 
_struct_conf_type.id          HELX_P 
_struct_conf_type.criteria    ? 
_struct_conf_type.reference   ? 
# 
_struct_mon_prot_cis.pdbx_id                1 
_struct_mon_prot_cis.label_comp_id          GLN 
_struct_mon_prot_cis.label_seq_id           191 
_struct_mon_prot_cis.label_asym_id          A 
_struct_mon_prot_cis.label_alt_id           . 
_struct_mon_prot_cis.pdbx_PDB_ins_code      ? 
_struct_mon_prot_cis.auth_comp_id           GLN 
_struct_mon_prot_cis.auth_seq_id            191 
_struct_mon_prot_cis.auth_asym_id           A 
_struct_mon_prot_cis.pdbx_label_comp_id_2   PRO 
_struct_mon_prot_cis.pdbx_label_seq_id_2    192 
_struct_mon_prot_cis.pdbx_label_asym_id_2   A 
_struct_mon_prot_cis.pdbx_PDB_ins_code_2    ? 
_struct_mon_prot_cis.pdbx_auth_comp_id_2    PRO 
_struct_mon_prot_cis.pdbx_auth_seq_id_2     192 
_struct_mon_prot_cis.pdbx_auth_asym_id_2    A 
_struct_mon_prot_cis.pdbx_PDB_model_num     1 
_struct_mon_prot_cis.pdbx_omega_angle       5.04 
# 
loop_
_struct_site.id 
_struct_site.pdbx_evidence_code 
_struct_site.pdbx_auth_asym_id 
_struct_site.pdbx_auth_comp_id 
_struct_site.pdbx_auth_seq_id 
_struct_site.pdbx_auth_ins_code 
_struct_site.pdbx_num_residues 
_struct_site.details 
AC1 Software A P87 301 ? 10 'binding site for residue P87 A 301' 
AC2 Software A P87 302 ? 9  'binding site for residue P87 A 302' 
# 
loop_
_struct_site_gen.id 
_struct_site_gen.site_id 
_struct_site_gen.pdbx_num_res 
_struct_site_gen.label_comp_id 
_struct_site_gen.label_asym_id 
_struct_site_gen.label_seq_id 
_struct_site_gen.pdbx_auth_ins_code 
_struct_site_gen.auth_comp_id 
_struct_site_gen.auth_asym_id 
_struct_site_gen.auth_seq_id 
_struct_site_gen.label_atom_id 
_struct_site_gen.label_alt_id 
_struct_site_gen.symmetry 
_struct_site_gen.details 
1  AC1 10 GLY A 106 ? GLY A 106 . ? 1_555 ? 
2  AC1 10 ILE A 107 ? ILE A 107 . ? 1_555 ? 
3  AC1 10 PHE A 110 ? PHE A 110 . ? 1_555 ? 
4  AC1 10 MET A 142 ? MET A 142 . ? 1_555 ? 
5  AC1 10 TRP A 145 ? TRP A 145 . ? 1_555 ? 
6  AC1 10 THR A 149 ? THR A 149 . ? 1_555 ? 
7  AC1 10 ASN A 176 ? ASN A 176 . ? 1_555 ? 
8  AC1 10 ASN A 179 ? ASN A 179 . ? 1_555 ? 
9  AC1 10 TRP A 207 ? TRP A 207 . ? 1_555 ? 
10 AC1 10 P87 C .   ? P87 A 302 . ? 1_555 ? 
11 AC2 9  ILE A 107 ? ILE A 107 . ? 1_555 ? 
12 AC2 9  PHE A 110 ? PHE A 110 . ? 1_555 ? 
13 AC2 9  TRP A 138 ? TRP A 138 . ? 1_555 ? 
14 AC2 9  MET A 142 ? MET A 142 . ? 1_555 ? 
15 AC2 9  ASN A 176 ? ASN A 176 . ? 1_555 ? 
16 AC2 9  ASN A 179 ? ASN A 179 . ? 1_555 ? 
17 AC2 9  GLU A 180 ? GLU A 180 . ? 1_555 ? 
18 AC2 9  TRP A 207 ? TRP A 207 . ? 1_555 ? 
19 AC2 9  P87 B .   ? P87 A 301 . ? 1_555 ? 
# 
_pdbx_validate_rmsd_bond.id                        1 
_pdbx_validate_rmsd_bond.PDB_model_num             1 
_pdbx_validate_rmsd_bond.auth_atom_id_1            CE2 
_pdbx_validate_rmsd_bond.auth_asym_id_1            A 
_pdbx_validate_rmsd_bond.auth_comp_id_1            TRP 
_pdbx_validate_rmsd_bond.auth_seq_id_1             103 
_pdbx_validate_rmsd_bond.PDB_ins_code_1            ? 
_pdbx_validate_rmsd_bond.label_alt_id_1            ? 
_pdbx_validate_rmsd_bond.auth_atom_id_2            CD2 
_pdbx_validate_rmsd_bond.auth_asym_id_2            A 
_pdbx_validate_rmsd_bond.auth_comp_id_2            TRP 
_pdbx_validate_rmsd_bond.auth_seq_id_2             103 
_pdbx_validate_rmsd_bond.PDB_ins_code_2            ? 
_pdbx_validate_rmsd_bond.label_alt_id_2            ? 
_pdbx_validate_rmsd_bond.bond_value                1.492 
_pdbx_validate_rmsd_bond.bond_target_value         1.409 
_pdbx_validate_rmsd_bond.bond_deviation            0.083 
_pdbx_validate_rmsd_bond.bond_standard_deviation   0.012 
_pdbx_validate_rmsd_bond.linker_flag               N 
# 
loop_
_pdbx_validate_rmsd_angle.id 
_pdbx_validate_rmsd_angle.PDB_model_num 
_pdbx_validate_rmsd_angle.auth_atom_id_1 
_pdbx_validate_rmsd_angle.auth_asym_id_1 
_pdbx_validate_rmsd_angle.auth_comp_id_1 
_pdbx_validate_rmsd_angle.auth_seq_id_1 
_pdbx_validate_rmsd_angle.PDB_ins_code_1 
_pdbx_validate_rmsd_angle.label_alt_id_1 
_pdbx_validate_rmsd_angle.auth_atom_id_2 
_pdbx_validate_rmsd_angle.auth_asym_id_2 
_pdbx_validate_rmsd_angle.auth_comp_id_2 
_pdbx_validate_rmsd_angle.auth_seq_id_2 
_pdbx_validate_rmsd_angle.PDB_ins_code_2 
_pdbx_validate_rmsd_angle.label_alt_id_2 
_pdbx_validate_rmsd_angle.auth_atom_id_3 
_pdbx_validate_rmsd_angle.auth_asym_id_3 
_pdbx_validate_rmsd_angle.auth_comp_id_3 
_pdbx_validate_rmsd_angle.auth_seq_id_3 
_pdbx_validate_rmsd_angle.PDB_ins_code_3 
_pdbx_validate_rmsd_angle.label_alt_id_3 
_pdbx_validate_rmsd_angle.angle_value 
_pdbx_validate_rmsd_angle.angle_target_value 
_pdbx_validate_rmsd_angle.angle_deviation 
_pdbx_validate_rmsd_angle.angle_standard_deviation 
_pdbx_validate_rmsd_angle.linker_flag 
1 1 CB A MET 102 ? ? CG A MET 102 ? ? SD  A MET 102 ? ? 133.29 112.40 20.89 3.00 N 
2 1 NE A ARG 104 ? ? CZ A ARG 104 ? ? NH2 A ARG 104 ? ? 116.09 120.30 -4.21 0.50 N 
# 
_pdbx_validate_torsion.id              1 
_pdbx_validate_torsion.PDB_model_num   1 
_pdbx_validate_torsion.auth_comp_id    THR 
_pdbx_validate_torsion.auth_asym_id    A 
_pdbx_validate_torsion.auth_seq_id     165 
_pdbx_validate_torsion.PDB_ins_code    ? 
_pdbx_validate_torsion.label_alt_id    ? 
_pdbx_validate_torsion.phi             -104.66 
_pdbx_validate_torsion.psi             -107.11 
# 
_pdbx_struct_special_symmetry.id              1 
_pdbx_struct_special_symmetry.PDB_model_num   1 
_pdbx_struct_special_symmetry.auth_asym_id    A 
_pdbx_struct_special_symmetry.auth_comp_id    HOH 
_pdbx_struct_special_symmetry.auth_seq_id     408 
_pdbx_struct_special_symmetry.PDB_ins_code    ? 
_pdbx_struct_special_symmetry.label_asym_id   D 
_pdbx_struct_special_symmetry.label_comp_id   HOH 
_pdbx_struct_special_symmetry.label_seq_id    . 
# 
loop_
_pdbx_unobs_or_zero_occ_residues.id 
_pdbx_unobs_or_zero_occ_residues.PDB_model_num 
_pdbx_unobs_or_zero_occ_residues.polymer_flag 
_pdbx_unobs_or_zero_occ_residues.occupancy_flag 
_pdbx_unobs_or_zero_occ_residues.auth_asym_id 
_pdbx_unobs_or_zero_occ_residues.auth_comp_id 
_pdbx_unobs_or_zero_occ_residues.auth_seq_id 
_pdbx_unobs_or_zero_occ_residues.PDB_ins_code 
_pdbx_unobs_or_zero_occ_residues.label_asym_id 
_pdbx_unobs_or_zero_occ_residues.label_comp_id 
_pdbx_unobs_or_zero_occ_residues.label_seq_id 
1  1 Y 1 A MET 1   ? A MET 1   
2  1 Y 1 A THR 2   ? A THR 2   
3  1 Y 1 A THR 3   ? A THR 3   
4  1 Y 1 A SER 4   ? A SER 4   
5  1 Y 1 A ALA 5   ? A ALA 5   
6  1 Y 1 A ALA 6   ? A ALA 6   
7  1 Y 1 A SER 7   ? A SER 7   
8  1 Y 1 A GLN 8   ? A GLN 8   
9  1 Y 1 A ALA 9   ? A ALA 9   
10 1 Y 1 A SER 10  ? A SER 10  
11 1 Y 1 A LEU 11  ? A LEU 11  
12 1 Y 1 A PRO 12  ? A PRO 12  
13 1 Y 1 A ARG 13  ? A ARG 13  
14 1 Y 1 A GLY 14  ? A GLY 14  
15 1 Y 1 A ARG 15  ? A ARG 15  
16 1 Y 1 A ARG 16  ? A ARG 16  
17 1 Y 1 A THR 17  ? A THR 17  
18 1 Y 1 A ALA 18  ? A ALA 18  
19 1 Y 1 A ARG 19  ? A ARG 19  
20 1 Y 1 A PRO 20  ? A PRO 20  
21 1 Y 1 A SER 21  ? A SER 21  
22 1 Y 1 A ASN 215 ? A ASN 215 
23 1 Y 1 A ARG 216 ? A ARG 216 
# 
loop_
_chem_comp_atom.comp_id 
_chem_comp_atom.atom_id 
_chem_comp_atom.type_symbol 
_chem_comp_atom.pdbx_aromatic_flag 
_chem_comp_atom.pdbx_stereo_config 
_chem_comp_atom.pdbx_ordinal 
ALA N    N N N 1   
ALA CA   C N S 2   
ALA C    C N N 3   
ALA O    O N N 4   
ALA CB   C N N 5   
ALA OXT  O N N 6   
ALA H    H N N 7   
ALA H2   H N N 8   
ALA HA   H N N 9   
ALA HB1  H N N 10  
ALA HB2  H N N 11  
ALA HB3  H N N 12  
ALA HXT  H N N 13  
ARG N    N N N 14  
ARG CA   C N S 15  
ARG C    C N N 16  
ARG O    O N N 17  
ARG CB   C N N 18  
ARG CG   C N N 19  
ARG CD   C N N 20  
ARG NE   N N N 21  
ARG CZ   C N N 22  
ARG NH1  N N N 23  
ARG NH2  N N N 24  
ARG OXT  O N N 25  
ARG H    H N N 26  
ARG H2   H N N 27  
ARG HA   H N N 28  
ARG HB2  H N N 29  
ARG HB3  H N N 30  
ARG HG2  H N N 31  
ARG HG3  H N N 32  
ARG HD2  H N N 33  
ARG HD3  H N N 34  
ARG HE   H N N 35  
ARG HH11 H N N 36  
ARG HH12 H N N 37  
ARG HH21 H N N 38  
ARG HH22 H N N 39  
ARG HXT  H N N 40  
ASN N    N N N 41  
ASN CA   C N S 42  
ASN C    C N N 43  
ASN O    O N N 44  
ASN CB   C N N 45  
ASN CG   C N N 46  
ASN OD1  O N N 47  
ASN ND2  N N N 48  
ASN OXT  O N N 49  
ASN H    H N N 50  
ASN H2   H N N 51  
ASN HA   H N N 52  
ASN HB2  H N N 53  
ASN HB3  H N N 54  
ASN HD21 H N N 55  
ASN HD22 H N N 56  
ASN HXT  H N N 57  
ASP N    N N N 58  
ASP CA   C N S 59  
ASP C    C N N 60  
ASP O    O N N 61  
ASP CB   C N N 62  
ASP CG   C N N 63  
ASP OD1  O N N 64  
ASP OD2  O N N 65  
ASP OXT  O N N 66  
ASP H    H N N 67  
ASP H2   H N N 68  
ASP HA   H N N 69  
ASP HB2  H N N 70  
ASP HB3  H N N 71  
ASP HD2  H N N 72  
ASP HXT  H N N 73  
GLN N    N N N 74  
GLN CA   C N S 75  
GLN C    C N N 76  
GLN O    O N N 77  
GLN CB   C N N 78  
GLN CG   C N N 79  
GLN CD   C N N 80  
GLN OE1  O N N 81  
GLN NE2  N N N 82  
GLN OXT  O N N 83  
GLN H    H N N 84  
GLN H2   H N N 85  
GLN HA   H N N 86  
GLN HB2  H N N 87  
GLN HB3  H N N 88  
GLN HG2  H N N 89  
GLN HG3  H N N 90  
GLN HE21 H N N 91  
GLN HE22 H N N 92  
GLN HXT  H N N 93  
GLU N    N N N 94  
GLU CA   C N S 95  
GLU C    C N N 96  
GLU O    O N N 97  
GLU CB   C N N 98  
GLU CG   C N N 99  
GLU CD   C N N 100 
GLU OE1  O N N 101 
GLU OE2  O N N 102 
GLU OXT  O N N 103 
GLU H    H N N 104 
GLU H2   H N N 105 
GLU HA   H N N 106 
GLU HB2  H N N 107 
GLU HB3  H N N 108 
GLU HG2  H N N 109 
GLU HG3  H N N 110 
GLU HE2  H N N 111 
GLU HXT  H N N 112 
GLY N    N N N 113 
GLY CA   C N N 114 
GLY C    C N N 115 
GLY O    O N N 116 
GLY OXT  O N N 117 
GLY H    H N N 118 
GLY H2   H N N 119 
GLY HA2  H N N 120 
GLY HA3  H N N 121 
GLY HXT  H N N 122 
HIS N    N N N 123 
HIS CA   C N S 124 
HIS C    C N N 125 
HIS O    O N N 126 
HIS CB   C N N 127 
HIS CG   C Y N 128 
HIS ND1  N Y N 129 
HIS CD2  C Y N 130 
HIS CE1  C Y N 131 
HIS NE2  N Y N 132 
HIS OXT  O N N 133 
HIS H    H N N 134 
HIS H2   H N N 135 
HIS HA   H N N 136 
HIS HB2  H N N 137 
HIS HB3  H N N 138 
HIS HD1  H N N 139 
HIS HD2  H N N 140 
HIS HE1  H N N 141 
HIS HE2  H N N 142 
HIS HXT  H N N 143 
HOH O    O N N 144 
HOH H1   H N N 145 
HOH H2   H N N 146 
ILE N    N N N 147 
ILE CA   C N S 148 
ILE C    C N N 149 
ILE O    O N N 150 
ILE CB   C N S 151 
ILE CG1  C N N 152 
ILE CG2  C N N 153 
ILE CD1  C N N 154 
ILE OXT  O N N 155 
ILE H    H N N 156 
ILE H2   H N N 157 
ILE HA   H N N 158 
ILE HB   H N N 159 
ILE HG12 H N N 160 
ILE HG13 H N N 161 
ILE HG21 H N N 162 
ILE HG22 H N N 163 
ILE HG23 H N N 164 
ILE HD11 H N N 165 
ILE HD12 H N N 166 
ILE HD13 H N N 167 
ILE HXT  H N N 168 
LEU N    N N N 169 
LEU CA   C N S 170 
LEU C    C N N 171 
LEU O    O N N 172 
LEU CB   C N N 173 
LEU CG   C N N 174 
LEU CD1  C N N 175 
LEU CD2  C N N 176 
LEU OXT  O N N 177 
LEU H    H N N 178 
LEU H2   H N N 179 
LEU HA   H N N 180 
LEU HB2  H N N 181 
LEU HB3  H N N 182 
LEU HG   H N N 183 
LEU HD11 H N N 184 
LEU HD12 H N N 185 
LEU HD13 H N N 186 
LEU HD21 H N N 187 
LEU HD22 H N N 188 
LEU HD23 H N N 189 
LEU HXT  H N N 190 
LYS N    N N N 191 
LYS CA   C N S 192 
LYS C    C N N 193 
LYS O    O N N 194 
LYS CB   C N N 195 
LYS CG   C N N 196 
LYS CD   C N N 197 
LYS CE   C N N 198 
LYS NZ   N N N 199 
LYS OXT  O N N 200 
LYS H    H N N 201 
LYS H2   H N N 202 
LYS HA   H N N 203 
LYS HB2  H N N 204 
LYS HB3  H N N 205 
LYS HG2  H N N 206 
LYS HG3  H N N 207 
LYS HD2  H N N 208 
LYS HD3  H N N 209 
LYS HE2  H N N 210 
LYS HE3  H N N 211 
LYS HZ1  H N N 212 
LYS HZ2  H N N 213 
LYS HZ3  H N N 214 
LYS HXT  H N N 215 
MET N    N N N 216 
MET CA   C N S 217 
MET C    C N N 218 
MET O    O N N 219 
MET CB   C N N 220 
MET CG   C N N 221 
MET SD   S N N 222 
MET CE   C N N 223 
MET OXT  O N N 224 
MET H    H N N 225 
MET H2   H N N 226 
MET HA   H N N 227 
MET HB2  H N N 228 
MET HB3  H N N 229 
MET HG2  H N N 230 
MET HG3  H N N 231 
MET HE1  H N N 232 
MET HE2  H N N 233 
MET HE3  H N N 234 
MET HXT  H N N 235 
P87 O1   O N N 236 
P87 C6   C N N 237 
P87 N    N N N 238 
P87 C10  C N N 239 
P87 C9   C N N 240 
P87 C8   C N N 241 
P87 C7   C N N 242 
P87 C5   C N N 243 
P87 C4   C N N 244 
P87 C1   C N S 245 
P87 C2   C N N 246 
P87 O    O N N 247 
P87 C3   C N N 248 
P87 C    C N N 249 
P87 H1   H N N 250 
P87 H2   H N N 251 
P87 H3   H N N 252 
P87 H4   H N N 253 
P87 H5   H N N 254 
P87 H6   H N N 255 
P87 H7   H N N 256 
P87 H8   H N N 257 
P87 H9   H N N 258 
P87 H10  H N N 259 
P87 H11  H N N 260 
P87 H12  H N N 261 
P87 H13  H N N 262 
P87 H14  H N N 263 
P87 H15  H N N 264 
P87 H16  H N N 265 
P87 H17  H N N 266 
P87 H18  H N N 267 
P87 H19  H N N 268 
PHE N    N N N 269 
PHE CA   C N S 270 
PHE C    C N N 271 
PHE O    O N N 272 
PHE CB   C N N 273 
PHE CG   C Y N 274 
PHE CD1  C Y N 275 
PHE CD2  C Y N 276 
PHE CE1  C Y N 277 
PHE CE2  C Y N 278 
PHE CZ   C Y N 279 
PHE OXT  O N N 280 
PHE H    H N N 281 
PHE H2   H N N 282 
PHE HA   H N N 283 
PHE HB2  H N N 284 
PHE HB3  H N N 285 
PHE HD1  H N N 286 
PHE HD2  H N N 287 
PHE HE1  H N N 288 
PHE HE2  H N N 289 
PHE HZ   H N N 290 
PHE HXT  H N N 291 
PRO N    N N N 292 
PRO CA   C N S 293 
PRO C    C N N 294 
PRO O    O N N 295 
PRO CB   C N N 296 
PRO CG   C N N 297 
PRO CD   C N N 298 
PRO OXT  O N N 299 
PRO H    H N N 300 
PRO HA   H N N 301 
PRO HB2  H N N 302 
PRO HB3  H N N 303 
PRO HG2  H N N 304 
PRO HG3  H N N 305 
PRO HD2  H N N 306 
PRO HD3  H N N 307 
PRO HXT  H N N 308 
SER N    N N N 309 
SER CA   C N S 310 
SER C    C N N 311 
SER O    O N N 312 
SER CB   C N N 313 
SER OG   O N N 314 
SER OXT  O N N 315 
SER H    H N N 316 
SER H2   H N N 317 
SER HA   H N N 318 
SER HB2  H N N 319 
SER HB3  H N N 320 
SER HG   H N N 321 
SER HXT  H N N 322 
THR N    N N N 323 
THR CA   C N S 324 
THR C    C N N 325 
THR O    O N N 326 
THR CB   C N R 327 
THR OG1  O N N 328 
THR CG2  C N N 329 
THR OXT  O N N 330 
THR H    H N N 331 
THR H2   H N N 332 
THR HA   H N N 333 
THR HB   H N N 334 
THR HG1  H N N 335 
THR HG21 H N N 336 
THR HG22 H N N 337 
THR HG23 H N N 338 
THR HXT  H N N 339 
TRP N    N N N 340 
TRP CA   C N S 341 
TRP C    C N N 342 
TRP O    O N N 343 
TRP CB   C N N 344 
TRP CG   C Y N 345 
TRP CD1  C Y N 346 
TRP CD2  C Y N 347 
TRP NE1  N Y N 348 
TRP CE2  C Y N 349 
TRP CE3  C Y N 350 
TRP CZ2  C Y N 351 
TRP CZ3  C Y N 352 
TRP CH2  C Y N 353 
TRP OXT  O N N 354 
TRP H    H N N 355 
TRP H2   H N N 356 
TRP HA   H N N 357 
TRP HB2  H N N 358 
TRP HB3  H N N 359 
TRP HD1  H N N 360 
TRP HE1  H N N 361 
TRP HE3  H N N 362 
TRP HZ2  H N N 363 
TRP HZ3  H N N 364 
TRP HH2  H N N 365 
TRP HXT  H N N 366 
TYR N    N N N 367 
TYR CA   C N S 368 
TYR C    C N N 369 
TYR O    O N N 370 
TYR CB   C N N 371 
TYR CG   C Y N 372 
TYR CD1  C Y N 373 
TYR CD2  C Y N 374 
TYR CE1  C Y N 375 
TYR CE2  C Y N 376 
TYR CZ   C Y N 377 
TYR OH   O N N 378 
TYR OXT  O N N 379 
TYR H    H N N 380 
TYR H2   H N N 381 
TYR HA   H N N 382 
TYR HB2  H N N 383 
TYR HB3  H N N 384 
TYR HD1  H N N 385 
TYR HD2  H N N 386 
TYR HE1  H N N 387 
TYR HE2  H N N 388 
TYR HH   H N N 389 
TYR HXT  H N N 390 
VAL N    N N N 391 
VAL CA   C N S 392 
VAL C    C N N 393 
VAL O    O N N 394 
VAL CB   C N N 395 
VAL CG1  C N N 396 
VAL CG2  C N N 397 
VAL OXT  O N N 398 
VAL H    H N N 399 
VAL H2   H N N 400 
VAL HA   H N N 401 
VAL HB   H N N 402 
VAL HG11 H N N 403 
VAL HG12 H N N 404 
VAL HG13 H N N 405 
VAL HG21 H N N 406 
VAL HG22 H N N 407 
VAL HG23 H N N 408 
VAL HXT  H N N 409 
# 
loop_
_chem_comp_bond.comp_id 
_chem_comp_bond.atom_id_1 
_chem_comp_bond.atom_id_2 
_chem_comp_bond.value_order 
_chem_comp_bond.pdbx_aromatic_flag 
_chem_comp_bond.pdbx_stereo_config 
_chem_comp_bond.pdbx_ordinal 
ALA N   CA   sing N N 1   
ALA N   H    sing N N 2   
ALA N   H2   sing N N 3   
ALA CA  C    sing N N 4   
ALA CA  CB   sing N N 5   
ALA CA  HA   sing N N 6   
ALA C   O    doub N N 7   
ALA C   OXT  sing N N 8   
ALA CB  HB1  sing N N 9   
ALA CB  HB2  sing N N 10  
ALA CB  HB3  sing N N 11  
ALA OXT HXT  sing N N 12  
ARG N   CA   sing N N 13  
ARG N   H    sing N N 14  
ARG N   H2   sing N N 15  
ARG CA  C    sing N N 16  
ARG CA  CB   sing N N 17  
ARG CA  HA   sing N N 18  
ARG C   O    doub N N 19  
ARG C   OXT  sing N N 20  
ARG CB  CG   sing N N 21  
ARG CB  HB2  sing N N 22  
ARG CB  HB3  sing N N 23  
ARG CG  CD   sing N N 24  
ARG CG  HG2  sing N N 25  
ARG CG  HG3  sing N N 26  
ARG CD  NE   sing N N 27  
ARG CD  HD2  sing N N 28  
ARG CD  HD3  sing N N 29  
ARG NE  CZ   sing N N 30  
ARG NE  HE   sing N N 31  
ARG CZ  NH1  sing N N 32  
ARG CZ  NH2  doub N N 33  
ARG NH1 HH11 sing N N 34  
ARG NH1 HH12 sing N N 35  
ARG NH2 HH21 sing N N 36  
ARG NH2 HH22 sing N N 37  
ARG OXT HXT  sing N N 38  
ASN N   CA   sing N N 39  
ASN N   H    sing N N 40  
ASN N   H2   sing N N 41  
ASN CA  C    sing N N 42  
ASN CA  CB   sing N N 43  
ASN CA  HA   sing N N 44  
ASN C   O    doub N N 45  
ASN C   OXT  sing N N 46  
ASN CB  CG   sing N N 47  
ASN CB  HB2  sing N N 48  
ASN CB  HB3  sing N N 49  
ASN CG  OD1  doub N N 50  
ASN CG  ND2  sing N N 51  
ASN ND2 HD21 sing N N 52  
ASN ND2 HD22 sing N N 53  
ASN OXT HXT  sing N N 54  
ASP N   CA   sing N N 55  
ASP N   H    sing N N 56  
ASP N   H2   sing N N 57  
ASP CA  C    sing N N 58  
ASP CA  CB   sing N N 59  
ASP CA  HA   sing N N 60  
ASP C   O    doub N N 61  
ASP C   OXT  sing N N 62  
ASP CB  CG   sing N N 63  
ASP CB  HB2  sing N N 64  
ASP CB  HB3  sing N N 65  
ASP CG  OD1  doub N N 66  
ASP CG  OD2  sing N N 67  
ASP OD2 HD2  sing N N 68  
ASP OXT HXT  sing N N 69  
GLN N   CA   sing N N 70  
GLN N   H    sing N N 71  
GLN N   H2   sing N N 72  
GLN CA  C    sing N N 73  
GLN CA  CB   sing N N 74  
GLN CA  HA   sing N N 75  
GLN C   O    doub N N 76  
GLN C   OXT  sing N N 77  
GLN CB  CG   sing N N 78  
GLN CB  HB2  sing N N 79  
GLN CB  HB3  sing N N 80  
GLN CG  CD   sing N N 81  
GLN CG  HG2  sing N N 82  
GLN CG  HG3  sing N N 83  
GLN CD  OE1  doub N N 84  
GLN CD  NE2  sing N N 85  
GLN NE2 HE21 sing N N 86  
GLN NE2 HE22 sing N N 87  
GLN OXT HXT  sing N N 88  
GLU N   CA   sing N N 89  
GLU N   H    sing N N 90  
GLU N   H2   sing N N 91  
GLU CA  C    sing N N 92  
GLU CA  CB   sing N N 93  
GLU CA  HA   sing N N 94  
GLU C   O    doub N N 95  
GLU C   OXT  sing N N 96  
GLU CB  CG   sing N N 97  
GLU CB  HB2  sing N N 98  
GLU CB  HB3  sing N N 99  
GLU CG  CD   sing N N 100 
GLU CG  HG2  sing N N 101 
GLU CG  HG3  sing N N 102 
GLU CD  OE1  doub N N 103 
GLU CD  OE2  sing N N 104 
GLU OE2 HE2  sing N N 105 
GLU OXT HXT  sing N N 106 
GLY N   CA   sing N N 107 
GLY N   H    sing N N 108 
GLY N   H2   sing N N 109 
GLY CA  C    sing N N 110 
GLY CA  HA2  sing N N 111 
GLY CA  HA3  sing N N 112 
GLY C   O    doub N N 113 
GLY C   OXT  sing N N 114 
GLY OXT HXT  sing N N 115 
HIS N   CA   sing N N 116 
HIS N   H    sing N N 117 
HIS N   H2   sing N N 118 
HIS CA  C    sing N N 119 
HIS CA  CB   sing N N 120 
HIS CA  HA   sing N N 121 
HIS C   O    doub N N 122 
HIS C   OXT  sing N N 123 
HIS CB  CG   sing N N 124 
HIS CB  HB2  sing N N 125 
HIS CB  HB3  sing N N 126 
HIS CG  ND1  sing Y N 127 
HIS CG  CD2  doub Y N 128 
HIS ND1 CE1  doub Y N 129 
HIS ND1 HD1  sing N N 130 
HIS CD2 NE2  sing Y N 131 
HIS CD2 HD2  sing N N 132 
HIS CE1 NE2  sing Y N 133 
HIS CE1 HE1  sing N N 134 
HIS NE2 HE2  sing N N 135 
HIS OXT HXT  sing N N 136 
HOH O   H1   sing N N 137 
HOH O   H2   sing N N 138 
ILE N   CA   sing N N 139 
ILE N   H    sing N N 140 
ILE N   H2   sing N N 141 
ILE CA  C    sing N N 142 
ILE CA  CB   sing N N 143 
ILE CA  HA   sing N N 144 
ILE C   O    doub N N 145 
ILE C   OXT  sing N N 146 
ILE CB  CG1  sing N N 147 
ILE CB  CG2  sing N N 148 
ILE CB  HB   sing N N 149 
ILE CG1 CD1  sing N N 150 
ILE CG1 HG12 sing N N 151 
ILE CG1 HG13 sing N N 152 
ILE CG2 HG21 sing N N 153 
ILE CG2 HG22 sing N N 154 
ILE CG2 HG23 sing N N 155 
ILE CD1 HD11 sing N N 156 
ILE CD1 HD12 sing N N 157 
ILE CD1 HD13 sing N N 158 
ILE OXT HXT  sing N N 159 
LEU N   CA   sing N N 160 
LEU N   H    sing N N 161 
LEU N   H2   sing N N 162 
LEU CA  C    sing N N 163 
LEU CA  CB   sing N N 164 
LEU CA  HA   sing N N 165 
LEU C   O    doub N N 166 
LEU C   OXT  sing N N 167 
LEU CB  CG   sing N N 168 
LEU CB  HB2  sing N N 169 
LEU CB  HB3  sing N N 170 
LEU CG  CD1  sing N N 171 
LEU CG  CD2  sing N N 172 
LEU CG  HG   sing N N 173 
LEU CD1 HD11 sing N N 174 
LEU CD1 HD12 sing N N 175 
LEU CD1 HD13 sing N N 176 
LEU CD2 HD21 sing N N 177 
LEU CD2 HD22 sing N N 178 
LEU CD2 HD23 sing N N 179 
LEU OXT HXT  sing N N 180 
LYS N   CA   sing N N 181 
LYS N   H    sing N N 182 
LYS N   H2   sing N N 183 
LYS CA  C    sing N N 184 
LYS CA  CB   sing N N 185 
LYS CA  HA   sing N N 186 
LYS C   O    doub N N 187 
LYS C   OXT  sing N N 188 
LYS CB  CG   sing N N 189 
LYS CB  HB2  sing N N 190 
LYS CB  HB3  sing N N 191 
LYS CG  CD   sing N N 192 
LYS CG  HG2  sing N N 193 
LYS CG  HG3  sing N N 194 
LYS CD  CE   sing N N 195 
LYS CD  HD2  sing N N 196 
LYS CD  HD3  sing N N 197 
LYS CE  NZ   sing N N 198 
LYS CE  HE2  sing N N 199 
LYS CE  HE3  sing N N 200 
LYS NZ  HZ1  sing N N 201 
LYS NZ  HZ2  sing N N 202 
LYS NZ  HZ3  sing N N 203 
LYS OXT HXT  sing N N 204 
MET N   CA   sing N N 205 
MET N   H    sing N N 206 
MET N   H2   sing N N 207 
MET CA  C    sing N N 208 
MET CA  CB   sing N N 209 
MET CA  HA   sing N N 210 
MET C   O    doub N N 211 
MET C   OXT  sing N N 212 
MET CB  CG   sing N N 213 
MET CB  HB2  sing N N 214 
MET CB  HB3  sing N N 215 
MET CG  SD   sing N N 216 
MET CG  HG2  sing N N 217 
MET CG  HG3  sing N N 218 
MET SD  CE   sing N N 219 
MET CE  HE1  sing N N 220 
MET CE  HE2  sing N N 221 
MET CE  HE3  sing N N 222 
MET OXT HXT  sing N N 223 
P87 O   C2   sing N N 224 
P87 O   C3   sing N N 225 
P87 C2  C1   sing N N 226 
P87 C3  C    sing N N 227 
P87 C7  C8   sing N N 228 
P87 C7  N    sing N N 229 
P87 C8  C9   sing N N 230 
P87 C1  C    sing N N 231 
P87 C1  C4   sing N N 232 
P87 C5  C4   sing N N 233 
P87 C5  C6   sing N N 234 
P87 N   C6   sing N N 235 
P87 N   C10  sing N N 236 
P87 C6  O1   doub N N 237 
P87 C9  C10  sing N N 238 
P87 C10 H1   sing N N 239 
P87 C10 H2   sing N N 240 
P87 C9  H3   sing N N 241 
P87 C9  H4   sing N N 242 
P87 C8  H5   sing N N 243 
P87 C8  H6   sing N N 244 
P87 C7  H7   sing N N 245 
P87 C7  H8   sing N N 246 
P87 C5  H9   sing N N 247 
P87 C5  H10  sing N N 248 
P87 C4  H11  sing N N 249 
P87 C4  H12  sing N N 250 
P87 C1  H13  sing N N 251 
P87 C2  H14  sing N N 252 
P87 C2  H15  sing N N 253 
P87 C3  H16  sing N N 254 
P87 C3  H17  sing N N 255 
P87 C   H18  sing N N 256 
P87 C   H19  sing N N 257 
PHE N   CA   sing N N 258 
PHE N   H    sing N N 259 
PHE N   H2   sing N N 260 
PHE CA  C    sing N N 261 
PHE CA  CB   sing N N 262 
PHE CA  HA   sing N N 263 
PHE C   O    doub N N 264 
PHE C   OXT  sing N N 265 
PHE CB  CG   sing N N 266 
PHE CB  HB2  sing N N 267 
PHE CB  HB3  sing N N 268 
PHE CG  CD1  doub Y N 269 
PHE CG  CD2  sing Y N 270 
PHE CD1 CE1  sing Y N 271 
PHE CD1 HD1  sing N N 272 
PHE CD2 CE2  doub Y N 273 
PHE CD2 HD2  sing N N 274 
PHE CE1 CZ   doub Y N 275 
PHE CE1 HE1  sing N N 276 
PHE CE2 CZ   sing Y N 277 
PHE CE2 HE2  sing N N 278 
PHE CZ  HZ   sing N N 279 
PHE OXT HXT  sing N N 280 
PRO N   CA   sing N N 281 
PRO N   CD   sing N N 282 
PRO N   H    sing N N 283 
PRO CA  C    sing N N 284 
PRO CA  CB   sing N N 285 
PRO CA  HA   sing N N 286 
PRO C   O    doub N N 287 
PRO C   OXT  sing N N 288 
PRO CB  CG   sing N N 289 
PRO CB  HB2  sing N N 290 
PRO CB  HB3  sing N N 291 
PRO CG  CD   sing N N 292 
PRO CG  HG2  sing N N 293 
PRO CG  HG3  sing N N 294 
PRO CD  HD2  sing N N 295 
PRO CD  HD3  sing N N 296 
PRO OXT HXT  sing N N 297 
SER N   CA   sing N N 298 
SER N   H    sing N N 299 
SER N   H2   sing N N 300 
SER CA  C    sing N N 301 
SER CA  CB   sing N N 302 
SER CA  HA   sing N N 303 
SER C   O    doub N N 304 
SER C   OXT  sing N N 305 
SER CB  OG   sing N N 306 
SER CB  HB2  sing N N 307 
SER CB  HB3  sing N N 308 
SER OG  HG   sing N N 309 
SER OXT HXT  sing N N 310 
THR N   CA   sing N N 311 
THR N   H    sing N N 312 
THR N   H2   sing N N 313 
THR CA  C    sing N N 314 
THR CA  CB   sing N N 315 
THR CA  HA   sing N N 316 
THR C   O    doub N N 317 
THR C   OXT  sing N N 318 
THR CB  OG1  sing N N 319 
THR CB  CG2  sing N N 320 
THR CB  HB   sing N N 321 
THR OG1 HG1  sing N N 322 
THR CG2 HG21 sing N N 323 
THR CG2 HG22 sing N N 324 
THR CG2 HG23 sing N N 325 
THR OXT HXT  sing N N 326 
TRP N   CA   sing N N 327 
TRP N   H    sing N N 328 
TRP N   H2   sing N N 329 
TRP CA  C    sing N N 330 
TRP CA  CB   sing N N 331 
TRP CA  HA   sing N N 332 
TRP C   O    doub N N 333 
TRP C   OXT  sing N N 334 
TRP CB  CG   sing N N 335 
TRP CB  HB2  sing N N 336 
TRP CB  HB3  sing N N 337 
TRP CG  CD1  doub Y N 338 
TRP CG  CD2  sing Y N 339 
TRP CD1 NE1  sing Y N 340 
TRP CD1 HD1  sing N N 341 
TRP CD2 CE2  doub Y N 342 
TRP CD2 CE3  sing Y N 343 
TRP NE1 CE2  sing Y N 344 
TRP NE1 HE1  sing N N 345 
TRP CE2 CZ2  sing Y N 346 
TRP CE3 CZ3  doub Y N 347 
TRP CE3 HE3  sing N N 348 
TRP CZ2 CH2  doub Y N 349 
TRP CZ2 HZ2  sing N N 350 
TRP CZ3 CH2  sing Y N 351 
TRP CZ3 HZ3  sing N N 352 
TRP CH2 HH2  sing N N 353 
TRP OXT HXT  sing N N 354 
TYR N   CA   sing N N 355 
TYR N   H    sing N N 356 
TYR N   H2   sing N N 357 
TYR CA  C    sing N N 358 
TYR CA  CB   sing N N 359 
TYR CA  HA   sing N N 360 
TYR C   O    doub N N 361 
TYR C   OXT  sing N N 362 
TYR CB  CG   sing N N 363 
TYR CB  HB2  sing N N 364 
TYR CB  HB3  sing N N 365 
TYR CG  CD1  doub Y N 366 
TYR CG  CD2  sing Y N 367 
TYR CD1 CE1  sing Y N 368 
TYR CD1 HD1  sing N N 369 
TYR CD2 CE2  doub Y N 370 
TYR CD2 HD2  sing N N 371 
TYR CE1 CZ   doub Y N 372 
TYR CE1 HE1  sing N N 373 
TYR CE2 CZ   sing Y N 374 
TYR CE2 HE2  sing N N 375 
TYR CZ  OH   sing N N 376 
TYR OH  HH   sing N N 377 
TYR OXT HXT  sing N N 378 
VAL N   CA   sing N N 379 
VAL N   H    sing N N 380 
VAL N   H2   sing N N 381 
VAL CA  C    sing N N 382 
VAL CA  CB   sing N N 383 
VAL CA  HA   sing N N 384 
VAL C   O    doub N N 385 
VAL C   OXT  sing N N 386 
VAL CB  CG1  sing N N 387 
VAL CB  CG2  sing N N 388 
VAL CB  HB   sing N N 389 
VAL CG1 HG11 sing N N 390 
VAL CG1 HG12 sing N N 391 
VAL CG1 HG13 sing N N 392 
VAL CG2 HG21 sing N N 393 
VAL CG2 HG22 sing N N 394 
VAL CG2 HG23 sing N N 395 
VAL OXT HXT  sing N N 396 
# 
loop_
_pdbx_audit_support.funding_organization 
_pdbx_audit_support.country 
_pdbx_audit_support.grant_number 
_pdbx_audit_support.ordinal 
'Engineering and Physical Sciences Research Council' 'United Kingdom' ? 1 
'Bill & Melinda Gates Foundation'                    'United States'  ? 2 
'European Union'                                     ?                ? 3 
# 
_pdbx_initial_refinement_model.id               1 
_pdbx_initial_refinement_model.entity_id_list   ? 
_pdbx_initial_refinement_model.type             'experimental model' 
_pdbx_initial_refinement_model.source_name      PDB 
_pdbx_initial_refinement_model.accession_code   1T56 
_pdbx_initial_refinement_model.details          ? 
# 
_atom_sites.entry_id                    5J1Y 
_atom_sites.fract_transf_matrix[1][1]   -0.00518454 
_atom_sites.fract_transf_matrix[1][2]   -0.00633144 
_atom_sites.fract_transf_matrix[1][3]   -0.00099848 
_atom_sites.fract_transf_matrix[2][1]   0.00516916 
_atom_sites.fract_transf_matrix[2][2]   -0.00337075 
_atom_sites.fract_transf_matrix[2][3]   -0.00546639 
_atom_sites.fract_transf_matrix[3][1]   0.01364875 
_atom_sites.fract_transf_matrix[3][2]   -0.01463493 
_atom_sites.fract_transf_matrix[3][3]   0.02193096 
_atom_sites.fract_transf_vector[1]      0.287325 
_atom_sites.fract_transf_vector[2]      0.140303 
_atom_sites.fract_transf_vector[3]      0.492736 
# 
loop_
_atom_type.symbol 
C 
N 
O 
S 
# 
loop_
_atom_site.group_PDB 
_atom_site.id 
_atom_site.type_symbol 
_atom_site.label_atom_id 
_atom_site.label_alt_id 
_atom_site.label_comp_id 
_atom_site.label_asym_id 
_atom_site.label_entity_id 
_atom_site.label_seq_id 
_atom_site.pdbx_PDB_ins_code 
_atom_site.Cartn_x 
_atom_site.Cartn_y 
_atom_site.Cartn_z 
_atom_site.occupancy 
_atom_site.B_iso_or_equiv 
_atom_site.pdbx_formal_charge 
_atom_site.auth_seq_id 
_atom_site.auth_comp_id 
_atom_site.auth_asym_id 
_atom_site.auth_atom_id 
_atom_site.pdbx_PDB_model_num 
ATOM   1    N N   . GLY A 1 22  ? -18.536 -21.454 -3.539  1.00 56.70 ? 22  GLY A N   1 
ATOM   2    C CA  . GLY A 1 22  ? -18.301 -20.523 -4.675  1.00 54.76 ? 22  GLY A CA  1 
ATOM   3    C C   . GLY A 1 22  ? -17.376 -19.394 -4.246  1.00 60.10 ? 22  GLY A C   1 
ATOM   4    O O   . GLY A 1 22  ? -16.208 -19.364 -4.642  1.00 55.18 ? 22  GLY A O   1 
ATOM   5    N N   . ASP A 1 23  ? -17.883 -18.457 -3.434  1.00 55.55 ? 23  ASP A N   1 
ATOM   6    C CA  . ASP A 1 23  ? -17.049 -17.375 -2.899  1.00 53.22 ? 23  ASP A CA  1 
ATOM   7    C C   . ASP A 1 23  ? -15.998 -17.974 -1.946  1.00 53.86 ? 23  ASP A C   1 
ATOM   8    O O   . ASP A 1 23  ? -14.902 -17.421 -1.810  1.00 52.21 ? 23  ASP A O   1 
ATOM   9    C CB  . ASP A 1 23  ? -17.879 -16.244 -2.249  1.00 48.67 ? 23  ASP A CB  1 
ATOM   10   N N   . ASP A 1 24  ? -16.323 -19.132 -1.352  1.00 51.22 ? 24  ASP A N   1 
ATOM   11   C CA  . ASP A 1 24  ? -15.447 -19.847 -0.419  1.00 48.60 ? 24  ASP A CA  1 
ATOM   12   C C   . ASP A 1 24  ? -14.267 -20.546 -1.071  1.00 42.36 ? 24  ASP A C   1 
ATOM   13   O O   . ASP A 1 24  ? -13.166 -20.619 -0.498  1.00 41.64 ? 24  ASP A O   1 
ATOM   14   C CB  . ASP A 1 24  ? -16.255 -20.878 0.364   1.00 58.03 ? 24  ASP A CB  1 
ATOM   15   C CG  . ASP A 1 24  ? -17.277 -20.233 1.305   1.00 68.98 ? 24  ASP A CG  1 
ATOM   16   O OD1 . ASP A 1 24  ? -17.324 -18.979 1.406   1.00 74.94 ? 24  ASP A OD1 1 
ATOM   17   O OD2 . ASP A 1 24  ? -18.038 -20.991 1.946   1.00 68.21 ? 24  ASP A OD2 1 
ATOM   18   N N   . ARG A 1 25  ? -14.493 -21.102 -2.252  1.00 35.54 ? 25  ARG A N   1 
ATOM   19   C CA  . ARG A 1 25  ? -13.391 -21.657 -3.008  1.00 32.71 ? 25  ARG A CA  1 
ATOM   20   C C   . ARG A 1 25  ? -12.473 -20.489 -3.406  1.00 28.91 ? 25  ARG A C   1 
ATOM   21   O O   . ARG A 1 25  ? -11.284 -20.600 -3.295  1.00 28.22 ? 25  ARG A O   1 
ATOM   22   C CB  . ARG A 1 25  ? -13.907 -22.429 -4.210  1.00 34.66 ? 25  ARG A CB  1 
ATOM   23   C CG  . ARG A 1 25  ? -14.280 -23.861 -3.831  1.00 32.59 ? 25  ARG A CG  1 
ATOM   24   N N   . GLU A 1 26  ? -13.057 -19.385 -3.857  1.00 29.00 ? 26  GLU A N   1 
ATOM   25   C CA  . GLU A 1 26  ? -12.304 -18.214 -4.235  1.00 28.68 ? 26  GLU A CA  1 
ATOM   26   C C   . GLU A 1 26  ? -11.465 -17.718 -3.027  1.00 26.28 ? 26  GLU A C   1 
ATOM   27   O O   . GLU A 1 26  ? -10.276 -17.474 -3.170  1.00 24.94 ? 26  GLU A O   1 
ATOM   28   C CB  . GLU A 1 26  ? -13.249 -17.151 -4.723  1.00 28.51 ? 26  GLU A CB  1 
ATOM   29   C CG  . GLU A 1 26  ? -12.535 -16.149 -5.583  1.00 33.82 ? 26  GLU A CG  1 
ATOM   30   C CD  . GLU A 1 26  ? -13.476 -15.144 -6.206  1.00 40.32 ? 26  GLU A CD  1 
ATOM   31   O OE1 . GLU A 1 26  ? -14.562 -15.545 -6.679  1.00 41.29 ? 26  GLU A OE1 1 
ATOM   32   O OE2 . GLU A 1 26  ? -13.107 -13.956 -6.238  1.00 41.92 ? 26  GLU A OE2 1 
ATOM   33   N N   . LEU A 1 27  ? -12.092 -17.607 -1.857  1.00 29.09 ? 27  LEU A N   1 
ATOM   34   C CA  . LEU A 1 27  ? -11.401 -17.113 -0.640  1.00 28.29 ? 27  LEU A CA  1 
ATOM   35   C C   . LEU A 1 27  ? -10.312 -18.067 -0.221  1.00 25.97 ? 27  LEU A C   1 
ATOM   36   O O   . LEU A 1 27  ? -9.195  -17.667 0.223   1.00 23.46 ? 27  LEU A O   1 
ATOM   37   C CB  . LEU A 1 27  ? -12.406 -16.832 0.514   1.00 31.74 ? 27  LEU A CB  1 
ATOM   38   C CG  . LEU A 1 27  ? -13.296 -15.572 0.360   1.00 34.80 ? 27  LEU A CG  1 
ATOM   39   C CD1 . LEU A 1 27  ? -14.430 -15.539 1.356   1.00 35.52 ? 27  LEU A CD1 1 
ATOM   40   C CD2 . LEU A 1 27  ? -12.514 -14.254 0.421   1.00 35.05 ? 27  LEU A CD2 1 
ATOM   41   N N   . ALA A 1 28  ? -10.608 -19.356 -0.385  1.00 25.17 ? 28  ALA A N   1 
ATOM   42   C CA  . ALA A 1 28  ? -9.638  -20.411 -0.078  1.00 22.58 ? 28  ALA A CA  1 
ATOM   43   C C   . ALA A 1 28  ? -8.423  -20.257 -0.949  1.00 19.71 ? 28  ALA A C   1 
ATOM   44   O O   . ALA A 1 28  ? -7.315  -20.440 -0.482  1.00 18.03 ? 28  ALA A O   1 
ATOM   45   C CB  . ALA A 1 28  ? -10.236 -21.818 -0.344  1.00 23.28 ? 28  ALA A CB  1 
ATOM   46   N N   . ILE A 1 29  ? -8.616  -19.950 -2.240  1.00 16.47 ? 29  ILE A N   1 
ATOM   47   C CA  . ILE A 1 29  ? -7.486  -19.884 -3.142  1.00 14.38 ? 29  ILE A CA  1 
ATOM   48   C C   . ILE A 1 29  ? -6.643  -18.611 -2.726  1.00 15.53 ? 29  ILE A C   1 
ATOM   49   O O   . ILE A 1 29  ? -5.406  -18.649 -2.689  1.00 15.19 ? 29  ILE A O   1 
ATOM   50   C CB  . ILE A 1 29  ? -7.986  -19.648 -4.580  1.00 14.22 ? 29  ILE A CB  1 
ATOM   51   C CG1 . ILE A 1 29  ? -8.631  -20.934 -5.121  1.00 15.16 ? 29  ILE A CG1 1 
ATOM   52   C CG2 . ILE A 1 29  ? -6.850  -19.233 -5.501  1.00 13.26 ? 29  ILE A CG2 1 
ATOM   53   C CD1 . ILE A 1 29  ? -9.247  -20.766 -6.518  1.00 18.02 ? 29  ILE A CD1 1 
ATOM   54   N N   . LEU A 1 30  ? -7.355  -17.521 -2.467  1.00 15.98 ? 30  LEU A N   1 
ATOM   55   C CA  . LEU A 1 30  ? -6.689  -16.226 -2.021  1.00 16.92 ? 30  LEU A CA  1 
ATOM   56   C C   . LEU A 1 30  ? -5.850  -16.420 -0.733  1.00 18.36 ? 30  LEU A C   1 
ATOM   57   O O   . LEU A 1 30  ? -4.647  -16.036 -0.699  1.00 18.59 ? 30  LEU A O   1 
ATOM   58   C CB  . LEU A 1 30  ? -7.780  -15.187 -1.851  1.00 17.39 ? 30  LEU A CB  1 
ATOM   59   C CG  . LEU A 1 30  ? -8.336  -14.778 -3.227  1.00 18.10 ? 30  LEU A CG  1 
ATOM   60   C CD1 . LEU A 1 30  ? -9.576  -14.002 -2.883  1.00 19.79 ? 30  LEU A CD1 1 
ATOM   61   C CD2 . LEU A 1 30  ? -7.354  -13.895 -3.995  1.00 21.16 ? 30  LEU A CD2 1 
ATOM   62   N N   . ALA A 1 31  ? -6.450  -17.093 0.256   1.00 19.98 ? 31  ALA A N   1 
ATOM   63   C CA  . ALA A 1 31  ? -5.812  -17.421 1.550   1.00 20.70 ? 31  ALA A CA  1 
ATOM   64   C C   . ALA A 1 31  ? -4.593  -18.318 1.362   1.00 20.60 ? 31  ALA A C   1 
ATOM   65   O O   . ALA A 1 31  ? -3.496  -18.090 1.976   1.00 19.85 ? 31  ALA A O   1 
ATOM   66   C CB  . ALA A 1 31  ? -6.831  -18.041 2.495   1.00 22.68 ? 31  ALA A CB  1 
ATOM   67   N N   . THR A 1 32  ? -4.719  -19.302 0.465   1.00 20.18 ? 32  THR A N   1 
ATOM   68   C CA  . THR A 1 32  ? -3.561  -20.165 0.136   1.00 19.07 ? 32  THR A CA  1 
ATOM   69   C C   . THR A 1 32  ? -2.418  -19.379 -0.450  1.00 18.14 ? 32  THR A C   1 
ATOM   70   O O   . THR A 1 32  ? -1.281  -19.520 0.008   1.00 18.35 ? 32  THR A O   1 
ATOM   71   C CB  . THR A 1 32  ? -3.943  -21.315 -0.816  1.00 18.13 ? 32  THR A CB  1 
ATOM   72   O OG1 . THR A 1 32  ? -4.893  -22.072 -0.111  1.00 21.47 ? 32  THR A OG1 1 
ATOM   73   C CG2 . THR A 1 32  ? -2.736  -22.205 -1.222  1.00 17.96 ? 32  THR A CG2 1 
ATOM   74   N N   . ALA A 1 33  ? -2.721  -18.579 -1.493  1.00 15.11 ? 33  ALA A N   1 
ATOM   75   C CA  . ALA A 1 33  ? -1.733  -17.804 -2.161  1.00 15.37 ? 33  ALA A CA  1 
ATOM   76   C C   . ALA A 1 33  ? -1.059  -16.828 -1.140  1.00 15.48 ? 33  ALA A C   1 
ATOM   77   O O   . ALA A 1 33  ? 0.170   -16.679 -1.170  1.00 16.74 ? 33  ALA A O   1 
ATOM   78   C CB  . ALA A 1 33  ? -2.383  -17.000 -3.303  1.00 14.36 ? 33  ALA A CB  1 
ATOM   79   N N   . GLU A 1 34  ? -1.840  -16.222 -0.244  1.00 16.26 ? 34  GLU A N   1 
ATOM   80   C CA  . GLU A 1 34  ? -1.202  -15.260 0.717   1.00 19.87 ? 34  GLU A CA  1 
ATOM   81   C C   . GLU A 1 34  ? -0.242  -16.052 1.657   1.00 22.73 ? 34  GLU A C   1 
ATOM   82   O O   . GLU A 1 34  ? 0.930   -15.632 1.951   1.00 19.24 ? 34  GLU A O   1 
ATOM   83   C CB  . GLU A 1 34  ? -2.248  -14.476 1.501   1.00 22.67 ? 34  GLU A CB  1 
ATOM   84   C CG  . GLU A 1 34  ? -1.576  -13.400 2.405   1.00 25.72 ? 34  GLU A CG  1 
ATOM   85   C CD  . GLU A 1 34  ? -2.466  -12.176 2.722   1.00 31.48 ? 34  GLU A CD  1 
ATOM   86   O OE1 . GLU A 1 34  ? -3.710  -12.250 2.572   1.00 30.25 ? 34  GLU A OE1 1 
ATOM   87   O OE2 . GLU A 1 34  ? -1.918  -11.100 3.128   1.00 29.56 ? 34  GLU A OE2 1 
ATOM   88   N N   . ASN A 1 35  ? -0.701  -17.230 2.059   1.00 21.22 ? 35  ASN A N   1 
ATOM   89   C CA  . ASN A 1 35  ? 0.147   -18.098 2.887   1.00 24.56 ? 35  ASN A CA  1 
ATOM   90   C C   . ASN A 1 35  ? 1.404   -18.572 2.220   1.00 22.84 ? 35  ASN A C   1 
ATOM   91   O O   . ASN A 1 35  ? 2.489   -18.475 2.797   1.00 27.18 ? 35  ASN A O   1 
ATOM   92   C CB  . ASN A 1 35  ? -0.638  -19.249 3.506   1.00 29.59 ? 35  ASN A CB  1 
ATOM   93   C CG  . ASN A 1 35  ? -1.672  -18.775 4.526   1.00 40.90 ? 35  ASN A CG  1 
ATOM   94   O OD1 . ASN A 1 35  ? -1.517  -17.726 5.182   1.00 46.97 ? 35  ASN A OD1 1 
ATOM   95   N ND2 . ASN A 1 35  ? -2.723  -19.568 4.693   1.00 43.30 ? 35  ASN A ND2 1 
ATOM   96   N N   . LEU A 1 36  ? 1.324   -19.030 0.979   1.00 21.48 ? 36  LEU A N   1 
ATOM   97   C CA  . LEU A 1 36  ? 2.505   -19.470 0.232   1.00 20.17 ? 36  LEU A CA  1 
ATOM   98   C C   . LEU A 1 36  ? 3.469   -18.339 -0.104  1.00 23.25 ? 36  LEU A C   1 
ATOM   99   O O   . LEU A 1 36  ? 4.676   -18.531 -0.131  1.00 21.58 ? 36  LEU A O   1 
ATOM   100  C CB  . LEU A 1 36  ? 2.090   -20.235 -1.034  1.00 23.19 ? 36  LEU A CB  1 
ATOM   101  C CG  . LEU A 1 36  ? 1.269   -21.501 -0.764  1.00 22.59 ? 36  LEU A CG  1 
ATOM   102  C CD1 . LEU A 1 36  ? 0.923   -22.121 -2.127  1.00 22.47 ? 36  LEU A CD1 1 
ATOM   103  C CD2 . LEU A 1 36  ? 2.012   -22.456 0.183   1.00 24.18 ? 36  LEU A CD2 1 
ATOM   104  N N   . LEU A 1 37  ? 2.929   -17.139 -0.334  1.00 21.86 ? 37  LEU A N   1 
ATOM   105  C CA  . LEU A 1 37  ? 3.742   -15.995 -0.632  1.00 20.13 ? 37  LEU A CA  1 
ATOM   106  C C   . LEU A 1 37  ? 4.602   -15.573 0.606   1.00 22.17 ? 37  LEU A C   1 
ATOM   107  O O   . LEU A 1 37  ? 5.633   -14.966 0.389   1.00 23.06 ? 37  LEU A O   1 
ATOM   108  C CB  . LEU A 1 37  ? 2.909   -14.822 -1.144  1.00 18.36 ? 37  LEU A CB  1 
ATOM   109  C CG  . LEU A 1 37  ? 2.505   -14.921 -2.624  1.00 17.55 ? 37  LEU A CG  1 
ATOM   110  C CD1 . LEU A 1 37  ? 1.460   -13.875 -2.885  1.00 16.35 ? 37  LEU A CD1 1 
ATOM   111  C CD2 . LEU A 1 37  ? 3.674   -14.872 -3.626  1.00 18.01 ? 37  LEU A CD2 1 
ATOM   112  N N   . GLU A 1 38  ? 4.219   -15.922 1.827   1.00 25.21 ? 38  GLU A N   1 
ATOM   113  C CA  . GLU A 1 38  ? 5.117   -15.720 3.002   1.00 30.30 ? 38  GLU A CA  1 
ATOM   114  C C   . GLU A 1 38  ? 6.427   -16.454 2.932   1.00 35.95 ? 38  GLU A C   1 
ATOM   115  O O   . GLU A 1 38  ? 7.386   -15.988 3.490   1.00 38.00 ? 38  GLU A O   1 
ATOM   116  C CB  . GLU A 1 38  ? 4.419   -16.041 4.307   1.00 37.49 ? 38  GLU A CB  1 
ATOM   117  C CG  . GLU A 1 38  ? 3.812   -14.796 4.932   1.00 44.20 ? 38  GLU A CG  1 
ATOM   118  C CD  . GLU A 1 38  ? 2.353   -14.988 5.232   1.00 54.53 ? 38  GLU A CD  1 
ATOM   119  O OE1 . GLU A 1 38  ? 2.060   -15.901 6.044   1.00 62.18 ? 38  GLU A OE1 1 
ATOM   120  O OE2 . GLU A 1 38  ? 1.505   -14.257 4.646   1.00 54.16 ? 38  GLU A OE2 1 
ATOM   121  N N   . ASP A 1 39  ? 6.488   -17.551 2.173   1.00 36.37 ? 39  ASP A N   1 
ATOM   122  C CA  . ASP A 1 39  ? 7.643   -18.463 2.159   1.00 43.12 ? 39  ASP A CA  1 
ATOM   123  C C   . ASP A 1 39  ? 8.439   -18.496 0.863   1.00 39.20 ? 39  ASP A C   1 
ATOM   124  O O   . ASP A 1 39  ? 9.622   -18.781 0.862   1.00 36.97 ? 39  ASP A O   1 
ATOM   125  C CB  . ASP A 1 39  ? 7.186   -19.879 2.548   1.00 46.98 ? 39  ASP A CB  1 
ATOM   126  C CG  . ASP A 1 39  ? 6.624   -19.923 3.974   1.00 58.11 ? 39  ASP A CG  1 
ATOM   127  O OD1 . ASP A 1 39  ? 7.223   -19.309 4.895   1.00 57.40 ? 39  ASP A OD1 1 
ATOM   128  O OD2 . ASP A 1 39  ? 5.561   -20.546 4.183   1.00 68.71 ? 39  ASP A OD2 1 
ATOM   129  N N   . ARG A 1 40  ? 7.791   -18.225 -0.252  1.00 34.72 ? 40  ARG A N   1 
ATOM   130  C CA  . ARG A 1 40  ? 8.486   -18.216 -1.521  1.00 34.22 ? 40  ARG A CA  1 
ATOM   131  C C   . ARG A 1 40  ? 7.817   -17.222 -2.434  1.00 32.62 ? 40  ARG A C   1 
ATOM   132  O O   . ARG A 1 40  ? 6.660   -16.808 -2.164  1.00 30.30 ? 40  ARG A O   1 
ATOM   133  C CB  . ARG A 1 40  ? 8.488   -19.614 -2.123  1.00 39.08 ? 40  ARG A CB  1 
ATOM   134  C CG  . ARG A 1 40  ? 7.259   -20.439 -1.800  1.00 39.25 ? 40  ARG A CG  1 
ATOM   135  C CD  . ARG A 1 40  ? 7.594   -21.888 -2.149  1.00 43.76 ? 40  ARG A CD  1 
ATOM   136  N NE  . ARG A 1 40  ? 6.516   -22.508 -2.908  1.00 44.64 ? 40  ARG A NE  1 
ATOM   137  C CZ  . ARG A 1 40  ? 5.549   -23.234 -2.366  1.00 38.66 ? 40  ARG A CZ  1 
ATOM   138  N NH1 . ARG A 1 40  ? 5.522   -23.453 -1.059  1.00 40.29 ? 40  ARG A NH1 1 
ATOM   139  N NH2 . ARG A 1 40  ? 4.605   -23.728 -3.134  1.00 38.58 ? 40  ARG A NH2 1 
ATOM   140  N N   . PRO A 1 41  ? 8.527   -16.808 -3.494  1.00 29.48 ? 41  PRO A N   1 
ATOM   141  C CA  . PRO A 1 41  ? 8.025   -15.861 -4.474  1.00 31.14 ? 41  PRO A CA  1 
ATOM   142  C C   . PRO A 1 41  ? 7.000   -16.497 -5.455  1.00 33.51 ? 41  PRO A C   1 
ATOM   143  O O   . PRO A 1 41  ? 6.929   -17.742 -5.546  1.00 29.70 ? 41  PRO A O   1 
ATOM   144  C CB  . PRO A 1 41  ? 9.278   -15.466 -5.230  1.00 31.61 ? 41  PRO A CB  1 
ATOM   145  C CG  . PRO A 1 41  ? 10.091  -16.710 -5.217  1.00 32.47 ? 41  PRO A CG  1 
ATOM   146  C CD  . PRO A 1 41  ? 9.860   -17.324 -3.866  1.00 33.38 ? 41  PRO A CD  1 
ATOM   147  N N   . LEU A 1 42  ? 6.249   -15.642 -6.170  1.00 30.57 ? 42  LEU A N   1 
ATOM   148  C CA  . LEU A 1 42  ? 5.219   -16.069 -7.130  1.00 33.12 ? 42  LEU A CA  1 
ATOM   149  C C   . LEU A 1 42  ? 5.731   -17.117 -8.152  1.00 33.65 ? 42  LEU A C   1 
ATOM   150  O O   . LEU A 1 42  ? 5.121   -18.161 -8.311  1.00 29.83 ? 42  LEU A O   1 
ATOM   151  C CB  . LEU A 1 42  ? 4.535   -14.881 -7.847  1.00 28.89 ? 42  LEU A CB  1 
ATOM   152  C CG  . LEU A 1 42  ? 3.230   -15.355 -8.524  1.00 29.16 ? 42  LEU A CG  1 
ATOM   153  C CD1 . LEU A 1 42  ? 2.222   -15.963 -7.534  1.00 28.22 ? 42  LEU A CD1 1 
ATOM   154  C CD2 . LEU A 1 42  ? 2.534   -14.252 -9.325  1.00 33.28 ? 42  LEU A CD2 1 
ATOM   155  N N   . ALA A 1 43  ? 6.861   -16.816 -8.794  1.00 35.09 ? 43  ALA A N   1 
ATOM   156  C CA  . ALA A 1 43  ? 7.644   -17.764 -9.605  1.00 34.85 ? 43  ALA A CA  1 
ATOM   157  C C   . ALA A 1 43  ? 7.776   -19.188 -9.023  1.00 36.31 ? 43  ALA A C   1 
ATOM   158  O O   . ALA A 1 43  ? 7.709   -20.166 -9.755  1.00 36.16 ? 43  ALA A O   1 
ATOM   159  C CB  . ALA A 1 43  ? 9.037   -17.170 -9.867  1.00 36.24 ? 43  ALA A CB  1 
ATOM   160  N N   . ASP A 1 44  ? 7.939   -19.333 -7.713  1.00 32.39 ? 44  ASP A N   1 
ATOM   161  C CA  . ASP A 1 44  ? 8.171   -20.662 -7.160  1.00 36.10 ? 44  ASP A CA  1 
ATOM   162  C C   . ASP A 1 44  ? 6.889   -21.248 -6.658  1.00 32.79 ? 44  ASP A C   1 
ATOM   163  O O   . ASP A 1 44  ? 6.919   -22.218 -5.941  1.00 33.20 ? 44  ASP A O   1 
ATOM   164  C CB  . ASP A 1 44  ? 9.195   -20.660 -6.026  1.00 38.95 ? 44  ASP A CB  1 
ATOM   165  C CG  . ASP A 1 44  ? 10.584  -20.168 -6.456  1.00 47.71 ? 44  ASP A CG  1 
ATOM   166  O OD1 . ASP A 1 44  ? 10.839  -19.897 -7.652  1.00 52.95 ? 44  ASP A OD1 1 
ATOM   167  O OD2 . ASP A 1 44  ? 11.446  -20.052 -5.568  1.00 53.56 ? 44  ASP A OD2 1 
ATOM   168  N N   . ILE A 1 45  ? 5.750   -20.661 -7.040  1.00 33.34 ? 45  ILE A N   1 
ATOM   169  C CA  . ILE A 1 45  ? 4.430   -21.195 -6.618  1.00 31.63 ? 45  ILE A CA  1 
ATOM   170  C C   . ILE A 1 45  ? 3.673   -21.605 -7.890  1.00 31.56 ? 45  ILE A C   1 
ATOM   171  O O   . ILE A 1 45  ? 3.603   -20.816 -8.846  1.00 33.49 ? 45  ILE A O   1 
ATOM   172  C CB  . ILE A 1 45  ? 3.586   -20.148 -5.833  1.00 30.03 ? 45  ILE A CB  1 
ATOM   173  C CG1 . ILE A 1 45  ? 4.306   -19.718 -4.534  1.00 27.74 ? 45  ILE A CG1 1 
ATOM   174  C CG2 . ILE A 1 45  ? 2.209   -20.722 -5.485  1.00 30.40 ? 45  ILE A CG2 1 
ATOM   175  C CD1 . ILE A 1 45  ? 3.642   -18.541 -3.836  1.00 24.48 ? 45  ILE A CD1 1 
ATOM   176  N N   . SER A 1 46  ? 3.106   -22.812 -7.903  1.00 32.80 ? 46  SER A N   1 
ATOM   177  C CA  . SER A 1 46  ? 2.355   -23.302 -9.081  1.00 30.82 ? 46  SER A CA  1 
ATOM   178  C C   . SER A 1 46  ? 0.850   -23.201 -8.912  1.00 29.06 ? 46  SER A C   1 
ATOM   179  O O   . SER A 1 46  ? 0.312   -23.184 -7.780  1.00 27.16 ? 46  SER A O   1 
ATOM   180  C CB  . SER A 1 46  ? 2.741   -24.753 -9.448  1.00 28.78 ? 46  SER A CB  1 
ATOM   181  O OG  . SER A 1 46  ? 2.410   -25.615 -8.376  1.00 29.29 ? 46  SER A OG  1 
ATOM   182  N N   . VAL A 1 47  ? 0.141   -23.167 -10.054 1.00 29.55 ? 47  VAL A N   1 
ATOM   183  C CA  . VAL A 1 47  ? -1.324  -23.301 -10.012 1.00 28.46 ? 47  VAL A CA  1 
ATOM   184  C C   . VAL A 1 47  ? -1.715  -24.571 -9.219  1.00 25.28 ? 47  VAL A C   1 
ATOM   185  O O   . VAL A 1 47  ? -2.622  -24.576 -8.388  1.00 25.40 ? 47  VAL A O   1 
ATOM   186  C CB  . VAL A 1 47  ? -1.938  -23.292 -11.429 1.00 29.10 ? 47  VAL A CB  1 
ATOM   187  C CG1 . VAL A 1 47  ? -3.405  -23.665 -11.361 1.00 25.03 ? 47  VAL A CG1 1 
ATOM   188  C CG2 . VAL A 1 47  ? -1.800  -21.908 -12.015 1.00 30.02 ? 47  VAL A CG2 1 
ATOM   189  N N   . ASP A 1 48  ? -1.000  -25.663 -9.482  1.00 35.06 ? 48  ASP A N   1 
ATOM   190  C CA  . ASP A 1 48  ? -1.259  -26.917 -8.759  1.00 34.15 ? 48  ASP A CA  1 
ATOM   191  C C   . ASP A 1 48  ? -1.051  -26.676 -7.265  1.00 31.02 ? 48  ASP A C   1 
ATOM   192  O O   . ASP A 1 48  ? -1.846  -27.151 -6.448  1.00 28.75 ? 48  ASP A O   1 
ATOM   193  C CB  . ASP A 1 48  ? -0.347  -28.056 -9.256  1.00 37.16 ? 48  ASP A CB  1 
ATOM   194  C CG  . ASP A 1 48  ? -0.837  -28.707 -10.579 1.00 44.49 ? 48  ASP A CG  1 
ATOM   195  O OD1 . ASP A 1 48  ? -2.028  -28.563 -10.996 1.00 42.84 ? 48  ASP A OD1 1 
ATOM   196  O OD2 . ASP A 1 48  ? 0.008   -29.389 -11.201 1.00 46.36 ? 48  ASP A OD2 1 
ATOM   197  N N   . ASP A 1 49  ? -0.006  -25.901 -6.909  1.00 30.69 ? 49  ASP A N   1 
ATOM   198  C CA  . ASP A 1 49  ? 0.213   -25.577 -5.492  1.00 27.44 ? 49  ASP A CA  1 
ATOM   199  C C   . ASP A 1 49  ? -1.012  -24.853 -4.929  1.00 23.89 ? 49  ASP A C   1 
ATOM   200  O O   . ASP A 1 49  ? -1.494  -25.169 -3.849  1.00 22.55 ? 49  ASP A O   1 
ATOM   201  C CB  . ASP A 1 49  ? 1.448   -24.664 -5.315  1.00 33.83 ? 49  ASP A CB  1 
ATOM   202  C CG  . ASP A 1 49  ? 2.748   -25.379 -5.486  1.00 35.77 ? 49  ASP A CG  1 
ATOM   203  O OD1 . ASP A 1 49  ? 2.803   -26.576 -5.189  1.00 41.67 ? 49  ASP A OD1 1 
ATOM   204  O OD2 . ASP A 1 49  ? 3.745   -24.732 -5.895  1.00 38.07 ? 49  ASP A OD2 1 
ATOM   205  N N   . LEU A 1 50  ? -1.540  -23.857 -5.667  1.00 21.33 ? 50  LEU A N   1 
ATOM   206  C CA  . LEU A 1 50  ? -2.684  -23.071 -5.159  1.00 20.00 ? 50  LEU A CA  1 
ATOM   207  C C   . LEU A 1 50  ? -3.940  -23.931 -5.057  1.00 20.89 ? 50  LEU A C   1 
ATOM   208  O O   . LEU A 1 50  ? -4.757  -23.822 -4.097  1.00 18.06 ? 50  LEU A O   1 
ATOM   209  C CB  . LEU A 1 50  ? -2.913  -21.880 -6.104  1.00 19.50 ? 50  LEU A CB  1 
ATOM   210  C CG  . LEU A 1 50  ? -1.723  -20.888 -6.090  1.00 20.25 ? 50  LEU A CG  1 
ATOM   211  C CD1 . LEU A 1 50  ? -2.000  -19.772 -7.082  1.00 20.14 ? 50  LEU A CD1 1 
ATOM   212  C CD2 . LEU A 1 50  ? -1.619  -20.373 -4.628  1.00 20.35 ? 50  LEU A CD2 1 
ATOM   213  N N   . ALA A 1 51  ? -4.100  -24.771 -6.092  1.00 22.20 ? 51  ALA A N   1 
ATOM   214  C CA  . ALA A 1 51  ? -5.257  -25.654 -6.158  1.00 22.34 ? 51  ALA A CA  1 
ATOM   215  C C   . ALA A 1 51  ? -5.172  -26.625 -4.985  1.00 22.64 ? 51  ALA A C   1 
ATOM   216  O O   . ALA A 1 51  ? -6.162  -26.735 -4.248  1.00 21.04 ? 51  ALA A O   1 
ATOM   217  C CB  . ALA A 1 51  ? -5.284  -26.408 -7.483  1.00 22.86 ? 51  ALA A CB  1 
ATOM   218  N N   . LYS A 1 52  ? -4.002  -27.261 -4.798  1.00 25.21 ? 52  LYS A N   1 
ATOM   219  C CA  . LYS A 1 52  ? -3.866  -28.261 -3.669  1.00 25.42 ? 52  LYS A CA  1 
ATOM   220  C C   . LYS A 1 52  ? -4.204  -27.599 -2.340  1.00 27.35 ? 52  LYS A C   1 
ATOM   221  O O   . LYS A 1 52  ? -5.134  -28.046 -1.652  1.00 27.59 ? 52  LYS A O   1 
ATOM   222  C CB  . LYS A 1 52  ? -2.526  -29.025 -3.646  1.00 28.31 ? 52  LYS A CB  1 
ATOM   223  N N   . GLY A 1 53  ? -3.592  -26.426 -2.038  1.00 26.52 ? 53  GLY A N   1 
ATOM   224  C CA  . GLY A 1 53  ? -3.881  -25.795 -0.757  1.00 23.78 ? 53  GLY A CA  1 
ATOM   225  C C   . GLY A 1 53  ? -5.327  -25.396 -0.588  1.00 22.63 ? 53  GLY A C   1 
ATOM   226  O O   . GLY A 1 53  ? -5.823  -25.324 0.504   1.00 22.16 ? 53  GLY A O   1 
ATOM   227  N N   . ALA A 1 54  ? -6.052  -25.105 -1.661  1.00 21.65 ? 54  ALA A N   1 
ATOM   228  C CA  . ALA A 1 54  ? -7.464  -24.692 -1.535  1.00 19.55 ? 54  ALA A CA  1 
ATOM   229  C C   . ALA A 1 54  ? -8.398  -25.887 -1.616  1.00 22.36 ? 54  ALA A C   1 
ATOM   230  O O   . ALA A 1 54  ? -9.624  -25.732 -1.514  1.00 20.75 ? 54  ALA A O   1 
ATOM   231  C CB  . ALA A 1 54  ? -7.867  -23.672 -2.631  1.00 19.94 ? 54  ALA A CB  1 
ATOM   232  N N   . GLY A 1 55  ? -7.802  -27.054 -1.836  1.00 25.77 ? 55  GLY A N   1 
ATOM   233  C CA  . GLY A 1 55  ? -8.561  -28.321 -1.818  1.00 24.68 ? 55  GLY A CA  1 
ATOM   234  C C   . GLY A 1 55  ? -9.439  -28.461 -3.067  1.00 22.29 ? 55  GLY A C   1 
ATOM   235  O O   . GLY A 1 55  ? -10.525 -28.972 -2.971  1.00 23.28 ? 55  GLY A O   1 
ATOM   236  N N   . ILE A 1 56  ? -8.959  -28.031 -4.229  1.00 22.33 ? 56  ILE A N   1 
ATOM   237  C CA  . ILE A 1 56  ? -9.747  -28.150 -5.496  1.00 18.81 ? 56  ILE A CA  1 
ATOM   238  C C   . ILE A 1 56  ? -8.820  -28.678 -6.483  1.00 17.44 ? 56  ILE A C   1 
ATOM   239  O O   . ILE A 1 56  ? -7.618  -28.670 -6.265  1.00 16.01 ? 56  ILE A O   1 
ATOM   240  C CB  . ILE A 1 56  ? -10.270 -26.766 -5.968  1.00 18.45 ? 56  ILE A CB  1 
ATOM   241  C CG1 . ILE A 1 56  ? -9.080  -25.791 -6.105  1.00 18.75 ? 56  ILE A CG1 1 
ATOM   242  C CG2 . ILE A 1 56  ? -11.314 -26.241 -5.013  1.00 19.74 ? 56  ILE A CG2 1 
ATOM   243  C CD1 . ILE A 1 56  ? -9.501  -24.362 -6.563  1.00 21.33 ? 56  ILE A CD1 1 
ATOM   244  N N   . SER A 1 57  ? -9.326  -29.063 -7.671  1.00 17.44 ? 57  SER A N   1 
ATOM   245  C CA  . SER A 1 57  ? -8.436  -29.490 -8.767  1.00 16.39 ? 57  SER A CA  1 
ATOM   246  C C   . SER A 1 57  ? -7.887  -28.284 -9.531  1.00 17.31 ? 57  SER A C   1 
ATOM   247  O O   . SER A 1 57  ? -8.370  -27.155 -9.408  1.00 15.68 ? 57  SER A O   1 
ATOM   248  C CB  . SER A 1 57  ? -9.279  -30.350 -9.748  1.00 16.34 ? 57  SER A CB  1 
ATOM   249  O OG  . SER A 1 57  ? -10.243 -29.515 -10.362 1.00 12.90 ? 57  SER A OG  1 
ATOM   250  N N   . ARG A 1 58  ? -6.906  -28.544 -10.354 1.00 15.39 ? 58  ARG A N   1 
ATOM   251  C CA  . ARG A 1 58  ? -6.415  -27.575 -11.274 1.00 17.89 ? 58  ARG A CA  1 
ATOM   252  C C   . ARG A 1 58  ? -7.440  -26.967 -12.240 1.00 16.65 ? 58  ARG A C   1 
ATOM   253  O O   . ARG A 1 58  ? -7.549  -25.738 -12.344 1.00 14.09 ? 58  ARG A O   1 
ATOM   254  C CB  . ARG A 1 58  ? -5.162  -28.137 -11.939 1.00 20.45 ? 58  ARG A CB  1 
ATOM   255  C CG  . ARG A 1 58  ? -4.587  -27.408 -13.149 1.00 26.96 ? 58  ARG A CG  1 
ATOM   256  C CD  . ARG A 1 58  ? -3.314  -28.174 -13.595 1.00 32.05 ? 58  ARG A CD  1 
ATOM   257  N NE  . ARG A 1 58  ? -2.820  -27.638 -14.844 1.00 43.40 ? 58  ARG A NE  1 
ATOM   258  C CZ  . ARG A 1 58  ? -1.885  -26.669 -14.950 1.00 54.74 ? 58  ARG A CZ  1 
ATOM   259  N NH1 . ARG A 1 58  ? -1.310  -26.145 -13.870 1.00 54.62 ? 58  ARG A NH1 1 
ATOM   260  N NH2 . ARG A 1 58  ? -1.502  -26.217 -16.150 1.00 53.66 ? 58  ARG A NH2 1 
ATOM   261  N N   . PRO A 1 59  ? -8.279  -27.803 -12.948 1.00 15.05 ? 59  PRO A N   1 
ATOM   262  C CA  . PRO A 1 59  ? -9.270  -27.097 -13.795 1.00 13.57 ? 59  PRO A CA  1 
ATOM   263  C C   . PRO A 1 59  ? -10.308 -26.305 -12.982 1.00 11.60 ? 59  PRO A C   1 
ATOM   264  O O   . PRO A 1 59  ? -10.842 -25.265 -13.447 1.00 11.45 ? 59  PRO A O   1 
ATOM   265  C CB  . PRO A 1 59  ? -9.996  -28.269 -14.580 1.00 12.14 ? 59  PRO A CB  1 
ATOM   266  C CG  . PRO A 1 59  ? -9.621  -29.482 -13.816 1.00 12.73 ? 59  PRO A CG  1 
ATOM   267  C CD  . PRO A 1 59  ? -8.206  -29.240 -13.279 1.00 15.25 ? 59  PRO A CD  1 
ATOM   268  N N   . THR A 1 60  ? -10.529 -26.732 -11.778 1.00 11.37 ? 60  THR A N   1 
ATOM   269  C CA  . THR A 1 60  ? -11.530 -25.961 -10.939 1.00 11.26 ? 60  THR A CA  1 
ATOM   270  C C   . THR A 1 60  ? -10.914 -24.559 -10.613 1.00 11.71 ? 60  THR A C   1 
ATOM   271  O O   . THR A 1 60  ? -11.653 -23.545 -10.640 1.00 12.72 ? 60  THR A O   1 
ATOM   272  C CB  . THR A 1 60  ? -12.013 -26.717 -9.679  1.00 11.51 ? 60  THR A CB  1 
ATOM   273  O OG1 . THR A 1 60  ? -12.879 -27.824 -10.055 1.00 11.97 ? 60  THR A OG1 1 
ATOM   274  C CG2 . THR A 1 60  ? -12.985 -25.861 -8.847  1.00 11.75 ? 60  THR A CG2 1 
ATOM   275  N N   . PHE A 1 61  ? -9.638  -24.560 -10.331 1.00 12.88 ? 61  PHE A N   1 
ATOM   276  C CA  . PHE A 1 61  ? -8.866  -23.290 -10.059 1.00 14.86 ? 61  PHE A CA  1 
ATOM   277  C C   . PHE A 1 61  ? -9.133  -22.305 -11.182 1.00 17.64 ? 61  PHE A C   1 
ATOM   278  O O   . PHE A 1 61  ? -9.533  -21.135 -10.935 1.00 16.59 ? 61  PHE A O   1 
ATOM   279  C CB  . PHE A 1 61  ? -7.394  -23.557 -9.936  1.00 17.11 ? 61  PHE A CB  1 
ATOM   280  C CG  . PHE A 1 61  ? -6.555  -22.287 -9.923  1.00 18.34 ? 61  PHE A CG  1 
ATOM   281  C CD1 . PHE A 1 61  ? -6.245  -21.671 -8.704  1.00 19.04 ? 61  PHE A CD1 1 
ATOM   282  C CD2 . PHE A 1 61  ? -6.122  -21.692 -11.124 1.00 18.02 ? 61  PHE A CD2 1 
ATOM   283  C CE1 . PHE A 1 61  ? -5.466  -20.500 -8.695  1.00 18.35 ? 61  PHE A CE1 1 
ATOM   284  C CE2 . PHE A 1 61  ? -5.339  -20.511 -11.117 1.00 20.79 ? 61  PHE A CE2 1 
ATOM   285  C CZ  . PHE A 1 61  ? -5.009  -19.923 -9.896  1.00 18.27 ? 61  PHE A CZ  1 
ATOM   286  N N   . TYR A 1 62  ? -8.975  -22.811 -12.414 1.00 17.82 ? 62  TYR A N   1 
ATOM   287  C CA  . TYR A 1 62  ? -9.100  -21.996 -13.633 1.00 20.27 ? 62  TYR A CA  1 
ATOM   288  C C   . TYR A 1 62  ? -10.452 -21.462 -13.880 1.00 19.16 ? 62  TYR A C   1 
ATOM   289  O O   . TYR A 1 62  ? -10.615 -20.450 -14.599 1.00 23.30 ? 62  TYR A O   1 
ATOM   290  C CB  . TYR A 1 62  ? -8.592  -22.731 -14.859 1.00 19.89 ? 62  TYR A CB  1 
ATOM   291  C CG  . TYR A 1 62  ? -7.149  -22.793 -14.966 1.00 23.21 ? 62  TYR A CG  1 
ATOM   292  C CD1 . TYR A 1 62  ? -6.377  -21.624 -15.005 1.00 22.47 ? 62  TYR A CD1 1 
ATOM   293  C CD2 . TYR A 1 62  ? -6.509  -24.005 -15.031 1.00 23.40 ? 62  TYR A CD2 1 
ATOM   294  C CE1 . TYR A 1 62  ? -5.011  -21.696 -15.114 1.00 22.70 ? 62  TYR A CE1 1 
ATOM   295  C CE2 . TYR A 1 62  ? -5.153  -24.061 -15.157 1.00 26.37 ? 62  TYR A CE2 1 
ATOM   296  C CZ  . TYR A 1 62  ? -4.412  -22.873 -15.177 1.00 25.07 ? 62  TYR A CZ  1 
ATOM   297  O OH  . TYR A 1 62  ? -3.045  -22.931 -15.291 1.00 25.56 ? 62  TYR A OH  1 
ATOM   298  N N   . PHE A 1 63  ? -11.445 -22.068 -13.271 1.00 20.15 ? 63  PHE A N   1 
ATOM   299  C CA  . PHE A 1 63  ? -12.736 -21.494 -13.266 1.00 19.90 ? 63  PHE A CA  1 
ATOM   300  C C   . PHE A 1 63  ? -12.835 -20.176 -12.473 1.00 24.57 ? 63  PHE A C   1 
ATOM   301  O O   . PHE A 1 63  ? -13.575 -19.282 -12.862 1.00 21.21 ? 63  PHE A O   1 
ATOM   302  C CB  . PHE A 1 63  ? -13.731 -22.484 -12.696 1.00 22.51 ? 63  PHE A CB  1 
ATOM   303  C CG  . PHE A 1 63  ? -15.122 -21.975 -12.661 1.00 22.49 ? 63  PHE A CG  1 
ATOM   304  C CD1 . PHE A 1 63  ? -15.891 -21.938 -13.845 1.00 23.70 ? 63  PHE A CD1 1 
ATOM   305  C CD2 . PHE A 1 63  ? -15.702 -21.589 -11.477 1.00 22.88 ? 63  PHE A CD2 1 
ATOM   306  C CE1 . PHE A 1 63  ? -17.184 -21.463 -13.823 1.00 23.81 ? 63  PHE A CE1 1 
ATOM   307  C CE2 . PHE A 1 63  ? -17.025 -21.116 -11.442 1.00 25.74 ? 63  PHE A CE2 1 
ATOM   308  C CZ  . PHE A 1 63  ? -17.763 -21.052 -12.612 1.00 22.32 ? 63  PHE A CZ  1 
ATOM   309  N N   . TYR A 1 64  ? -12.151 -20.088 -11.337 1.00 22.84 ? 64  TYR A N   1 
ATOM   310  C CA  . TYR A 1 64  ? -12.191 -18.889 -10.486 1.00 22.72 ? 64  TYR A CA  1 
ATOM   311  C C   . TYR A 1 64  ? -11.180 -17.779 -10.900 1.00 22.17 ? 64  TYR A C   1 
ATOM   312  O O   . TYR A 1 64  ? -11.488 -16.600 -10.685 1.00 22.69 ? 64  TYR A O   1 
ATOM   313  C CB  . TYR A 1 64  ? -11.894 -19.308 -9.039  1.00 23.12 ? 64  TYR A CB  1 
ATOM   314  C CG  . TYR A 1 64  ? -13.008 -20.094 -8.478  1.00 22.01 ? 64  TYR A CG  1 
ATOM   315  C CD1 . TYR A 1 64  ? -14.198 -19.472 -8.159  1.00 24.29 ? 64  TYR A CD1 1 
ATOM   316  C CD2 . TYR A 1 64  ? -12.910 -21.490 -8.345  1.00 21.25 ? 64  TYR A CD2 1 
ATOM   317  C CE1 . TYR A 1 64  ? -15.271 -20.192 -7.695  1.00 25.69 ? 64  TYR A CE1 1 
ATOM   318  C CE2 . TYR A 1 64  ? -13.989 -22.244 -7.877  1.00 23.13 ? 64  TYR A CE2 1 
ATOM   319  C CZ  . TYR A 1 64  ? -15.153 -21.560 -7.535  1.00 25.65 ? 64  TYR A CZ  1 
ATOM   320  O OH  . TYR A 1 64  ? -16.239 -22.193 -7.066  1.00 27.19 ? 64  TYR A OH  1 
ATOM   321  N N   . PHE A 1 65  ? -9.997  -18.161 -11.412 1.00 19.39 ? 65  PHE A N   1 
ATOM   322  C CA  . PHE A 1 65  ? -8.922  -17.248 -11.794 1.00 19.92 ? 65  PHE A CA  1 
ATOM   323  C C   . PHE A 1 65  ? -8.269  -17.768 -13.019 1.00 21.60 ? 65  PHE A C   1 
ATOM   324  O O   . PHE A 1 65  ? -7.976  -18.981 -13.108 1.00 21.69 ? 65  PHE A O   1 
ATOM   325  C CB  . PHE A 1 65  ? -7.793  -17.100 -10.683 1.00 16.98 ? 65  PHE A CB  1 
ATOM   326  C CG  . PHE A 1 65  ? -8.307  -16.519 -9.407  1.00 18.04 ? 65  PHE A CG  1 
ATOM   327  C CD1 . PHE A 1 65  ? -8.297  -15.113 -9.221  1.00 18.59 ? 65  PHE A CD1 1 
ATOM   328  C CD2 . PHE A 1 65  ? -8.804  -17.341 -8.373  1.00 17.46 ? 65  PHE A CD2 1 
ATOM   329  C CE1 . PHE A 1 65  ? -8.777  -14.569 -8.048  1.00 17.51 ? 65  PHE A CE1 1 
ATOM   330  C CE2 . PHE A 1 65  ? -9.283  -16.791 -7.197  1.00 18.43 ? 65  PHE A CE2 1 
ATOM   331  C CZ  . PHE A 1 65  ? -9.275  -15.394 -7.032  1.00 17.90 ? 65  PHE A CZ  1 
ATOM   332  N N   . PRO A 1 66  ? -7.953  -16.848 -13.957 1.00 23.98 ? 66  PRO A N   1 
ATOM   333  C CA  . PRO A 1 66  ? -7.249  -17.243 -15.172 1.00 22.72 ? 66  PRO A CA  1 
ATOM   334  C C   . PRO A 1 66  ? -5.802  -17.631 -15.001 1.00 23.00 ? 66  PRO A C   1 
ATOM   335  O O   . PRO A 1 66  ? -5.240  -18.166 -15.931 1.00 21.27 ? 66  PRO A O   1 
ATOM   336  C CB  . PRO A 1 66  ? -7.359  -15.994 -16.082 1.00 24.00 ? 66  PRO A CB  1 
ATOM   337  C CG  . PRO A 1 66  ? -7.787  -14.874 -15.202 1.00 24.83 ? 66  PRO A CG  1 
ATOM   338  C CD  . PRO A 1 66  ? -8.447  -15.451 -13.996 1.00 25.83 ? 66  PRO A CD  1 
ATOM   339  N N   . SER A 1 67  ? -5.153  -17.342 -13.854 1.00 22.09 ? 67  SER A N   1 
ATOM   340  C CA  . SER A 1 67  ? -3.708  -17.519 -13.743 1.00 23.13 ? 67  SER A CA  1 
ATOM   341  C C   . SER A 1 67  ? -3.278  -17.213 -12.282 1.00 22.78 ? 67  SER A C   1 
ATOM   342  O O   . SER A 1 67  ? -4.044  -16.627 -11.512 1.00 21.86 ? 67  SER A O   1 
ATOM   343  C CB  . SER A 1 67  ? -3.027  -16.465 -14.608 1.00 26.30 ? 67  SER A CB  1 
ATOM   344  O OG  . SER A 1 67  ? -3.402  -15.179 -14.082 1.00 26.57 ? 67  SER A OG  1 
ATOM   345  N N   . LYS A 1 68  ? -2.089  -17.631 -11.907 1.00 23.93 ? 68  LYS A N   1 
ATOM   346  C CA  . LYS A 1 68  ? -1.644  -17.298 -10.532 1.00 26.96 ? 68  LYS A CA  1 
ATOM   347  C C   . LYS A 1 68  ? -1.406  -15.779 -10.397 1.00 27.72 ? 68  LYS A C   1 
ATOM   348  O O   . LYS A 1 68  ? -1.617  -15.221 -9.318  1.00 24.04 ? 68  LYS A O   1 
ATOM   349  C CB  . LYS A 1 68  ? -0.390  -18.078 -10.166 1.00 24.46 ? 68  LYS A CB  1 
ATOM   350  C CG  . LYS A 1 68  ? 0.858   -17.587 -10.866 1.00 28.32 ? 68  LYS A CG  1 
ATOM   351  C CD  . LYS A 1 68  ? 1.904   -18.680 -10.912 1.00 29.74 ? 68  LYS A CD  1 
ATOM   352  C CE  . LYS A 1 68  ? 3.261   -18.154 -11.333 1.00 30.90 ? 68  LYS A CE  1 
ATOM   353  N NZ  . LYS A 1 68  ? 4.195   -19.317 -11.184 1.00 37.38 ? 68  LYS A NZ  1 
ATOM   354  N N   . GLU A 1 69  ? -1.022  -15.145 -11.513 1.00 25.94 ? 69  GLU A N   1 
ATOM   355  C CA  . GLU A 1 69  ? -0.776  -13.700 -11.580 1.00 28.33 ? 69  GLU A CA  1 
ATOM   356  C C   . GLU A 1 69  ? -2.081  -12.979 -11.310 1.00 28.42 ? 69  GLU A C   1 
ATOM   357  O O   . GLU A 1 69  ? -2.092  -11.944 -10.663 1.00 24.33 ? 69  GLU A O   1 
ATOM   358  C CB  . GLU A 1 69  ? -0.206  -13.310 -12.950 1.00 29.74 ? 69  GLU A CB  1 
ATOM   359  C CG  . GLU A 1 69  ? 1.226   -13.807 -13.237 1.00 31.80 ? 69  GLU A CG  1 
ATOM   360  C CD  . GLU A 1 69  ? 1.346   -15.267 -13.747 1.00 32.88 ? 69  GLU A CD  1 
ATOM   361  O OE1 . GLU A 1 69  ? 0.353   -15.953 -14.119 1.00 31.78 ? 69  GLU A OE1 1 
ATOM   362  O OE2 . GLU A 1 69  ? 2.487   -15.756 -13.782 1.00 42.25 ? 69  GLU A OE2 1 
ATOM   363  N N   . ALA A 1 70  ? -3.214  -13.545 -11.746 1.00 22.30 ? 70  ALA A N   1 
ATOM   364  C CA  . ALA A 1 70  ? -4.506  -12.941 -11.480 1.00 19.42 ? 70  ALA A CA  1 
ATOM   365  C C   . ALA A 1 70  ? -4.871  -13.045 -10.041 1.00 17.45 ? 70  ALA A C   1 
ATOM   366  O O   . ALA A 1 70  ? -5.638  -12.212 -9.523  1.00 16.26 ? 70  ALA A O   1 
ATOM   367  C CB  . ALA A 1 70  ? -5.607  -13.578 -12.335 1.00 20.63 ? 70  ALA A CB  1 
ATOM   368  N N   . VAL A 1 71  ? -4.395  -14.108 -9.378  1.00 15.96 ? 71  VAL A N   1 
ATOM   369  C CA  . VAL A 1 71  ? -4.655  -14.252 -7.960  1.00 14.62 ? 71  VAL A CA  1 
ATOM   370  C C   . VAL A 1 71  ? -3.917  -13.129 -7.161  1.00 14.77 ? 71  VAL A C   1 
ATOM   371  O O   . VAL A 1 71  ? -4.492  -12.561 -6.225  1.00 14.52 ? 71  VAL A O   1 
ATOM   372  C CB  . VAL A 1 71  ? -4.178  -15.616 -7.437  1.00 15.30 ? 71  VAL A CB  1 
ATOM   373  C CG1 . VAL A 1 71  ? -4.302  -15.696 -5.920  1.00 15.51 ? 71  VAL A CG1 1 
ATOM   374  C CG2 . VAL A 1 71  ? -5.009  -16.741 -8.123  1.00 13.69 ? 71  VAL A CG2 1 
ATOM   375  N N   . LEU A 1 72  ? -2.669  -12.940 -7.499  1.00 16.13 ? 72  LEU A N   1 
ATOM   376  C CA  . LEU A 1 72  ? -1.880  -11.825 -6.884  1.00 17.30 ? 72  LEU A CA  1 
ATOM   377  C C   . LEU A 1 72  ? -2.547  -10.473 -7.116  1.00 18.52 ? 72  LEU A C   1 
ATOM   378  O O   . LEU A 1 72  ? -2.593  -9.666  -6.209  1.00 20.10 ? 72  LEU A O   1 
ATOM   379  C CB  . LEU A 1 72  ? -0.488  -11.791 -7.416  1.00 16.79 ? 72  LEU A CB  1 
ATOM   380  C CG  . LEU A 1 72  ? 0.389   -10.614 -6.883  1.00 17.76 ? 72  LEU A CG  1 
ATOM   381  C CD1 . LEU A 1 72  ? 0.433   -10.700 -5.358  1.00 18.02 ? 72  LEU A CD1 1 
ATOM   382  C CD2 . LEU A 1 72  ? 1.751   -10.704 -7.522  1.00 19.32 ? 72  LEU A CD2 1 
ATOM   383  N N   . LEU A 1 73  ? -3.096  -10.244 -8.317  1.00 18.10 ? 73  LEU A N   1 
ATOM   384  C CA  . LEU A 1 73  ? -3.705  -8.978  -8.650  1.00 16.46 ? 73  LEU A CA  1 
ATOM   385  C C   . LEU A 1 73  ? -4.859  -8.771  -7.773  1.00 16.12 ? 73  LEU A C   1 
ATOM   386  O O   . LEU A 1 73  ? -5.050  -7.666  -7.248  1.00 15.06 ? 73  LEU A O   1 
ATOM   387  C CB  . LEU A 1 73  ? -4.104  -8.923  -10.151 1.00 17.22 ? 73  LEU A CB  1 
ATOM   388  C CG  . LEU A 1 73  ? -4.942  -7.726  -10.591 1.00 20.55 ? 73  LEU A CG  1 
ATOM   389  C CD1 . LEU A 1 73  ? -4.171  -6.411  -10.361 1.00 19.80 ? 73  LEU A CD1 1 
ATOM   390  C CD2 . LEU A 1 73  ? -5.330  -7.964  -12.065 1.00 20.77 ? 73  LEU A CD2 1 
ATOM   391  N N   . THR A 1 74  ? -5.689  -9.816  -7.545  1.00 14.97 ? 74  THR A N   1 
ATOM   392  C CA  . THR A 1 74  ? -6.782  -9.665  -6.634  1.00 13.98 ? 74  THR A CA  1 
ATOM   393  C C   . THR A 1 74  ? -6.331  -9.435  -5.211  1.00 13.87 ? 74  THR A C   1 
ATOM   394  O O   . THR A 1 74  ? -6.981  -8.692  -4.486  1.00 14.27 ? 74  THR A O   1 
ATOM   395  C CB  . THR A 1 74  ? -7.710  -10.941 -6.646  1.00 16.14 ? 74  THR A CB  1 
ATOM   396  O OG1 . THR A 1 74  ? -8.203  -11.085 -7.960  1.00 20.73 ? 74  THR A OG1 1 
ATOM   397  C CG2 . THR A 1 74  ? -8.907  -10.794 -5.789  1.00 16.50 ? 74  THR A CG2 1 
ATOM   398  N N   . LEU A 1 75  ? -5.308  -10.166 -4.779  1.00 14.10 ? 75  LEU A N   1 
ATOM   399  C CA  . LEU A 1 75  ? -4.845  -9.971  -3.394  1.00 15.39 ? 75  LEU A CA  1 
ATOM   400  C C   . LEU A 1 75  ? -4.410  -8.480  -3.206  1.00 14.44 ? 75  LEU A C   1 
ATOM   401  O O   . LEU A 1 75  ? -4.814  -7.888  -2.213  1.00 13.91 ? 75  LEU A O   1 
ATOM   402  C CB  . LEU A 1 75  ? -3.680  -10.845 -3.048  1.00 16.85 ? 75  LEU A CB  1 
ATOM   403  C CG  . LEU A 1 75  ? -4.057  -12.305 -2.805  1.00 17.21 ? 75  LEU A CG  1 
ATOM   404  C CD1 . LEU A 1 75  ? -2.751  -13.159 -2.899  1.00 19.35 ? 75  LEU A CD1 1 
ATOM   405  C CD2 . LEU A 1 75  ? -4.852  -12.448 -1.520  1.00 18.04 ? 75  LEU A CD2 1 
ATOM   406  N N   . LEU A 1 76  ? -3.663  -7.955  -4.179  1.00 14.68 ? 76  LEU A N   1 
ATOM   407  C CA  . LEU A 1 76  ? -3.131  -6.565  -4.123  1.00 16.39 ? 76  LEU A CA  1 
ATOM   408  C C   . LEU A 1 76  ? -4.267  -5.578  -4.172  1.00 16.73 ? 76  LEU A C   1 
ATOM   409  O O   . LEU A 1 76  ? -4.356  -4.660  -3.376  1.00 16.61 ? 76  LEU A O   1 
ATOM   410  C CB  . LEU A 1 76  ? -2.147  -6.350  -5.257  1.00 16.57 ? 76  LEU A CB  1 
ATOM   411  C CG  . LEU A 1 76  ? -1.482  -4.960  -5.229  1.00 20.07 ? 76  LEU A CG  1 
ATOM   412  C CD1 . LEU A 1 76  ? -0.645  -4.818  -3.923  1.00 19.27 ? 76  LEU A CD1 1 
ATOM   413  C CD2 . LEU A 1 76  ? -0.642  -4.752  -6.477  1.00 21.75 ? 76  LEU A CD2 1 
ATOM   414  N N   . ASP A 1 77  ? -5.239  -5.843  -5.048  1.00 17.53 ? 77  ASP A N   1 
ATOM   415  C CA  . ASP A 1 77  ? -6.409  -5.035  -5.135  1.00 17.80 ? 77  ASP A CA  1 
ATOM   416  C C   . ASP A 1 77  ? -7.116  -4.948  -3.787  1.00 16.65 ? 77  ASP A C   1 
ATOM   417  O O   . ASP A 1 77  ? -7.547  -3.858  -3.384  1.00 16.26 ? 77  ASP A O   1 
ATOM   418  C CB  . ASP A 1 77  ? -7.346  -5.581  -6.219  1.00 23.10 ? 77  ASP A CB  1 
ATOM   419  C CG  . ASP A 1 77  ? -8.531  -4.709  -6.431  1.00 30.70 ? 77  ASP A CG  1 
ATOM   420  O OD1 . ASP A 1 77  ? -8.436  -3.666  -7.116  1.00 32.59 ? 77  ASP A OD1 1 
ATOM   421  O OD2 . ASP A 1 77  ? -9.578  -5.051  -5.860  1.00 40.44 ? 77  ASP A OD2 1 
ATOM   422  N N   . ARG A 1 78  ? -7.299  -6.066  -3.074  1.00 15.92 ? 78  ARG A N   1 
ATOM   423  C CA  . ARG A 1 78  ? -7.951  -6.000  -1.793  1.00 16.12 ? 78  ARG A CA  1 
ATOM   424  C C   . ARG A 1 78  ? -7.172  -5.178  -0.778  1.00 14.55 ? 78  ARG A C   1 
ATOM   425  O O   . ARG A 1 78  ? -7.783  -4.504  0.044   1.00 13.72 ? 78  ARG A O   1 
ATOM   426  C CB  . ARG A 1 78  ? -8.116  -7.438  -1.194  1.00 21.38 ? 78  ARG A CB  1 
ATOM   427  C CG  . ARG A 1 78  ? -9.054  -8.280  -2.052  1.00 30.05 ? 78  ARG A CG  1 
ATOM   428  C CD  . ARG A 1 78  ? -8.818  -9.791  -1.894  1.00 34.46 ? 78  ARG A CD  1 
ATOM   429  N NE  . ARG A 1 78  ? -9.276  -10.295 -0.597  1.00 39.05 ? 78  ARG A NE  1 
ATOM   430  C CZ  . ARG A 1 78  ? -10.560 -10.295 -0.220  1.00 49.59 ? 78  ARG A CZ  1 
ATOM   431  N NH1 . ARG A 1 78  ? -11.486 -9.767  -1.013  1.00 49.12 ? 78  ARG A NH1 1 
ATOM   432  N NH2 . ARG A 1 78  ? -10.918 -10.781 0.959   1.00 50.99 ? 78  ARG A NH2 1 
ATOM   433  N N   . VAL A 1 79  ? -5.859  -5.373  -0.763  1.00 13.29 ? 79  VAL A N   1 
ATOM   434  C CA  . VAL A 1 79  ? -4.967  -4.624  0.207   1.00 13.04 ? 79  VAL A CA  1 
ATOM   435  C C   . VAL A 1 79  ? -5.004  -3.109  -0.089  1.00 13.27 ? 79  VAL A C   1 
ATOM   436  O O   . VAL A 1 79  ? -5.240  -2.297  0.814   1.00 11.32 ? 79  VAL A O   1 
ATOM   437  C CB  . VAL A 1 79  ? -3.503  -5.134  0.267   1.00 12.71 ? 79  VAL A CB  1 
ATOM   438  C CG1 . VAL A 1 79  ? -2.691  -4.201  1.219   1.00 12.46 ? 79  VAL A CG1 1 
ATOM   439  C CG2 . VAL A 1 79  ? -3.521  -6.569  0.823   1.00 13.12 ? 79  VAL A CG2 1 
ATOM   440  N N   . VAL A 1 80  ? -4.892  -2.743  -1.347  1.00 12.67 ? 80  VAL A N   1 
ATOM   441  C CA  . VAL A 1 80  ? -4.906  -1.315  -1.726  1.00 13.63 ? 80  VAL A CA  1 
ATOM   442  C C   . VAL A 1 80  ? -6.237  -0.634  -1.411  1.00 14.57 ? 80  VAL A C   1 
ATOM   443  O O   . VAL A 1 80  ? -6.361  0.478   -0.833  1.00 11.52 ? 80  VAL A O   1 
ATOM   444  C CB  . VAL A 1 80  ? -4.588  -1.290  -3.210  1.00 14.92 ? 80  VAL A CB  1 
ATOM   445  C CG1 . VAL A 1 80  ? -5.099  -0.040  -3.860  1.00 17.07 ? 80  VAL A CG1 1 
ATOM   446  C CG2 . VAL A 1 80  ? -3.101  -1.565  -3.424  1.00 14.32 ? 80  VAL A CG2 1 
ATOM   447  N N   . ASN A 1 81  ? -7.314  -1.358  -1.713  1.00 13.67 ? 81  ASN A N   1 
ATOM   448  C CA  . ASN A 1 81  ? -8.593  -0.804  -1.330  1.00 13.83 ? 81  ASN A CA  1 
ATOM   449  C C   . ASN A 1 81  ? -8.850  -0.771  0.166   1.00 12.63 ? 81  ASN A C   1 
ATOM   450  O O   . ASN A 1 81  ? -9.488  0.127   0.610   1.00 13.92 ? 81  ASN A O   1 
ATOM   451  C CB  . ASN A 1 81  ? -9.748  -1.572  -2.054  1.00 15.09 ? 81  ASN A CB  1 
ATOM   452  C CG  . ASN A 1 81  ? -9.907  -1.133  -3.482  1.00 15.80 ? 81  ASN A CG  1 
ATOM   453  O OD1 . ASN A 1 81  ? -10.594 -0.124  -3.757  1.00 18.11 ? 81  ASN A OD1 1 
ATOM   454  N ND2 . ASN A 1 81  ? -9.219  -1.802  -4.407  1.00 18.84 ? 81  ASN A ND2 1 
ATOM   455  N N   . GLN A 1 82  ? -8.331  -1.711  0.949   1.00 12.63 ? 82  GLN A N   1 
ATOM   456  C CA  . GLN A 1 82  ? -8.465  -1.600  2.403   1.00 13.28 ? 82  GLN A CA  1 
ATOM   457  C C   . GLN A 1 82  ? -7.786  -0.335  2.919   1.00 12.44 ? 82  GLN A C   1 
ATOM   458  O O   . GLN A 1 82  ? -8.323  0.405   3.750   1.00 11.52 ? 82  GLN A O   1 
ATOM   459  C CB  . GLN A 1 82  ? -7.744  -2.803  3.013   1.00 16.88 ? 82  GLN A CB  1 
ATOM   460  C CG  . GLN A 1 82  ? -8.024  -2.967  4.487   1.00 23.08 ? 82  GLN A CG  1 
ATOM   461  C CD  . GLN A 1 82  ? -7.190  -4.138  5.042   1.00 28.80 ? 82  GLN A CD  1 
ATOM   462  O OE1 . GLN A 1 82  ? -6.813  -5.087  4.305   1.00 34.69 ? 82  GLN A OE1 1 
ATOM   463  N NE2 . GLN A 1 82  ? -6.859  -4.052  6.306   1.00 29.68 ? 82  GLN A NE2 1 
ATOM   464  N N   . ALA A 1 83  ? -6.596  -0.045  2.353   1.00 11.41 ? 83  ALA A N   1 
ATOM   465  C CA  . ALA A 1 83  ? -5.868  1.177   2.790   1.00 10.12 ? 83  ALA A CA  1 
ATOM   466  C C   . ALA A 1 83  ? -6.672  2.404   2.355   1.00 9.58  ? 83  ALA A C   1 
ATOM   467  O O   . ALA A 1 83  ? -6.806  3.317   3.106   1.00 11.24 ? 83  ALA A O   1 
ATOM   468  C CB  . ALA A 1 83  ? -4.450  1.175   2.133   1.00 9.07  ? 83  ALA A CB  1 
ATOM   469  N N   . ASP A 1 84  ? -7.190  2.381   1.135   1.00 10.88 ? 84  ASP A N   1 
ATOM   470  C CA  . ASP A 1 84  ? -7.886  3.512   0.574   1.00 12.11 ? 84  ASP A CA  1 
ATOM   471  C C   . ASP A 1 84  ? -9.132  3.797   1.399   1.00 12.08 ? 84  ASP A C   1 
ATOM   472  O O   . ASP A 1 84  ? -9.380  4.922   1.748   1.00 10.34 ? 84  ASP A O   1 
ATOM   473  C CB  . ASP A 1 84  ? -8.230  3.293   -0.890  1.00 13.48 ? 84  ASP A CB  1 
ATOM   474  C CG  . ASP A 1 84  ? -8.696  4.592   -1.529  1.00 17.05 ? 84  ASP A CG  1 
ATOM   475  O OD1 . ASP A 1 84  ? -7.960  5.600   -1.462  1.00 13.77 ? 84  ASP A OD1 1 
ATOM   476  O OD2 . ASP A 1 84  ? -9.847  4.647   -1.987  1.00 16.69 ? 84  ASP A OD2 1 
ATOM   477  N N   . MET A 1 85  ? -9.923  2.753   1.664   1.00 13.02 ? 85  MET A N   1 
ATOM   478  C CA  . MET A 1 85  ? -11.111 2.902   2.558   1.00 15.08 ? 85  MET A CA  1 
ATOM   479  C C   . MET A 1 85  ? -10.737 3.390   3.934   1.00 14.16 ? 85  MET A C   1 
ATOM   480  O O   . MET A 1 85  ? -11.445 4.194   4.502   1.00 15.21 ? 85  MET A O   1 
ATOM   481  C CB  . MET A 1 85  ? -11.864 1.548   2.619   1.00 16.71 ? 85  MET A CB  1 
ATOM   482  C CG  . MET A 1 85  ? -12.419 1.218   1.257   1.00 21.44 ? 85  MET A CG  1 
ATOM   483  S SD  . MET A 1 85  ? -13.323 -0.377  1.142   1.00 38.05 ? 85  MET A SD  1 
ATOM   484  C CE  . MET A 1 85  ? -12.082 -1.665  0.983   1.00 30.36 ? 85  MET A CE  1 
ATOM   485  N N   . ALA A 1 86  ? -9.664  2.871   4.528   1.00 14.11 ? 86  ALA A N   1 
ATOM   486  C CA  . ALA A 1 86  ? -9.278  3.373   5.854   1.00 13.92 ? 86  ALA A CA  1 
ATOM   487  C C   . ALA A 1 86  ? -8.934  4.856   5.786   1.00 13.92 ? 86  ALA A C   1 
ATOM   488  O O   . ALA A 1 86  ? -9.305  5.654   6.681   1.00 13.49 ? 86  ALA A O   1 
ATOM   489  C CB  . ALA A 1 86  ? -8.081  2.604   6.445   1.00 13.37 ? 86  ALA A CB  1 
ATOM   490  N N   . LEU A 1 87  ? -8.247  5.247   4.724   1.00 13.65 ? 87  LEU A N   1 
ATOM   491  C CA  . LEU A 1 87  ? -7.884  6.669   4.633   1.00 12.76 ? 87  LEU A CA  1 
ATOM   492  C C   . LEU A 1 87  ? -9.184  7.527   4.406   1.00 13.94 ? 87  LEU A C   1 
ATOM   493  O O   . LEU A 1 87  ? -9.300  8.595   4.977   1.00 12.69 ? 87  LEU A O   1 
ATOM   494  C CB  . LEU A 1 87  ? -6.872  6.899   3.470   1.00 12.43 ? 87  LEU A CB  1 
ATOM   495  C CG  . LEU A 1 87  ? -6.453  8.367   3.316   1.00 11.27 ? 87  LEU A CG  1 
ATOM   496  C CD1 . LEU A 1 87  ? -5.563  8.832   4.496   1.00 12.27 ? 87  LEU A CD1 1 
ATOM   497  C CD2 . LEU A 1 87  ? -5.598  8.424   2.012   1.00 12.00 ? 87  LEU A CD2 1 
ATOM   498  N N   . GLN A 1 88  ? -10.133 7.028   3.601   1.00 15.26 ? 88  GLN A N   1 
ATOM   499  C CA  . GLN A 1 88  ? -11.441 7.749   3.442   1.00 18.18 ? 88  GLN A CA  1 
ATOM   500  C C   . GLN A 1 88  ? -12.138 7.935   4.794   1.00 18.54 ? 88  GLN A C   1 
ATOM   501  O O   . GLN A 1 88  ? -12.706 8.981   5.037   1.00 20.06 ? 88  GLN A O   1 
ATOM   502  C CB  . GLN A 1 88  ? -12.379 7.055   2.449   1.00 20.11 ? 88  GLN A CB  1 
ATOM   503  C CG  . GLN A 1 88  ? -11.725 7.092   1.070   1.00 30.56 ? 88  GLN A CG  1 
ATOM   504  C CD  . GLN A 1 88  ? -12.425 6.413   -0.115  1.00 39.41 ? 88  GLN A CD  1 
ATOM   505  O OE1 . GLN A 1 88  ? -12.894 5.261   -0.025  1.00 48.02 ? 88  GLN A OE1 1 
ATOM   506  N NE2 . GLN A 1 88  ? -12.394 7.101   -1.283  1.00 37.37 ? 88  GLN A NE2 1 
ATOM   507  N N   . THR A 1 89  ? -12.129 6.891   5.645   1.00 18.95 ? 89  THR A N   1 
ATOM   508  C CA  . THR A 1 89  ? -12.693 6.980   7.002   1.00 19.87 ? 89  THR A CA  1 
ATOM   509  C C   . THR A 1 89  ? -12.063 8.067   7.832   1.00 20.60 ? 89  THR A C   1 
ATOM   510  O O   . THR A 1 89  ? -12.766 8.930   8.449   1.00 20.28 ? 89  THR A O   1 
ATOM   511  C CB  . THR A 1 89  ? -12.480 5.656   7.753   1.00 21.53 ? 89  THR A CB  1 
ATOM   512  O OG1 . THR A 1 89  ? -13.202 4.674   7.058   1.00 26.12 ? 89  THR A OG1 1 
ATOM   513  C CG2 . THR A 1 89  ? -13.015 5.748   9.150   1.00 26.92 ? 89  THR A CG2 1 
ATOM   514  N N   . LEU A 1 90  ? -10.735 8.073   7.847   1.00 19.00 ? 90  LEU A N   1 
ATOM   515  C CA  . LEU A 1 90  ? -10.020 9.132   8.535   1.00 20.65 ? 90  LEU A CA  1 
ATOM   516  C C   . LEU A 1 90  ? -10.397 10.511  8.052   1.00 22.72 ? 90  LEU A C   1 
ATOM   517  O O   . LEU A 1 90  ? -10.569 11.437  8.863   1.00 25.15 ? 90  LEU A O   1 
ATOM   518  C CB  . LEU A 1 90  ? -8.511  9.019   8.339   1.00 21.65 ? 90  LEU A CB  1 
ATOM   519  C CG  . LEU A 1 90  ? -7.660  8.161   9.223   1.00 28.07 ? 90  LEU A CG  1 
ATOM   520  C CD1 . LEU A 1 90  ? -6.215  8.651   9.018   1.00 21.67 ? 90  LEU A CD1 1 
ATOM   521  C CD2 . LEU A 1 90  ? -8.170  8.265   10.672  1.00 26.48 ? 90  LEU A CD2 1 
ATOM   522  N N   . ALA A 1 91  ? -10.453 10.651  6.727   1.00 23.12 ? 91  ALA A N   1 
ATOM   523  C CA  . ALA A 1 91  ? -10.720 11.928  6.091   1.00 28.27 ? 91  ALA A CA  1 
ATOM   524  C C   . ALA A 1 91  ? -12.088 12.452  6.595   1.00 31.09 ? 91  ALA A C   1 
ATOM   525  O O   . ALA A 1 91  ? -12.211 13.597  6.971   1.00 33.32 ? 91  ALA A O   1 
ATOM   526  C CB  . ALA A 1 91  ? -10.713 11.751  4.566   1.00 25.29 ? 91  ALA A CB  1 
ATOM   527  N N   . GLU A 1 92  ? -13.089 11.575  6.626   1.00 32.21 ? 92  GLU A N   1 
ATOM   528  C CA  . GLU A 1 92  ? -14.435 11.899  7.097   1.00 35.74 ? 92  GLU A CA  1 
ATOM   529  C C   . GLU A 1 92  ? -14.550 12.037  8.616   1.00 38.19 ? 92  GLU A C   1 
ATOM   530  O O   . GLU A 1 92  ? -15.558 12.515  9.117   1.00 39.62 ? 92  GLU A O   1 
ATOM   531  C CB  . GLU A 1 92  ? -15.387 10.819  6.631   1.00 33.12 ? 92  GLU A CB  1 
ATOM   532  C CG  . GLU A 1 92  ? -15.537 10.768  5.134   1.00 35.51 ? 92  GLU A CG  1 
ATOM   533  C CD  . GLU A 1 92  ? -16.185 9.481   4.645   1.00 38.37 ? 92  GLU A CD  1 
ATOM   534  O OE1 . GLU A 1 92  ? -16.677 8.699   5.473   1.00 39.45 ? 92  GLU A OE1 1 
ATOM   535  O OE2 . GLU A 1 92  ? -16.200 9.235   3.432   1.00 41.06 ? 92  GLU A OE2 1 
ATOM   536  N N   . ASN A 1 93  ? -13.527 11.609  9.355   1.00 37.38 ? 93  ASN A N   1 
ATOM   537  C CA  . ASN A 1 93  ? -13.547 11.632  10.833  1.00 37.40 ? 93  ASN A CA  1 
ATOM   538  C C   . ASN A 1 93  ? -12.275 12.137  11.426  1.00 35.16 ? 93  ASN A C   1 
ATOM   539  O O   . ASN A 1 93  ? -11.583 11.368  12.133  1.00 36.02 ? 93  ASN A O   1 
ATOM   540  C CB  . ASN A 1 93  ? -13.759 10.238  11.386  1.00 37.05 ? 93  ASN A CB  1 
ATOM   541  C CG  . ASN A 1 93  ? -15.055 9.675   10.969  1.00 42.16 ? 93  ASN A CG  1 
ATOM   542  O OD1 . ASN A 1 93  ? -16.070 9.996   11.562  1.00 44.97 ? 93  ASN A OD1 1 
ATOM   543  N ND2 . ASN A 1 93  ? -15.059 8.892   9.907   1.00 40.08 ? 93  ASN A ND2 1 
ATOM   544  N N   . PRO A 1 94  ? -11.967 13.426  11.176  1.00 38.01 ? 94  PRO A N   1 
ATOM   545  C CA  . PRO A 1 94  ? -10.743 14.092  11.659  1.00 40.20 ? 94  PRO A CA  1 
ATOM   546  C C   . PRO A 1 94  ? -10.439 13.753  13.139  1.00 41.30 ? 94  PRO A C   1 
ATOM   547  O O   . PRO A 1 94  ? -11.313 13.917  13.981  1.00 36.04 ? 94  PRO A O   1 
ATOM   548  C CB  . PRO A 1 94  ? -11.080 15.611  11.490  1.00 41.26 ? 94  PRO A CB  1 
ATOM   549  C CG  . PRO A 1 94  ? -12.582 15.661  11.291  1.00 43.94 ? 94  PRO A CG  1 
ATOM   550  C CD  . PRO A 1 94  ? -12.902 14.388  10.540  1.00 38.63 ? 94  PRO A CD  1 
ATOM   551  N N   . ALA A 1 95  ? -9.231  13.253  13.427  1.00 41.78 ? 95  ALA A N   1 
ATOM   552  C CA  . ALA A 1 95  ? -8.804  12.990  14.794  1.00 43.11 ? 95  ALA A CA  1 
ATOM   553  C C   . ALA A 1 95  ? -8.599  14.352  15.478  1.00 40.59 ? 95  ALA A C   1 
ATOM   554  O O   . ALA A 1 95  ? -8.176  15.296  14.830  1.00 45.73 ? 95  ALA A O   1 
ATOM   555  C CB  . ALA A 1 95  ? -7.531  12.153  14.804  1.00 40.57 ? 95  ALA A CB  1 
ATOM   556  N N   . ASP A 1 96  ? -8.912  14.464  16.767  1.00 38.20 ? 96  ASP A N   1 
ATOM   557  C CA  . ASP A 1 96  ? -8.842  15.739  17.502  1.00 38.18 ? 96  ASP A CA  1 
ATOM   558  C C   . ASP A 1 96  ? -7.481  15.942  18.235  1.00 38.86 ? 96  ASP A C   1 
ATOM   559  O O   . ASP A 1 96  ? -7.268  15.617  19.433  1.00 34.10 ? 96  ASP A O   1 
ATOM   560  C CB  . ASP A 1 96  ? -10.018 15.844  18.465  1.00 43.96 ? 96  ASP A CB  1 
ATOM   561  C CG  . ASP A 1 96  ? -10.267 17.243  18.918  1.00 52.79 ? 96  ASP A CG  1 
ATOM   562  O OD1 . ASP A 1 96  ? -9.426  18.116  18.654  1.00 52.56 ? 96  ASP A OD1 1 
ATOM   563  O OD2 . ASP A 1 96  ? -11.329 17.476  19.527  1.00 62.80 ? 96  ASP A OD2 1 
ATOM   564  N N   . THR A 1 97  ? -6.535  16.475  17.484  1.00 35.17 ? 97  THR A N   1 
ATOM   565  C CA  . THR A 1 97  ? -5.146  16.444  17.907  1.00 31.29 ? 97  THR A CA  1 
ATOM   566  C C   . THR A 1 97  ? -4.358  17.467  17.053  1.00 29.64 ? 97  THR A C   1 
ATOM   567  O O   . THR A 1 97  ? -4.921  18.102  16.158  1.00 32.87 ? 97  THR A O   1 
ATOM   568  C CB  . THR A 1 97  ? -4.612  14.987  17.843  1.00 30.09 ? 97  THR A CB  1 
ATOM   569  O OG1 . THR A 1 97  ? -3.303  14.896  18.476  1.00 34.15 ? 97  THR A OG1 1 
ATOM   570  C CG2 . THR A 1 97  ? -4.642  14.441  16.379  1.00 29.97 ? 97  THR A CG2 1 
ATOM   571  N N   . ASP A 1 98  ? -3.078  17.667  17.326  1.00 29.99 ? 98  ASP A N   1 
ATOM   572  C CA  . ASP A 1 98  ? -2.350  18.672  16.562  1.00 27.90 ? 98  ASP A CA  1 
ATOM   573  C C   . ASP A 1 98  ? -2.001  18.142  15.166  1.00 28.25 ? 98  ASP A C   1 
ATOM   574  O O   . ASP A 1 98  ? -2.241  16.963  14.849  1.00 23.72 ? 98  ASP A O   1 
ATOM   575  C CB  . ASP A 1 98  ? -1.088  19.088  17.305  1.00 31.61 ? 98  ASP A CB  1 
ATOM   576  C CG  . ASP A 1 98  ? -0.234  17.908  17.742  1.00 35.12 ? 98  ASP A CG  1 
ATOM   577  O OD1 . ASP A 1 98  ? -0.122  16.869  17.034  1.00 29.73 ? 98  ASP A OD1 1 
ATOM   578  O OD2 . ASP A 1 98  ? 0.371   18.050  18.823  1.00 41.28 ? 98  ASP A OD2 1 
ATOM   579  N N   . ARG A 1 99  ? -1.445  19.022  14.337  1.00 25.84 ? 99  ARG A N   1 
ATOM   580  C CA  . ARG A 1 99  ? -1.160  18.693  12.943  1.00 24.46 ? 99  ARG A CA  1 
ATOM   581  C C   . ARG A 1 99  ? -0.126  17.565  12.804  1.00 20.17 ? 99  ARG A C   1 
ATOM   582  O O   . ARG A 1 99  ? -0.302  16.739  11.895  1.00 22.52 ? 99  ARG A O   1 
ATOM   583  C CB  . ARG A 1 99  ? -0.699  19.938  12.188  1.00 27.65 ? 99  ARG A CB  1 
ATOM   584  C CG  . ARG A 1 99  ? 0.569   20.490  12.802  1.00 31.27 ? 99  ARG A CG  1 
ATOM   585  C CD  . ARG A 1 99  ? 1.061   21.851  12.288  1.00 38.07 ? 99  ARG A CD  1 
ATOM   586  N NE  . ARG A 1 99  ? 2.509   21.901  12.506  1.00 39.21 ? 99  ARG A NE  1 
ATOM   587  C CZ  . ARG A 1 99  ? 3.252   22.993  12.482  1.00 43.43 ? 99  ARG A CZ  1 
ATOM   588  N NH1 . ARG A 1 99  ? 2.679   24.169  12.253  1.00 39.80 ? 99  ARG A NH1 1 
ATOM   589  N NH2 . ARG A 1 99  ? 4.571   22.893  12.686  1.00 44.63 ? 99  ARG A NH2 1 
ATOM   590  N N   . GLU A 1 100 ? 0.884   17.482  13.685  1.00 17.64 ? 100 GLU A N   1 
ATOM   591  C CA  . GLU A 1 100 ? 1.849   16.410  13.579  1.00 19.58 ? 100 GLU A CA  1 
ATOM   592  C C   . GLU A 1 100 ? 1.142   15.061  13.793  1.00 19.90 ? 100 GLU A C   1 
ATOM   593  O O   . GLU A 1 100 ? 1.327   14.096  13.030  1.00 16.15 ? 100 GLU A O   1 
ATOM   594  C CB  . GLU A 1 100 ? 2.972   16.513  14.606  1.00 24.75 ? 100 GLU A CB  1 
ATOM   595  C CG  . GLU A 1 100 ? 3.930   15.334  14.462  1.00 30.15 ? 100 GLU A CG  1 
ATOM   596  C CD  . GLU A 1 100 ? 5.086   15.303  15.469  1.00 41.95 ? 100 GLU A CD  1 
ATOM   597  O OE1 . GLU A 1 100 ? 5.548   16.362  15.950  1.00 42.86 ? 100 GLU A OE1 1 
ATOM   598  O OE2 . GLU A 1 100 ? 5.557   14.182  15.772  1.00 45.46 ? 100 GLU A OE2 1 
ATOM   599  N N   . ASN A 1 101 ? 0.303   14.989  14.837  1.00 17.37 ? 101 ASN A N   1 
ATOM   600  C CA  . ASN A 1 101 ? -0.434  13.730  15.044  1.00 17.85 ? 101 ASN A CA  1 
ATOM   601  C C   . ASN A 1 101 ? -1.432  13.431  13.944  1.00 14.98 ? 101 ASN A C   1 
ATOM   602  O O   . ASN A 1 101 ? -1.678  12.271  13.676  1.00 14.99 ? 101 ASN A O   1 
ATOM   603  C CB  . ASN A 1 101 ? -1.105  13.637  16.450  1.00 22.93 ? 101 ASN A CB  1 
ATOM   604  C CG  . ASN A 1 101 ? -0.158  13.080  17.492  1.00 31.21 ? 101 ASN A CG  1 
ATOM   605  O OD1 . ASN A 1 101 ? 0.044   11.854  17.544  1.00 35.35 ? 101 ASN A OD1 1 
ATOM   606  N ND2 . ASN A 1 101 ? 0.482   13.986  18.316  1.00 30.51 ? 101 ASN A ND2 1 
ATOM   607  N N   . MET A 1 102 ? -2.022  14.454  13.318  1.00 14.28 ? 102 MET A N   1 
ATOM   608  C CA  . MET A 1 102 ? -2.956  14.266  12.166  1.00 15.57 ? 102 MET A CA  1 
ATOM   609  C C   . MET A 1 102 ? -2.212  13.535  11.005  1.00 13.59 ? 102 MET A C   1 
ATOM   610  O O   . MET A 1 102 ? -2.749  12.608  10.406  1.00 12.77 ? 102 MET A O   1 
ATOM   611  C CB  . MET A 1 102 ? -3.550  15.642  11.625  1.00 20.08 ? 102 MET A CB  1 
ATOM   612  C CG  . MET A 1 102 ? -3.963  15.680  10.080  1.00 28.14 ? 102 MET A CG  1 
ATOM   613  S SD  . MET A 1 102 ? -4.579  17.061  8.929   1.00 44.77 ? 102 MET A SD  1 
ATOM   614  C CE  . MET A 1 102 ? -3.188  18.148  8.734   1.00 26.38 ? 102 MET A CE  1 
ATOM   615  N N   . TRP A 1 103 ? -1.031  14.020  10.674  1.00 11.55 ? 103 TRP A N   1 
ATOM   616  C CA  . TRP A 1 103 ? -0.251  13.403  9.542   1.00 10.32 ? 103 TRP A CA  1 
ATOM   617  C C   . TRP A 1 103 ? 0.187   12.047  9.989   1.00 9.86  ? 103 TRP A C   1 
ATOM   618  O O   . TRP A 1 103 ? 0.131   11.111  9.192   1.00 10.21 ? 103 TRP A O   1 
ATOM   619  C CB  . TRP A 1 103 ? 0.966   14.257  9.197   1.00 10.68 ? 103 TRP A CB  1 
ATOM   620  C CG  . TRP A 1 103 ? 0.590   15.484  8.400   1.00 11.40 ? 103 TRP A CG  1 
ATOM   621  C CD1 . TRP A 1 103 ? 0.579   16.805  8.849   1.00 11.16 ? 103 TRP A CD1 1 
ATOM   622  C CD2 . TRP A 1 103 ? 0.060   15.533  7.048   1.00 11.72 ? 103 TRP A CD2 1 
ATOM   623  N NE1 . TRP A 1 103 ? 0.098   17.658  7.844   1.00 13.28 ? 103 TRP A NE1 1 
ATOM   624  C CE2 . TRP A 1 103 ? -0.206  16.971  6.755   1.00 12.40 ? 103 TRP A CE2 1 
ATOM   625  C CE3 . TRP A 1 103 ? -0.265  14.578  6.091   1.00 12.83 ? 103 TRP A CE3 1 
ATOM   626  C CZ2 . TRP A 1 103 ? -0.700  17.393  5.538   1.00 13.30 ? 103 TRP A CZ2 1 
ATOM   627  C CZ3 . TRP A 1 103 ? -0.779  15.027  4.860   1.00 14.41 ? 103 TRP A CZ3 1 
ATOM   628  C CH2 . TRP A 1 103 ? -0.946  16.395  4.580   1.00 13.15 ? 103 TRP A CH2 1 
ATOM   629  N N   . ARG A 1 104 ? 0.550   11.871  11.261  1.00 9.44  ? 104 ARG A N   1 
ATOM   630  C CA  . ARG A 1 104 ? 0.956   10.536  11.717  1.00 9.27  ? 104 ARG A CA  1 
ATOM   631  C C   . ARG A 1 104 ? -0.205  9.509   11.534  1.00 9.94  ? 104 ARG A C   1 
ATOM   632  O O   . ARG A 1 104 ? 0.003   8.361   11.130  1.00 8.50  ? 104 ARG A O   1 
ATOM   633  C CB  . ARG A 1 104 ? 1.372   10.562  13.213  1.00 10.90 ? 104 ARG A CB  1 
ATOM   634  C CG  . ARG A 1 104 ? 1.906   9.220   13.706  1.00 13.85 ? 104 ARG A CG  1 
ATOM   635  C CD  . ARG A 1 104 ? 2.268   9.264   15.179  1.00 15.26 ? 104 ARG A CD  1 
ATOM   636  N NE  . ARG A 1 104 ? 3.290   10.281  15.363  1.00 21.94 ? 104 ARG A NE  1 
ATOM   637  C CZ  . ARG A 1 104 ? 4.593   10.099  15.242  1.00 24.03 ? 104 ARG A CZ  1 
ATOM   638  N NH1 . ARG A 1 104 ? 5.118   8.854   14.985  1.00 24.04 ? 104 ARG A NH1 1 
ATOM   639  N NH2 . ARG A 1 104 ? 5.370   11.207  15.397  1.00 21.53 ? 104 ARG A NH2 1 
ATOM   640  N N   . THR A 1 105 ? -1.436  9.926   11.900  1.00 9.93  ? 105 THR A N   1 
ATOM   641  C CA  . THR A 1 105 ? -2.557  8.998   11.801  1.00 10.46 ? 105 THR A CA  1 
ATOM   642  C C   . THR A 1 105 ? -2.735  8.589   10.353  1.00 9.90  ? 105 THR A C   1 
ATOM   643  O O   . THR A 1 105 ? -3.084  7.452   10.016  1.00 9.15  ? 105 THR A O   1 
ATOM   644  C CB  . THR A 1 105 ? -3.857  9.709   12.450  1.00 13.57 ? 105 THR A CB  1 
ATOM   645  O OG1 . THR A 1 105 ? -3.523  10.098  13.777  1.00 15.84 ? 105 THR A OG1 1 
ATOM   646  C CG2 . THR A 1 105 ? -5.017  8.740   12.570  1.00 16.50 ? 105 THR A CG2 1 
ATOM   647  N N   . GLY A 1 106 ? -2.573  9.558   9.455   1.00 10.42 ? 106 GLY A N   1 
ATOM   648  C CA  . GLY A 1 106 ? -2.746  9.304   8.023   1.00 10.03 ? 106 GLY A CA  1 
ATOM   649  C C   . GLY A 1 106 ? -1.660  8.338   7.455   1.00 8.45  ? 106 GLY A C   1 
ATOM   650  O O   . GLY A 1 106 ? -1.957  7.340   6.804   1.00 8.65  ? 106 GLY A O   1 
ATOM   651  N N   . ILE A 1 107 ? -0.393  8.607   7.717   1.00 7.25  ? 107 ILE A N   1 
ATOM   652  C CA  . ILE A 1 107 ? 0.649   7.660   7.254   1.00 6.92  ? 107 ILE A CA  1 
ATOM   653  C C   . ILE A 1 107 ? 0.511   6.297   7.924   1.00 7.19  ? 107 ILE A C   1 
ATOM   654  O O   . ILE A 1 107 ? 0.785   5.286   7.323   1.00 6.95  ? 107 ILE A O   1 
ATOM   655  C CB  . ILE A 1 107 ? 2.042   8.257   7.585   1.00 7.54  ? 107 ILE A CB  1 
ATOM   656  C CG1 . ILE A 1 107 ? 2.242   9.532   6.693   1.00 7.31  ? 107 ILE A CG1 1 
ATOM   657  C CG2 . ILE A 1 107 ? 3.175   7.263   7.301   1.00 6.63  ? 107 ILE A CG2 1 
ATOM   658  C CD1 . ILE A 1 107 ? 3.397   10.387  7.240   1.00 8.51  ? 107 ILE A CD1 1 
ATOM   659  N N   . ASN A 1 108 ? 0.091   6.308   9.179   1.00 7.71  ? 108 ASN A N   1 
ATOM   660  C CA  . ASN A 1 108 ? -0.174  5.073   9.889   1.00 7.95  ? 108 ASN A CA  1 
ATOM   661  C C   . ASN A 1 108 ? -1.173  4.117   9.200   1.00 7.83  ? 108 ASN A C   1 
ATOM   662  O O   . ASN A 1 108 ? -1.054  2.913   9.338   1.00 8.67  ? 108 ASN A O   1 
ATOM   663  C CB  . ASN A 1 108 ? -0.670  5.351   11.318  1.00 8.53  ? 108 ASN A CB  1 
ATOM   664  C CG  . ASN A 1 108 ? -0.712  4.053   12.142  1.00 9.23  ? 108 ASN A CG  1 
ATOM   665  O OD1 . ASN A 1 108 ? 0.346   3.356   12.342  1.00 9.14  ? 108 ASN A OD1 1 
ATOM   666  N ND2 . ASN A 1 108 ? -1.879  3.755   12.681  1.00 8.25  ? 108 ASN A ND2 1 
ATOM   667  N N   . VAL A 1 109 ? -2.142  4.634   8.459   1.00 8.95  ? 109 VAL A N   1 
ATOM   668  C CA  . VAL A 1 109 ? -3.080  3.762   7.702   1.00 10.43 ? 109 VAL A CA  1 
ATOM   669  C C   . VAL A 1 109 ? -2.296  2.848   6.778   1.00 9.59  ? 109 VAL A C   1 
ATOM   670  O O   . VAL A 1 109 ? -2.550  1.658   6.637   1.00 10.19 ? 109 VAL A O   1 
ATOM   671  C CB  . VAL A 1 109 ? -3.999  4.641   6.812   1.00 11.63 ? 109 VAL A CB  1 
ATOM   672  C CG1 . VAL A 1 109 ? -4.700  3.769   5.783   1.00 15.60 ? 109 VAL A CG1 1 
ATOM   673  C CG2 . VAL A 1 109 ? -4.988  5.297   7.742   1.00 13.23 ? 109 VAL A CG2 1 
ATOM   674  N N   . PHE A 1 110 ? -1.282  3.420   6.148   1.00 9.73  ? 110 PHE A N   1 
ATOM   675  C CA  . PHE A 1 110 ? -0.430  2.674   5.164   1.00 8.17  ? 110 PHE A CA  1 
ATOM   676  C C   . PHE A 1 110 ? 0.568   1.789   5.866   1.00 8.65  ? 110 PHE A C   1 
ATOM   677  O O   . PHE A 1 110 ? 0.734   0.626   5.455   1.00 9.04  ? 110 PHE A O   1 
ATOM   678  C CB  . PHE A 1 110 ? 0.272   3.656   4.183   1.00 9.46  ? 110 PHE A CB  1 
ATOM   679  C CG  . PHE A 1 110 ? -0.740  4.345   3.329   1.00 9.21  ? 110 PHE A CG  1 
ATOM   680  C CD1 . PHE A 1 110 ? -1.167  3.770   2.180   1.00 9.75  ? 110 PHE A CD1 1 
ATOM   681  C CD2 . PHE A 1 110 ? -1.459  5.431   3.861   1.00 9.47  ? 110 PHE A CD2 1 
ATOM   682  C CE1 . PHE A 1 110 ? -2.204  4.366   1.409   1.00 9.31  ? 110 PHE A CE1 1 
ATOM   683  C CE2 . PHE A 1 110 ? -2.505  6.027   3.129   1.00 9.52  ? 110 PHE A CE2 1 
ATOM   684  C CZ  . PHE A 1 110 ? -2.895  5.466   1.907   1.00 10.00 ? 110 PHE A CZ  1 
ATOM   685  N N   . PHE A 1 111 ? 1.173   2.296   6.924   1.00 8.25  ? 111 PHE A N   1 
ATOM   686  C CA  . PHE A 1 111 ? 2.082   1.477   7.755   1.00 9.11  ? 111 PHE A CA  1 
ATOM   687  C C   . PHE A 1 111 ? 1.346   0.190   8.283   1.00 10.06 ? 111 PHE A C   1 
ATOM   688  O O   . PHE A 1 111 ? 1.867   -0.897  8.209   1.00 9.57  ? 111 PHE A O   1 
ATOM   689  C CB  . PHE A 1 111 ? 2.596   2.344   8.896   1.00 9.68  ? 111 PHE A CB  1 
ATOM   690  C CG  . PHE A 1 111 ? 3.492   1.606   9.881   1.00 11.06 ? 111 PHE A CG  1 
ATOM   691  C CD1 . PHE A 1 111 ? 4.815   1.244   9.528   1.00 10.98 ? 111 PHE A CD1 1 
ATOM   692  C CD2 . PHE A 1 111 ? 3.020   1.313   11.165  1.00 11.96 ? 111 PHE A CD2 1 
ATOM   693  C CE1 . PHE A 1 111 ? 5.652   0.616   10.491  1.00 11.27 ? 111 PHE A CE1 1 
ATOM   694  C CE2 . PHE A 1 111 ? 3.848   0.625   12.109  1.00 13.40 ? 111 PHE A CE2 1 
ATOM   695  C CZ  . PHE A 1 111 ? 5.145   0.313   11.772  1.00 12.04 ? 111 PHE A CZ  1 
ATOM   696  N N   . GLU A 1 112 ? 0.182   0.366   8.885   1.00 9.49  ? 112 GLU A N   1 
ATOM   697  C CA  . GLU A 1 112 ? -0.568  -0.786  9.355   1.00 11.21 ? 112 GLU A CA  1 
ATOM   698  C C   . GLU A 1 112 ? -1.157  -1.641  8.265   1.00 10.58 ? 112 GLU A C   1 
ATOM   699  O O   . GLU A 1 112 ? -1.125  -2.850  8.390   1.00 10.69 ? 112 GLU A O   1 
ATOM   700  C CB  . GLU A 1 112 ? -1.725  -0.298  10.305  1.00 13.81 ? 112 GLU A CB  1 
ATOM   701  C CG  . GLU A 1 112 ? -1.181  0.273   11.630  1.00 16.81 ? 112 GLU A CG  1 
ATOM   702  C CD  . GLU A 1 112 ? -0.604  -0.805  12.533  1.00 24.31 ? 112 GLU A CD  1 
ATOM   703  O OE1 . GLU A 1 112 ? -1.022  -1.964  12.395  1.00 28.28 ? 112 GLU A OE1 1 
ATOM   704  O OE2 . GLU A 1 112 ? 0.273   -0.512  13.384  1.00 26.30 ? 112 GLU A OE2 1 
ATOM   705  N N   . THR A 1 113 ? -1.731  -1.078  7.215   1.00 10.04 ? 113 THR A N   1 
ATOM   706  C CA  . THR A 1 113 ? -2.417  -1.929  6.258   1.00 11.10 ? 113 THR A CA  1 
ATOM   707  C C   . THR A 1 113 ? -1.435  -2.725  5.481   1.00 11.47 ? 113 THR A C   1 
ATOM   708  O O   . THR A 1 113 ? -1.541  -3.986  5.358   1.00 11.34 ? 113 THR A O   1 
ATOM   709  C CB  . THR A 1 113 ? -3.319  -1.080  5.281   1.00 11.63 ? 113 THR A CB  1 
ATOM   710  O OG1 . THR A 1 113 ? -4.195  -0.329  6.123   1.00 13.35 ? 113 THR A OG1 1 
ATOM   711  C CG2 . THR A 1 113 ? -4.152  -2.014  4.335   1.00 12.64 ? 113 THR A CG2 1 
ATOM   712  N N   . PHE A 1 114 ? -0.426  -2.059  4.913   1.00 10.89 ? 114 PHE A N   1 
ATOM   713  C CA  . PHE A 1 114 ? 0.531   -2.833  4.091   1.00 10.08 ? 114 PHE A CA  1 
ATOM   714  C C   . PHE A 1 114 ? 1.417   -3.659  5.006   1.00 9.84  ? 114 PHE A C   1 
ATOM   715  O O   . PHE A 1 114 ? 1.835   -4.735  4.623   1.00 10.89 ? 114 PHE A O   1 
ATOM   716  C CB  . PHE A 1 114 ? 1.380   -1.875  3.236   1.00 11.14 ? 114 PHE A CB  1 
ATOM   717  C CG  . PHE A 1 114 ? 0.605   -1.329  2.078   1.00 12.77 ? 114 PHE A CG  1 
ATOM   718  C CD1 . PHE A 1 114 ? 0.424   -2.115  0.911   1.00 13.85 ? 114 PHE A CD1 1 
ATOM   719  C CD2 . PHE A 1 114 ? -0.012  -0.125  2.188   1.00 14.04 ? 114 PHE A CD2 1 
ATOM   720  C CE1 . PHE A 1 114 ? -0.344  -1.601  -0.173  1.00 16.12 ? 114 PHE A CE1 1 
ATOM   721  C CE2 . PHE A 1 114 ? -0.794  0.403   1.118   1.00 16.54 ? 114 PHE A CE2 1 
ATOM   722  C CZ  . PHE A 1 114 ? -0.970  -0.334  -0.045  1.00 15.32 ? 114 PHE A CZ  1 
ATOM   723  N N   . GLY A 1 115 ? 1.699   -3.167  6.211   1.00 10.32 ? 115 GLY A N   1 
ATOM   724  C CA  . GLY A 1 115 ? 2.602   -3.921  7.143   1.00 10.94 ? 115 GLY A CA  1 
ATOM   725  C C   . GLY A 1 115 ? 1.895   -5.171  7.691   1.00 13.26 ? 115 GLY A C   1 
ATOM   726  O O   . GLY A 1 115 ? 2.550   -6.093  8.157   1.00 15.89 ? 115 GLY A O   1 
ATOM   727  N N   . SER A 1 116 ? 0.585   -5.182  7.659   1.00 14.09 ? 116 SER A N   1 
ATOM   728  C CA  . SER A 1 116 ? -0.190  -6.412  7.968   1.00 16.11 ? 116 SER A CA  1 
ATOM   729  C C   . SER A 1 116 ? -0.265  -7.377  6.823   1.00 16.84 ? 116 SER A C   1 
ATOM   730  O O   . SER A 1 116 ? -0.782  -8.504  7.019   1.00 17.95 ? 116 SER A O   1 
ATOM   731  C CB  . SER A 1 116 ? -1.613  -6.082  8.392   1.00 15.94 ? 116 SER A CB  1 
ATOM   732  O OG  . SER A 1 116 ? -1.523  -5.356  9.577   1.00 19.64 ? 116 SER A OG  1 
ATOM   733  N N   . HIS A 1 117 ? 0.205   -6.974  5.647   1.00 15.18 ? 117 HIS A N   1 
ATOM   734  C CA  . HIS A 1 117 ? 0.239   -7.836  4.483   1.00 15.43 ? 117 HIS A CA  1 
ATOM   735  C C   . HIS A 1 117 ? 1.532   -7.781  3.729   1.00 13.55 ? 117 HIS A C   1 
ATOM   736  O O   . HIS A 1 117 ? 1.544   -7.521  2.494   1.00 13.66 ? 117 HIS A O   1 
ATOM   737  C CB  . HIS A 1 117 ? -0.925  -7.489  3.541   1.00 17.68 ? 117 HIS A CB  1 
ATOM   738  C CG  . HIS A 1 117 ? -2.260  -7.782  4.121   1.00 19.30 ? 117 HIS A CG  1 
ATOM   739  N ND1 . HIS A 1 117 ? -3.016  -6.818  4.751   1.00 23.15 ? 117 HIS A ND1 1 
ATOM   740  C CD2 . HIS A 1 117 ? -2.993  -8.978  4.182   1.00 17.80 ? 117 HIS A CD2 1 
ATOM   741  C CE1 . HIS A 1 117 ? -4.163  -7.392  5.229   1.00 22.71 ? 117 HIS A CE1 1 
ATOM   742  N NE2 . HIS A 1 117 ? -4.154  -8.707  4.857   1.00 22.64 ? 117 HIS A NE2 1 
ATOM   743  N N   . LYS A 1 118 ? 2.639   -8.043  4.443   1.00 13.93 ? 118 LYS A N   1 
ATOM   744  C CA  . LYS A 1 118 ? 3.984   -7.867  3.890   1.00 13.32 ? 118 LYS A CA  1 
ATOM   745  C C   . LYS A 1 118 ? 4.223   -8.768  2.688   1.00 14.44 ? 118 LYS A C   1 
ATOM   746  O O   . LYS A 1 118 ? 4.903   -8.376  1.754   1.00 13.64 ? 118 LYS A O   1 
ATOM   747  C CB  . LYS A 1 118 ? 5.007   -8.210  4.966   1.00 13.02 ? 118 LYS A CB  1 
ATOM   748  C CG  . LYS A 1 118 ? 5.037   -7.155  6.036   1.00 14.80 ? 118 LYS A CG  1 
ATOM   749  C CD  . LYS A 1 118 ? 6.145   -7.467  7.026   1.00 15.81 ? 118 LYS A CD  1 
ATOM   750  C CE  . LYS A 1 118 ? 6.009   -6.453  8.170   1.00 20.02 ? 118 LYS A CE  1 
ATOM   751  N NZ  . LYS A 1 118 ? 7.247   -6.766  8.945   1.00 27.90 ? 118 LYS A NZ  1 
ATOM   752  N N   . ALA A 1 119 ? 3.678   -10.015 2.741   1.00 13.72 ? 119 ALA A N   1 
ATOM   753  C CA  . ALA A 1 119 ? 4.014   -10.949 1.645   1.00 14.83 ? 119 ALA A CA  1 
ATOM   754  C C   . ALA A 1 119 ? 3.315   -10.432 0.351   1.00 12.42 ? 119 ALA A C   1 
ATOM   755  O O   . ALA A 1 119 ? 3.914   -10.415 -0.717  1.00 15.65 ? 119 ALA A O   1 
ATOM   756  C CB  . ALA A 1 119 ? 3.582   -12.383 1.992   1.00 16.80 ? 119 ALA A CB  1 
ATOM   757  N N   . VAL A 1 120 ? 2.071   -10.028 0.435   1.00 13.64 ? 120 VAL A N   1 
ATOM   758  C CA  . VAL A 1 120 ? 1.363   -9.504  -0.763  1.00 14.39 ? 120 VAL A CA  1 
ATOM   759  C C   . VAL A 1 120 ? 2.060   -8.191  -1.174  1.00 17.05 ? 120 VAL A C   1 
ATOM   760  O O   . VAL A 1 120 ? 2.314   -7.957  -2.383  1.00 18.06 ? 120 VAL A O   1 
ATOM   761  C CB  . VAL A 1 120 ? -0.141  -9.301  -0.510  1.00 14.91 ? 120 VAL A CB  1 
ATOM   762  C CG1 . VAL A 1 120 ? -0.836  -8.495  -1.611  1.00 14.77 ? 120 VAL A CG1 1 
ATOM   763  C CG2 . VAL A 1 120 ? -0.866  -10.643 -0.231  1.00 15.36 ? 120 VAL A CG2 1 
ATOM   764  N N   . THR A 1 121 ? 2.322   -7.294  -0.208  1.00 16.75 ? 121 THR A N   1 
ATOM   765  C CA  . THR A 1 121 ? 3.073   -6.046  -0.556  1.00 16.24 ? 121 THR A CA  1 
ATOM   766  C C   . THR A 1 121 ? 4.344   -6.342  -1.367  1.00 16.37 ? 121 THR A C   1 
ATOM   767  O O   . THR A 1 121 ? 4.530   -5.762  -2.439  1.00 17.46 ? 121 THR A O   1 
ATOM   768  C CB  . THR A 1 121 ? 3.468   -5.306  0.705   1.00 15.11 ? 121 THR A CB  1 
ATOM   769  O OG1 . THR A 1 121 ? 2.265   -4.986  1.353   1.00 13.67 ? 121 THR A OG1 1 
ATOM   770  C CG2 . THR A 1 121 ? 4.214   -4.011  0.362   1.00 18.89 ? 121 THR A CG2 1 
ATOM   771  N N   . ARG A 1 122 ? 5.201   -7.214  -0.858  1.00 18.04 ? 122 ARG A N   1 
ATOM   772  C CA  . ARG A 1 122 ? 6.418   -7.562  -1.521  1.00 20.71 ? 122 ARG A CA  1 
ATOM   773  C C   . ARG A 1 122 ? 6.189   -8.153  -2.940  1.00 20.64 ? 122 ARG A C   1 
ATOM   774  O O   . ARG A 1 122 ? 6.806   -7.723  -3.903  1.00 20.10 ? 122 ARG A O   1 
ATOM   775  C CB  . ARG A 1 122 ? 7.191   -8.556  -0.658  1.00 25.00 ? 122 ARG A CB  1 
ATOM   776  C CG  . ARG A 1 122 ? 8.452   -9.168  -1.277  1.00 32.85 ? 122 ARG A CG  1 
ATOM   777  C CD  . ARG A 1 122 ? 9.047   -10.242 -0.348  1.00 40.07 ? 122 ARG A CD  1 
ATOM   778  N NE  . ARG A 1 122 ? 9.283   -9.610  0.958   1.00 50.52 ? 122 ARG A NE  1 
ATOM   779  C CZ  . ARG A 1 122 ? 8.682   -9.916  2.124   1.00 53.94 ? 122 ARG A CZ  1 
ATOM   780  N NH1 . ARG A 1 122 ? 7.811   -10.945 2.231   1.00 48.16 ? 122 ARG A NH1 1 
ATOM   781  N NH2 . ARG A 1 122 ? 8.977   -9.175  3.212   1.00 42.74 ? 122 ARG A NH2 1 
ATOM   782  N N   . ALA A 1 123 ? 5.339   -9.166  -3.041  1.00 18.40 ? 123 ALA A N   1 
ATOM   783  C CA  . ALA A 1 123 ? 5.033   -9.767  -4.334  1.00 18.15 ? 123 ALA A CA  1 
ATOM   784  C C   . ALA A 1 123 ? 4.397   -8.744  -5.296  1.00 18.52 ? 123 ALA A C   1 
ATOM   785  O O   . ALA A 1 123 ? 4.704   -8.739  -6.506  1.00 20.54 ? 123 ALA A O   1 
ATOM   786  C CB  . ALA A 1 123 ? 4.108   -10.971 -4.144  1.00 16.91 ? 123 ALA A CB  1 
ATOM   787  N N   . GLY A 1 124 ? 3.526   -7.880  -4.771  1.00 17.29 ? 124 GLY A N   1 
ATOM   788  C CA  . GLY A 1 124 ? 2.827   -6.848  -5.565  1.00 18.29 ? 124 GLY A CA  1 
ATOM   789  C C   . GLY A 1 124 ? 3.828   -5.895  -6.174  1.00 19.36 ? 124 GLY A C   1 
ATOM   790  O O   . GLY A 1 124 ? 3.770   -5.510  -7.367  1.00 21.57 ? 124 GLY A O   1 
ATOM   791  N N   . GLN A 1 125 ? 4.823   -5.569  -5.373  1.00 20.32 ? 125 GLN A N   1 
ATOM   792  C CA  . GLN A 1 125 ? 5.851   -4.642  -5.829  1.00 25.15 ? 125 GLN A CA  1 
ATOM   793  C C   . GLN A 1 125 ? 6.736   -5.293  -6.853  1.00 26.53 ? 125 GLN A C   1 
ATOM   794  O O   . GLN A 1 125 ? 6.981   -4.674  -7.879  1.00 25.86 ? 125 GLN A O   1 
ATOM   795  C CB  . GLN A 1 125 ? 6.603   -3.962  -4.657  1.00 27.06 ? 125 GLN A CB  1 
ATOM   796  C CG  . GLN A 1 125 ? 5.581   -3.203  -3.704  1.00 31.47 ? 125 GLN A CG  1 
ATOM   797  C CD  . GLN A 1 125 ? 4.647   -2.116  -4.385  1.00 39.49 ? 125 GLN A CD  1 
ATOM   798  O OE1 . GLN A 1 125 ? 5.150   -1.192  -5.003  1.00 32.39 ? 125 GLN A OE1 1 
ATOM   799  N NE2 . GLN A 1 125 ? 3.283   -2.241  -4.243  1.00 36.44 ? 125 GLN A NE2 1 
ATOM   800  N N   . ALA A 1 126 ? 7.121   -6.550  -6.656  1.00 25.76 ? 126 ALA A N   1 
ATOM   801  C CA  . ALA A 1 126 ? 7.851   -7.242  -7.710  1.00 28.35 ? 126 ALA A CA  1 
ATOM   802  C C   . ALA A 1 126 ? 7.045   -7.311  -9.021  1.00 28.48 ? 126 ALA A C   1 
ATOM   803  O O   . ALA A 1 126 ? 7.581   -6.999  -10.092 1.00 34.37 ? 126 ALA A O   1 
ATOM   804  C CB  . ALA A 1 126 ? 8.305   -8.635  -7.259  1.00 30.58 ? 126 ALA A CB  1 
ATOM   805  N N   . ALA A 1 127 ? 5.754   -7.656  -8.936  1.00 27.87 ? 127 ALA A N   1 
ATOM   806  C CA  . ALA A 1 127 ? 4.866   -7.779  -10.128 1.00 25.00 ? 127 ALA A CA  1 
ATOM   807  C C   . ALA A 1 127 ? 4.661   -6.498  -10.970 1.00 29.12 ? 127 ALA A C   1 
ATOM   808  O O   . ALA A 1 127 ? 4.222   -6.573  -12.129 1.00 25.27 ? 127 ALA A O   1 
ATOM   809  C CB  . ALA A 1 127 ? 3.526   -8.310  -9.710  1.00 23.45 ? 127 ALA A CB  1 
ATOM   810  N N   . ARG A 1 128 ? 4.967   -5.314  -10.420 1.00 27.87 ? 128 ARG A N   1 
ATOM   811  C CA  . ARG A 1 128 ? 4.848   -4.067  -11.178 1.00 25.17 ? 128 ARG A CA  1 
ATOM   812  C C   . ARG A 1 128 ? 5.688   -4.078  -12.439 1.00 31.33 ? 128 ARG A C   1 
ATOM   813  O O   . ARG A 1 128 ? 5.299   -3.409  -13.408 1.00 35.60 ? 128 ARG A O   1 
ATOM   814  C CB  . ARG A 1 128 ? 5.248   -2.842  -10.355 1.00 22.97 ? 128 ARG A CB  1 
ATOM   815  C CG  . ARG A 1 128 ? 4.181   -2.456  -9.387  1.00 26.95 ? 128 ARG A CG  1 
ATOM   816  C CD  . ARG A 1 128 ? 4.754   -1.447  -8.427  1.00 30.84 ? 128 ARG A CD  1 
ATOM   817  N NE  . ARG A 1 128 ? 4.872   -0.159  -9.102  1.00 32.29 ? 128 ARG A NE  1 
ATOM   818  C CZ  . ARG A 1 128 ? 5.370   0.923   -8.513  1.00 36.38 ? 128 ARG A CZ  1 
ATOM   819  N NH1 . ARG A 1 128 ? 5.806   0.843   -7.250  1.00 30.50 ? 128 ARG A NH1 1 
ATOM   820  N NH2 . ARG A 1 128 ? 5.419   2.065   -9.184  1.00 29.45 ? 128 ARG A NH2 1 
ATOM   821  N N   . ALA A 1 129 ? 6.818   -4.792  -12.421 1.00 31.50 ? 129 ALA A N   1 
ATOM   822  C CA  . ALA A 1 129 ? 7.727   -4.874  -13.573 1.00 36.94 ? 129 ALA A CA  1 
ATOM   823  C C   . ALA A 1 129 ? 7.206   -5.758  -14.713 1.00 36.82 ? 129 ALA A C   1 
ATOM   824  O O   . ALA A 1 129 ? 7.736   -5.731  -15.804 1.00 40.11 ? 129 ALA A O   1 
ATOM   825  C CB  . ALA A 1 129 ? 9.113   -5.320  -13.128 1.00 30.29 ? 129 ALA A CB  1 
ATOM   826  N N   . THR A 1 130 ? 6.170   -6.546  -14.463 1.00 41.36 ? 130 THR A N   1 
ATOM   827  C CA  . THR A 1 130 ? 5.804   -7.596  -15.409 1.00 38.40 ? 130 THR A CA  1 
ATOM   828  C C   . THR A 1 130 ? 4.322   -7.518  -15.741 1.00 41.75 ? 130 THR A C   1 
ATOM   829  O O   . THR A 1 130 ? 3.890   -7.931  -16.831 1.00 41.11 ? 130 THR A O   1 
ATOM   830  C CB  . THR A 1 130 ? 6.146   -9.013  -14.864 1.00 39.52 ? 130 THR A CB  1 
ATOM   831  O OG1 . THR A 1 130 ? 5.561   -9.180  -13.567 1.00 39.86 ? 130 THR A OG1 1 
ATOM   832  C CG2 . THR A 1 130 ? 7.627   -9.215  -14.733 1.00 34.28 ? 130 THR A CG2 1 
ATOM   833  N N   . SER A 1 131 ? 3.530   -6.989  -14.820 1.00 28.40 ? 131 SER A N   1 
ATOM   834  C CA  . SER A 1 131 ? 2.118   -6.971  -15.019 1.00 28.44 ? 131 SER A CA  1 
ATOM   835  C C   . SER A 1 131 ? 1.649   -5.542  -15.242 1.00 34.22 ? 131 SER A C   1 
ATOM   836  O O   . SER A 1 131 ? 1.801   -4.693  -14.351 1.00 28.04 ? 131 SER A O   1 
ATOM   837  C CB  . SER A 1 131 ? 1.433   -7.614  -13.832 1.00 26.81 ? 131 SER A CB  1 
ATOM   838  O OG  . SER A 1 131 ? 0.051   -7.325  -13.818 1.00 26.44 ? 131 SER A OG  1 
ATOM   839  N N   . VAL A 1 132 ? 1.087   -5.251  -16.427 1.00 29.94 ? 132 VAL A N   1 
ATOM   840  C CA  . VAL A 1 132 ? 0.600   -3.903  -16.662 1.00 30.39 ? 132 VAL A CA  1 
ATOM   841  C C   . VAL A 1 132 ? -0.621  -3.672  -15.769 1.00 28.18 ? 132 VAL A C   1 
ATOM   842  O O   . VAL A 1 132 ? -0.840  -2.544  -15.364 1.00 26.81 ? 132 VAL A O   1 
ATOM   843  C CB  . VAL A 1 132 ? 0.268   -3.589  -18.148 1.00 29.59 ? 132 VAL A CB  1 
ATOM   844  C CG1 . VAL A 1 132 ? 1.414   -4.049  -19.018 1.00 34.91 ? 132 VAL A CG1 1 
ATOM   845  C CG2 . VAL A 1 132 ? -1.018  -4.275  -18.568 1.00 32.83 ? 132 VAL A CG2 1 
ATOM   846  N N   . GLU A 1 133 ? -1.392  -4.725  -15.469 1.00 23.82 ? 133 GLU A N   1 
ATOM   847  C CA  . GLU A 1 133 ? -2.522  -4.579  -14.574 1.00 24.71 ? 133 GLU A CA  1 
ATOM   848  C C   . GLU A 1 133 ? -2.095  -4.121  -13.151 1.00 20.55 ? 133 GLU A C   1 
ATOM   849  O O   . GLU A 1 133 ? -2.786  -3.301  -12.537 1.00 19.09 ? 133 GLU A O   1 
ATOM   850  C CB  . GLU A 1 133 ? -3.297  -5.878  -14.439 1.00 27.56 ? 133 GLU A CB  1 
ATOM   851  C CG  . GLU A 1 133 ? -4.133  -6.235  -15.643 1.00 35.27 ? 133 GLU A CG  1 
ATOM   852  C CD  . GLU A 1 133 ? -3.306  -7.014  -16.656 1.00 40.70 ? 133 GLU A CD  1 
ATOM   853  O OE1 . GLU A 1 133 ? -2.052  -7.208  -16.489 1.00 41.60 ? 133 GLU A OE1 1 
ATOM   854  O OE2 . GLU A 1 133 ? -3.920  -7.432  -17.650 1.00 55.90 ? 133 GLU A OE2 1 
ATOM   855  N N   . VAL A 1 134 ? -0.997  -4.712  -12.657 1.00 22.67 ? 134 VAL A N   1 
ATOM   856  C CA  . VAL A 1 134 ? -0.477  -4.390  -11.310 1.00 18.67 ? 134 VAL A CA  1 
ATOM   857  C C   . VAL A 1 134 ? 0.052   -2.982  -11.316 1.00 17.64 ? 134 VAL A C   1 
ATOM   858  O O   . VAL A 1 134 ? -0.290  -2.243  -10.413 1.00 17.33 ? 134 VAL A O   1 
ATOM   859  C CB  . VAL A 1 134 ? 0.515   -5.421  -10.793 1.00 19.73 ? 134 VAL A CB  1 
ATOM   860  C CG1 . VAL A 1 134 ? 1.291   -4.880  -9.582  1.00 18.18 ? 134 VAL A CG1 1 
ATOM   861  C CG2 . VAL A 1 134 ? -0.236  -6.717  -10.408 1.00 20.19 ? 134 VAL A CG2 1 
ATOM   862  N N   . ALA A 1 135 ? 0.833   -2.628  -12.349 1.00 16.51 ? 135 ALA A N   1 
ATOM   863  C CA  . ALA A 1 135 ? 1.362   -1.281  -12.593 1.00 17.41 ? 135 ALA A CA  1 
ATOM   864  C C   . ALA A 1 135 ? 0.253   -0.201  -12.651 1.00 17.65 ? 135 ALA A C   1 
ATOM   865  O O   . ALA A 1 135 ? 0.361   0.872   -12.002 1.00 14.96 ? 135 ALA A O   1 
ATOM   866  C CB  . ALA A 1 135 ? 2.259   -1.258  -13.846 1.00 18.76 ? 135 ALA A CB  1 
ATOM   867  N N   . GLU A 1 136 ? -0.844  -0.503  -13.342 1.00 17.21 ? 136 GLU A N   1 
ATOM   868  C CA  . GLU A 1 136 ? -1.920  0.412   -13.478 1.00 18.01 ? 136 GLU A CA  1 
ATOM   869  C C   . GLU A 1 136 ? -2.708  0.530   -12.199 1.00 15.57 ? 136 GLU A C   1 
ATOM   870  O O   . GLU A 1 136 ? -3.079  1.621   -11.887 1.00 14.16 ? 136 GLU A O   1 
ATOM   871  C CB  . GLU A 1 136 ? -2.860  0.059   -14.642 1.00 23.14 ? 136 GLU A CB  1 
ATOM   872  C CG  . GLU A 1 136 ? -2.267  0.402   -16.016 1.00 32.10 ? 136 GLU A CG  1 
ATOM   873  C CD  . GLU A 1 136 ? -3.193  0.006   -17.203 1.00 41.77 ? 136 GLU A CD  1 
ATOM   874  O OE1 . GLU A 1 136 ? -4.211  -0.708  -16.979 1.00 43.51 ? 136 GLU A OE1 1 
ATOM   875  O OE2 . GLU A 1 136 ? -2.913  0.411   -18.364 1.00 40.71 ? 136 GLU A OE2 1 
ATOM   876  N N   . LEU A 1 137 ? -2.939  -0.561  -11.462 1.00 15.30 ? 137 LEU A N   1 
ATOM   877  C CA  . LEU A 1 137 ? -3.650  -0.483  -10.207 1.00 14.27 ? 137 LEU A CA  1 
ATOM   878  C C   . LEU A 1 137 ? -2.809  0.429   -9.272  1.00 12.67 ? 137 LEU A C   1 
ATOM   879  O O   . LEU A 1 137 ? -3.374  1.259   -8.587  1.00 11.98 ? 137 LEU A O   1 
ATOM   880  C CB  . LEU A 1 137 ? -3.782  -1.855  -9.542  1.00 15.87 ? 137 LEU A CB  1 
ATOM   881  C CG  . LEU A 1 137 ? -4.344  -1.952  -8.120  1.00 17.04 ? 137 LEU A CG  1 
ATOM   882  C CD1 . LEU A 1 137 ? -5.745  -1.391  -7.961  1.00 19.13 ? 137 LEU A CD1 1 
ATOM   883  C CD2 . LEU A 1 137 ? -4.278  -3.388  -7.535  1.00 20.81 ? 137 LEU A CD2 1 
ATOM   884  N N   . TRP A 1 138 ? -1.526  0.142   -9.171  1.00 11.29 ? 138 TRP A N   1 
ATOM   885  C CA  . TRP A 1 138 ? -0.668  0.937   -8.256  1.00 12.90 ? 138 TRP A CA  1 
ATOM   886  C C   . TRP A 1 138 ? -0.678  2.414   -8.641  1.00 11.27 ? 138 TRP A C   1 
ATOM   887  O O   . TRP A 1 138 ? -0.987  3.294   -7.822  1.00 10.99 ? 138 TRP A O   1 
ATOM   888  C CB  . TRP A 1 138 ? 0.717   0.300   -8.145  1.00 13.12 ? 138 TRP A CB  1 
ATOM   889  C CG  . TRP A 1 138 ? 1.463   0.967   -7.020  1.00 16.81 ? 138 TRP A CG  1 
ATOM   890  C CD1 . TRP A 1 138 ? 2.463   1.955   -7.086  1.00 18.46 ? 138 TRP A CD1 1 
ATOM   891  C CD2 . TRP A 1 138 ? 1.168   0.812   -5.601  1.00 18.14 ? 138 TRP A CD2 1 
ATOM   892  N NE1 . TRP A 1 138 ? 2.865   2.306   -5.797  1.00 16.37 ? 138 TRP A NE1 1 
ATOM   893  C CE2 . TRP A 1 138 ? 2.073   1.701   -4.880  1.00 18.14 ? 138 TRP A CE2 1 
ATOM   894  C CE3 . TRP A 1 138 ? 0.276   0.020   -4.875  1.00 19.91 ? 138 TRP A CE3 1 
ATOM   895  C CZ2 . TRP A 1 138 ? 2.068   1.786   -3.472  1.00 18.11 ? 138 TRP A CZ2 1 
ATOM   896  C CZ3 . TRP A 1 138 ? 0.280   0.113   -3.471  1.00 22.87 ? 138 TRP A CZ3 1 
ATOM   897  C CH2 . TRP A 1 138 ? 1.155   0.985   -2.786  1.00 19.52 ? 138 TRP A CH2 1 
ATOM   898  N N   . SER A 1 139 ? -0.506  2.705   -9.920  1.00 11.25 ? 139 SER A N   1 
ATOM   899  C CA  . SER A 1 139 ? -0.449  4.067   -10.414 1.00 12.49 ? 139 SER A CA  1 
ATOM   900  C C   . SER A 1 139 ? -1.778  4.790   -10.170 1.00 11.95 ? 139 SER A C   1 
ATOM   901  O O   . SER A 1 139 ? -1.810  5.961   -9.751  1.00 11.76 ? 139 SER A O   1 
ATOM   902  C CB  . SER A 1 139 ? -0.035  4.033   -11.895 1.00 13.37 ? 139 SER A CB  1 
ATOM   903  O OG  . SER A 1 139 ? -0.354  5.281   -12.481 1.00 18.80 ? 139 SER A OG  1 
ATOM   904  N N   . THR A 1 140 ? -2.935  4.137   -10.379 1.00 10.71 ? 140 THR A N   1 
ATOM   905  C CA  . THR A 1 140 ? -4.176  4.785   -10.062 1.00 10.86 ? 140 THR A CA  1 
ATOM   906  C C   . THR A 1 140 ? -4.358  5.208   -8.622  1.00 9.84  ? 140 THR A C   1 
ATOM   907  O O   . THR A 1 140 ? -4.861  6.304   -8.326  1.00 10.54 ? 140 THR A O   1 
ATOM   908  C CB  . THR A 1 140 ? -5.349  3.774   -10.356 1.00 13.33 ? 140 THR A CB  1 
ATOM   909  O OG1 . THR A 1 140 ? -5.297  3.507   -11.723 1.00 19.38 ? 140 THR A OG1 1 
ATOM   910  C CG2 . THR A 1 140 ? -6.630  4.358   -10.094 1.00 14.95 ? 140 THR A CG2 1 
ATOM   911  N N   . PHE A 1 141 ? -4.054  4.311   -7.694  1.00 8.50  ? 141 PHE A N   1 
ATOM   912  C CA  . PHE A 1 141 ? -4.227  4.675   -6.295  1.00 8.70  ? 141 PHE A CA  1 
ATOM   913  C C   . PHE A 1 141 ? -3.141  5.676   -5.813  1.00 7.94  ? 141 PHE A C   1 
ATOM   914  O O   . PHE A 1 141 ? -3.466  6.536   -5.002  1.00 8.26  ? 141 PHE A O   1 
ATOM   915  C CB  . PHE A 1 141 ? -4.214  3.410   -5.447  1.00 9.32  ? 141 PHE A CB  1 
ATOM   916  C CG  . PHE A 1 141 ? -5.613  2.747   -5.397  1.00 11.05 ? 141 PHE A CG  1 
ATOM   917  C CD1 . PHE A 1 141 ? -6.624  3.186   -4.495  1.00 10.89 ? 141 PHE A CD1 1 
ATOM   918  C CD2 . PHE A 1 141 ? -5.916  1.804   -6.386  1.00 12.86 ? 141 PHE A CD2 1 
ATOM   919  C CE1 . PHE A 1 141 ? -7.911  2.565   -4.549  1.00 13.51 ? 141 PHE A CE1 1 
ATOM   920  C CE2 . PHE A 1 141 ? -7.206  1.211   -6.435  1.00 15.11 ? 141 PHE A CE2 1 
ATOM   921  C CZ  . PHE A 1 141 ? -8.170  1.603   -5.559  1.00 14.34 ? 141 PHE A CZ  1 
ATOM   922  N N   . MET A 1 142 ? -1.922  5.534   -6.315  1.00 7.89  ? 142 MET A N   1 
ATOM   923  C CA  . MET A 1 142 ? -0.832  6.548   -6.020  1.00 9.52  ? 142 MET A CA  1 
ATOM   924  C C   . MET A 1 142 ? -1.342  7.960   -6.460  1.00 9.02  ? 142 MET A C   1 
ATOM   925  O O   . MET A 1 142 ? -1.220  8.903   -5.717  1.00 7.52  ? 142 MET A O   1 
ATOM   926  C CB  . MET A 1 142 ? 0.493   6.201   -6.731  1.00 11.73 ? 142 MET A CB  1 
ATOM   927  C CG  . MET A 1 142 ? 1.293   5.092   -6.095  1.00 14.33 ? 142 MET A CG  1 
ATOM   928  S SD  . MET A 1 142 ? 1.754   5.462   -4.357  1.00 17.69 ? 142 MET A SD  1 
ATOM   929  C CE  . MET A 1 142 ? 3.100   6.683   -4.507  1.00 13.70 ? 142 MET A CE  1 
ATOM   930  N N   . GLN A 1 143 ? -1.956  8.085   -7.636  1.00 8.99  ? 143 GLN A N   1 
ATOM   931  C CA  . GLN A 1 143 ? -2.470  9.359   -8.066  1.00 10.10 ? 143 GLN A CA  1 
ATOM   932  C C   . GLN A 1 143 ? -3.540  9.892   -7.118  1.00 10.07 ? 143 GLN A C   1 
ATOM   933  O O   . GLN A 1 143 ? -3.496  11.063  -6.755  1.00 7.73  ? 143 GLN A O   1 
ATOM   934  C CB  . GLN A 1 143 ? -3.004  9.280   -9.493  1.00 13.08 ? 143 GLN A CB  1 
ATOM   935  C CG  . GLN A 1 143 ? -1.835  8.931   -10.438 1.00 19.00 ? 143 GLN A CG  1 
ATOM   936  C CD  . GLN A 1 143 ? -2.209  9.054   -11.889 1.00 29.55 ? 143 GLN A CD  1 
ATOM   937  O OE1 . GLN A 1 143 ? -3.162  8.457   -12.336 1.00 33.02 ? 143 GLN A OE1 1 
ATOM   938  N NE2 . GLN A 1 143 ? -1.419  9.809   -12.629 1.00 40.60 ? 143 GLN A NE2 1 
ATOM   939  N N   . LYS A 1 144 ? -4.446  9.007   -6.709  1.00 9.12  ? 144 LYS A N   1 
ATOM   940  C CA  . LYS A 1 144 ? -5.481  9.328   -5.742  1.00 9.94  ? 144 LYS A CA  1 
ATOM   941  C C   . LYS A 1 144 ? -4.907  9.812   -4.429  1.00 8.22  ? 144 LYS A C   1 
ATOM   942  O O   . LYS A 1 144 ? -5.372  10.813  -3.913  1.00 8.44  ? 144 LYS A O   1 
ATOM   943  C CB  . LYS A 1 144 ? -6.432  8.097   -5.520  1.00 12.35 ? 144 LYS A CB  1 
ATOM   944  C CG  . LYS A 1 144 ? -7.556  8.436   -4.548  1.00 17.25 ? 144 LYS A CG  1 
ATOM   945  C CD  . LYS A 1 144 ? -8.592  7.292   -4.499  1.00 19.15 ? 144 LYS A CD  1 
ATOM   946  C CE  . LYS A 1 144 ? -9.784  7.699   -3.627  1.00 22.34 ? 144 LYS A CE  1 
ATOM   947  N NZ  . LYS A 1 144 ? -10.677 6.467   -3.589  1.00 23.53 ? 144 LYS A NZ  1 
ATOM   948  N N   . TRP A 1 145 ? -3.881  9.131   -3.873  1.00 7.66  ? 145 TRP A N   1 
ATOM   949  C CA  . TRP A 1 145 ? -3.347  9.487   -2.549  1.00 7.01  ? 145 TRP A CA  1 
ATOM   950  C C   . TRP A 1 145 ? -2.508  10.760  -2.599  1.00 6.47  ? 145 TRP A C   1 
ATOM   951  O O   . TRP A 1 145 ? -2.504  11.535  -1.702  1.00 6.04  ? 145 TRP A O   1 
ATOM   952  C CB  . TRP A 1 145 ? -2.493  8.313   -2.021  1.00 7.06  ? 145 TRP A CB  1 
ATOM   953  C CG  . TRP A 1 145 ? -3.371  7.082   -1.842  1.00 7.70  ? 145 TRP A CG  1 
ATOM   954  C CD1 . TRP A 1 145 ? -4.733  7.059   -1.493  1.00 7.66  ? 145 TRP A CD1 1 
ATOM   955  C CD2 . TRP A 1 145 ? -2.955  5.680   -1.928  1.00 8.08  ? 145 TRP A CD2 1 
ATOM   956  N NE1 . TRP A 1 145 ? -5.160  5.767   -1.386  1.00 8.45  ? 145 TRP A NE1 1 
ATOM   957  C CE2 . TRP A 1 145 ? -4.153  4.889   -1.686  1.00 8.54  ? 145 TRP A CE2 1 
ATOM   958  C CE3 . TRP A 1 145 ? -1.766  5.013   -2.310  1.00 7.92  ? 145 TRP A CE3 1 
ATOM   959  C CZ2 . TRP A 1 145 ? -4.102  3.497   -1.655  1.00 9.47  ? 145 TRP A CZ2 1 
ATOM   960  C CZ3 . TRP A 1 145 ? -1.747  3.590   -2.358  1.00 8.87  ? 145 TRP A CZ3 1 
ATOM   961  C CH2 . TRP A 1 145 ? -2.874  2.856   -2.031  1.00 9.17  ? 145 TRP A CH2 1 
ATOM   962  N N   . ILE A 1 146 ? -1.790  10.938  -3.687  1.00 5.89  ? 146 ILE A N   1 
ATOM   963  C CA  . ILE A 1 146 ? -1.036  12.218  -3.877  1.00 5.78  ? 146 ILE A CA  1 
ATOM   964  C C   . ILE A 1 146 ? -2.027  13.381  -4.053  1.00 6.14  ? 146 ILE A C   1 
ATOM   965  O O   . ILE A 1 146 ? -1.776  14.484  -3.568  1.00 6.42  ? 146 ILE A O   1 
ATOM   966  C CB  . ILE A 1 146 ? -0.167  12.109  -5.186  1.00 5.51  ? 146 ILE A CB  1 
ATOM   967  C CG1 . ILE A 1 146 ? 0.976   11.155  -4.828  1.00 5.27  ? 146 ILE A CG1 1 
ATOM   968  C CG2 . ILE A 1 146 ? 0.377   13.502  -5.583  1.00 5.23  ? 146 ILE A CG2 1 
ATOM   969  C CD1 . ILE A 1 146 ? 1.780   10.659  -6.087  1.00 5.47  ? 146 ILE A CD1 1 
ATOM   970  N N   . ALA A 1 147 ? -3.123  13.166  -4.805  1.00 6.55  ? 147 ALA A N   1 
ATOM   971  C CA  . ALA A 1 147 ? -4.073  14.276  -4.960  1.00 7.08  ? 147 ALA A CA  1 
ATOM   972  C C   . ALA A 1 147 ? -4.712  14.656  -3.606  1.00 7.90  ? 147 ALA A C   1 
ATOM   973  O O   . ALA A 1 147 ? -4.932  15.847  -3.312  1.00 7.95  ? 147 ALA A O   1 
ATOM   974  C CB  . ALA A 1 147 ? -5.158  13.955  -6.004  1.00 7.79  ? 147 ALA A CB  1 
ATOM   975  N N   . TYR A 1 148 ? -4.979  13.634  -2.775  1.00 8.66  ? 148 TYR A N   1 
ATOM   976  C CA  . TYR A 1 148 ? -5.593  13.897  -1.460  1.00 9.08  ? 148 TYR A CA  1 
ATOM   977  C C   . TYR A 1 148 ? -4.541  14.689  -0.604  1.00 7.83  ? 148 TYR A C   1 
ATOM   978  O O   . TYR A 1 148 ? -4.824  15.658  0.040   1.00 6.59  ? 148 TYR A O   1 
ATOM   979  C CB  . TYR A 1 148 ? -5.941  12.565  -0.850  1.00 11.55 ? 148 TYR A CB  1 
ATOM   980  C CG  . TYR A 1 148 ? -6.367  12.750  0.529   1.00 15.22 ? 148 TYR A CG  1 
ATOM   981  C CD1 . TYR A 1 148 ? -7.562  13.386  0.807   1.00 18.32 ? 148 TYR A CD1 1 
ATOM   982  C CD2 . TYR A 1 148 ? -5.536  12.374  1.558   1.00 17.30 ? 148 TYR A CD2 1 
ATOM   983  C CE1 . TYR A 1 148 ? -7.941  13.600  2.112   1.00 19.42 ? 148 TYR A CE1 1 
ATOM   984  C CE2 . TYR A 1 148 ? -5.927  12.541  2.870   1.00 22.12 ? 148 TYR A CE2 1 
ATOM   985  C CZ  . TYR A 1 148 ? -7.142  13.146  3.114   1.00 21.76 ? 148 TYR A CZ  1 
ATOM   986  O OH  . TYR A 1 148 ? -7.504  13.392  4.429   1.00 28.23 ? 148 TYR A OH  1 
ATOM   987  N N   . THR A 1 149 ? -3.303  14.233  -0.663  1.00 6.69  ? 149 THR A N   1 
ATOM   988  C CA  . THR A 1 149 ? -2.176  14.838  0.067   1.00 6.97  ? 149 THR A CA  1 
ATOM   989  C C   . THR A 1 149 ? -2.024  16.300  -0.383  1.00 6.77  ? 149 THR A C   1 
ATOM   990  O O   . THR A 1 149 ? -1.920  17.201  0.464   1.00 8.25  ? 149 THR A O   1 
ATOM   991  C CB  . THR A 1 149 ? -0.847  14.097  -0.206  1.00 6.07  ? 149 THR A CB  1 
ATOM   992  O OG1 . THR A 1 149 ? -0.893  12.779  0.338   1.00 6.38  ? 149 THR A OG1 1 
ATOM   993  C CG2 . THR A 1 149 ? 0.341   14.792  0.523   1.00 6.75  ? 149 THR A CG2 1 
ATOM   994  N N   . ALA A 1 150 ? -2.074  16.521  -1.675  1.00 7.84  ? 150 ALA A N   1 
ATOM   995  C CA  . ALA A 1 150 ? -1.905  17.912  -2.161  1.00 8.89  ? 150 ALA A CA  1 
ATOM   996  C C   . ALA A 1 150 ? -3.099  18.796  -1.701  1.00 9.24  ? 150 ALA A C   1 
ATOM   997  O O   . ALA A 1 150 ? -2.898  19.950  -1.386  1.00 9.55  ? 150 ALA A O   1 
ATOM   998  C CB  . ALA A 1 150 ? -1.784  17.921  -3.684  1.00 8.67  ? 150 ALA A CB  1 
ATOM   999  N N   . ALA A 1 151 ? -4.318  18.205  -1.723  1.00 9.94  ? 151 ALA A N   1 
ATOM   1000 C CA  . ALA A 1 151 ? -5.594  18.930  -1.256  1.00 10.71 ? 151 ALA A CA  1 
ATOM   1001 C C   . ALA A 1 151 ? -5.477  19.343  0.195   1.00 11.28 ? 151 ALA A C   1 
ATOM   1002 O O   . ALA A 1 151 ? -5.761  20.500  0.538   1.00 12.10 ? 151 ALA A O   1 
ATOM   1003 C CB  . ALA A 1 151 ? -6.869  18.063  -1.526  1.00 10.98 ? 151 ALA A CB  1 
ATOM   1004 N N   . VAL A 1 152 ? -4.952  18.461  1.063   1.00 10.71 ? 152 VAL A N   1 
ATOM   1005 C CA  . VAL A 1 152 ? -4.721  18.829  2.432   1.00 10.54 ? 152 VAL A CA  1 
ATOM   1006 C C   . VAL A 1 152 ? -3.651  19.895  2.607   1.00 11.80 ? 152 VAL A C   1 
ATOM   1007 O O   . VAL A 1 152 ? -3.838  20.828  3.366   1.00 11.21 ? 152 VAL A O   1 
ATOM   1008 C CB  . VAL A 1 152 ? -4.361  17.591  3.323   1.00 11.96 ? 152 VAL A CB  1 
ATOM   1009 C CG1 . VAL A 1 152 ? -4.126  18.015  4.773   1.00 12.43 ? 152 VAL A CG1 1 
ATOM   1010 C CG2 . VAL A 1 152 ? -5.459  16.520  3.272   1.00 12.23 ? 152 VAL A CG2 1 
ATOM   1011 N N   . ILE A 1 153 ? -2.516  19.773  1.934   1.00 10.33 ? 153 ILE A N   1 
ATOM   1012 C CA  . ILE A 1 153 ? -1.536  20.832  1.958   1.00 10.99 ? 153 ILE A CA  1 
ATOM   1013 C C   . ILE A 1 153 ? -2.117  22.201  1.514   1.00 12.90 ? 153 ILE A C   1 
ATOM   1014 O O   . ILE A 1 153 ? -1.802  23.210  2.107   1.00 13.95 ? 153 ILE A O   1 
ATOM   1015 C CB  . ILE A 1 153 ? -0.352  20.454  1.029   1.00 9.42  ? 153 ILE A CB  1 
ATOM   1016 C CG1 . ILE A 1 153 ? 0.488   19.312  1.725   1.00 8.73  ? 153 ILE A CG1 1 
ATOM   1017 C CG2 . ILE A 1 153 ? 0.655   21.604  0.898   1.00 9.47  ? 153 ILE A CG2 1 
ATOM   1018 C CD1 . ILE A 1 153 ? 1.422   18.599  0.728   1.00 8.00  ? 153 ILE A CD1 1 
ATOM   1019 N N   . ASP A 1 154 ? -2.888  22.209  0.442   1.00 14.00 ? 154 ASP A N   1 
ATOM   1020 C CA  . ASP A 1 154 ? -3.507  23.429  -0.068  1.00 16.04 ? 154 ASP A CA  1 
ATOM   1021 C C   . ASP A 1 154 ? -4.454  24.043  0.952   1.00 15.96 ? 154 ASP A C   1 
ATOM   1022 O O   . ASP A 1 154 ? -4.421  25.259  1.106   1.00 16.30 ? 154 ASP A O   1 
ATOM   1023 C CB  . ASP A 1 154 ? -4.276  23.132  -1.359  1.00 17.70 ? 154 ASP A CB  1 
ATOM   1024 C CG  . ASP A 1 154 ? -3.332  23.109  -2.576  1.00 23.19 ? 154 ASP A CG  1 
ATOM   1025 O OD1 . ASP A 1 154 ? -2.228  23.708  -2.479  1.00 25.99 ? 154 ASP A OD1 1 
ATOM   1026 O OD2 . ASP A 1 154 ? -3.674  22.474  -3.592  1.00 27.23 ? 154 ASP A OD2 1 
ATOM   1027 N N   . ALA A 1 155 ? -5.240  23.221  1.612   1.00 16.28 ? 155 ALA A N   1 
ATOM   1028 C CA  . ALA A 1 155 ? -6.130  23.663  2.701   1.00 18.31 ? 155 ALA A CA  1 
ATOM   1029 C C   . ALA A 1 155 ? -5.327  24.262  3.819   1.00 17.56 ? 155 ALA A C   1 
ATOM   1030 O O   . ALA A 1 155 ? -5.704  25.290  4.350   1.00 17.99 ? 155 ALA A O   1 
ATOM   1031 C CB  . ALA A 1 155 ? -6.952  22.521  3.226   1.00 18.49 ? 155 ALA A CB  1 
ATOM   1032 N N   . GLU A 1 156 ? -4.208  23.650  4.181   1.00 16.41 ? 156 GLU A N   1 
ATOM   1033 C CA  . GLU A 1 156 ? -3.354  24.172  5.191   1.00 15.92 ? 156 GLU A CA  1 
ATOM   1034 C C   . GLU A 1 156 ? -2.741  25.500  4.806   1.00 16.30 ? 156 GLU A C   1 
ATOM   1035 O O   . GLU A 1 156 ? -2.551  26.389  5.643   1.00 19.84 ? 156 GLU A O   1 
ATOM   1036 C CB  . GLU A 1 156 ? -2.242  23.141  5.535   1.00 17.52 ? 156 GLU A CB  1 
ATOM   1037 C CG  . GLU A 1 156 ? -2.699  21.875  6.266   1.00 20.05 ? 156 GLU A CG  1 
ATOM   1038 C CD  . GLU A 1 156 ? -3.169  22.181  7.689   1.00 23.85 ? 156 GLU A CD  1 
ATOM   1039 O OE1 . GLU A 1 156 ? -2.405  22.014  8.655   1.00 20.40 ? 156 GLU A OE1 1 
ATOM   1040 O OE2 . GLU A 1 156 ? -4.281  22.674  7.829   1.00 26.14 ? 156 GLU A OE2 1 
ATOM   1041 N N   . ARG A 1 157 ? -2.367  25.653  3.533   1.00 15.07 ? 157 ARG A N   1 
ATOM   1042 C CA  . ARG A 1 157 ? -1.843  26.944  3.110   1.00 14.20 ? 157 ARG A CA  1 
ATOM   1043 C C   . ARG A 1 157 ? -2.973  28.058  3.144   1.00 16.83 ? 157 ARG A C   1 
ATOM   1044 O O   . ARG A 1 157 ? -2.695  29.226  3.463   1.00 18.05 ? 157 ARG A O   1 
ATOM   1045 C CB  . ARG A 1 157 ? -1.284  26.774  1.709   1.00 14.65 ? 157 ARG A CB  1 
ATOM   1046 C CG  . ARG A 1 157 ? 0.011   25.910  1.762   1.00 11.46 ? 157 ARG A CG  1 
ATOM   1047 C CD  . ARG A 1 157 ? 0.472   25.661  0.340   1.00 12.77 ? 157 ARG A CD  1 
ATOM   1048 N NE  . ARG A 1 157 ? 1.763   24.937  0.391   1.00 11.92 ? 157 ARG A NE  1 
ATOM   1049 C CZ  . ARG A 1 157 ? 2.499   24.686  -0.674  1.00 12.08 ? 157 ARG A CZ  1 
ATOM   1050 N NH1 . ARG A 1 157 ? 2.122   25.111  -1.899  1.00 11.46 ? 157 ARG A NH1 1 
ATOM   1051 N NH2 . ARG A 1 157 ? 3.670   24.110  -0.491  1.00 11.62 ? 157 ARG A NH2 1 
ATOM   1052 N N   . ASP A 1 158 ? -4.164  27.689  2.738   1.00 17.42 ? 158 ASP A N   1 
ATOM   1053 C CA  . ASP A 1 158 ? -5.281  28.650  2.605   1.00 24.18 ? 158 ASP A CA  1 
ATOM   1054 C C   . ASP A 1 158 ? -5.655  29.099  4.011   1.00 24.61 ? 158 ASP A C   1 
ATOM   1055 O O   . ASP A 1 158 ? -5.947  30.266  4.212   1.00 30.85 ? 158 ASP A O   1 
ATOM   1056 C CB  . ASP A 1 158 ? -6.483  27.959  2.010   1.00 24.56 ? 158 ASP A CB  1 
ATOM   1057 C CG  . ASP A 1 158 ? -6.346  27.719  0.516   1.00 33.03 ? 158 ASP A CG  1 
ATOM   1058 O OD1 . ASP A 1 158 ? -5.430  28.278  -0.161  1.00 39.87 ? 158 ASP A OD1 1 
ATOM   1059 O OD2 . ASP A 1 158 ? -7.179  26.935  0.003   1.00 34.25 ? 158 ASP A OD2 1 
ATOM   1060 N N   . ARG A 1 159 ? -5.611  28.202  4.980   1.00 22.16 ? 159 ARG A N   1 
ATOM   1061 C CA  . ARG A 1 159 ? -5.867  28.596  6.370   1.00 27.61 ? 159 ARG A CA  1 
ATOM   1062 C C   . ARG A 1 159 ? -4.677  29.334  7.030   1.00 26.86 ? 159 ARG A C   1 
ATOM   1063 O O   . ARG A 1 159 ? -4.771  29.824  8.156   1.00 26.50 ? 159 ARG A O   1 
ATOM   1064 C CB  . ARG A 1 159 ? -6.523  27.449  7.191   1.00 29.66 ? 159 ARG A CB  1 
ATOM   1065 C CG  . ARG A 1 159 ? -5.636  26.346  7.692   1.00 32.03 ? 159 ARG A CG  1 
ATOM   1066 C CD  . ARG A 1 159 ? -6.318  25.344  8.634   1.00 34.63 ? 159 ARG A CD  1 
ATOM   1067 N NE  . ARG A 1 159 ? -5.277  24.465  9.258   1.00 43.19 ? 159 ARG A NE  1 
ATOM   1068 C CZ  . ARG A 1 159 ? -4.684  24.630  10.465  1.00 42.79 ? 159 ARG A CZ  1 
ATOM   1069 N NH1 . ARG A 1 159 ? -5.025  25.648  11.253  1.00 51.62 ? 159 ARG A NH1 1 
ATOM   1070 N NH2 . ARG A 1 159 ? -3.723  23.797  10.897  1.00 37.67 ? 159 ARG A NH2 1 
ATOM   1071 N N   . GLY A 1 160 ? -3.552  29.446  6.319   1.00 23.45 ? 160 GLY A N   1 
ATOM   1072 C CA  . GLY A 1 160 ? -2.408  30.158  6.866   1.00 24.18 ? 160 GLY A CA  1 
ATOM   1073 C C   . GLY A 1 160 ? -1.510  29.372  7.811   1.00 23.45 ? 160 GLY A C   1 
ATOM   1074 O O   . GLY A 1 160 ? -0.649  29.949  8.431   1.00 23.20 ? 160 GLY A O   1 
ATOM   1075 N N   . ALA A 1 161 ? -1.702  28.057  7.887   1.00 21.31 ? 161 ALA A N   1 
ATOM   1076 C CA  . ALA A 1 161 ? -0.940  27.157  8.777   1.00 21.30 ? 161 ALA A CA  1 
ATOM   1077 C C   . ALA A 1 161 ? 0.329   26.648  8.128   1.00 19.84 ? 161 ALA A C   1 
ATOM   1078 O O   . ALA A 1 161 ? 1.258   26.259  8.789   1.00 20.54 ? 161 ALA A O   1 
ATOM   1079 C CB  . ALA A 1 161 ? -1.827  25.967  9.152   1.00 22.08 ? 161 ALA A CB  1 
ATOM   1080 N N   . ALA A 1 162 ? 0.365   26.681  6.809   1.00 19.45 ? 162 ALA A N   1 
ATOM   1081 C CA  . ALA A 1 162 ? 1.557   26.208  6.037   1.00 17.06 ? 162 ALA A CA  1 
ATOM   1082 C C   . ALA A 1 162 ? 1.985   27.265  5.014   1.00 15.87 ? 162 ALA A C   1 
ATOM   1083 O O   . ALA A 1 162 ? 1.138   27.893  4.382   1.00 18.09 ? 162 ALA A O   1 
ATOM   1084 C CB  . ALA A 1 162 ? 1.203   24.915  5.307   1.00 14.90 ? 162 ALA A CB  1 
ATOM   1085 N N   . PRO A 1 163 ? 3.288   27.426  4.806   1.00 15.31 ? 163 PRO A N   1 
ATOM   1086 C CA  . PRO A 1 163 ? 3.833   28.478  3.919   1.00 16.56 ? 163 PRO A CA  1 
ATOM   1087 C C   . PRO A 1 163 ? 3.783   28.068  2.462   1.00 17.50 ? 163 PRO A C   1 
ATOM   1088 O O   . PRO A 1 163 ? 3.757   26.876  2.165   1.00 13.82 ? 163 PRO A O   1 
ATOM   1089 C CB  . PRO A 1 163 ? 5.297   28.613  4.372   1.00 14.79 ? 163 PRO A CB  1 
ATOM   1090 C CG  . PRO A 1 163 ? 5.641   27.214  4.859   1.00 15.25 ? 163 PRO A CG  1 
ATOM   1091 C CD  . PRO A 1 163 ? 4.359   26.656  5.482   1.00 14.90 ? 163 PRO A CD  1 
ATOM   1092 N N   . ARG A 1 164 ? 3.692   29.025  1.551   1.00 15.45 ? 164 ARG A N   1 
ATOM   1093 C CA  . ARG A 1 164 ? 3.548   28.655  0.142   1.00 17.26 ? 164 ARG A CA  1 
ATOM   1094 C C   . ARG A 1 164 ? 4.961   28.510  -0.416  1.00 17.06 ? 164 ARG A C   1 
ATOM   1095 O O   . ARG A 1 164 ? 5.566   29.501  -0.849  1.00 17.25 ? 164 ARG A O   1 
ATOM   1096 C CB  . ARG A 1 164 ? 2.683   29.686  -0.674  1.00 20.28 ? 164 ARG A CB  1 
ATOM   1097 C CG  . ARG A 1 164 ? 1.211   29.692  -0.198  1.00 25.75 ? 164 ARG A CG  1 
ATOM   1098 C CD  . ARG A 1 164 ? 0.267   30.599  -1.019  1.00 29.18 ? 164 ARG A CD  1 
ATOM   1099 N NE  . ARG A 1 164 ? -1.108  30.594  -0.442  1.00 32.28 ? 164 ARG A NE  1 
ATOM   1100 C CZ  . ARG A 1 164 ? -2.029  29.623  -0.626  1.00 33.70 ? 164 ARG A CZ  1 
ATOM   1101 N NH1 . ARG A 1 164 ? -1.754  28.548  -1.363  1.00 36.49 ? 164 ARG A NH1 1 
ATOM   1102 N NH2 . ARG A 1 164 ? -3.248  29.712  -0.065  1.00 34.43 ? 164 ARG A NH2 1 
ATOM   1103 N N   . THR A 1 165 ? 5.509   27.296  -0.371  1.00 14.79 ? 165 THR A N   1 
ATOM   1104 C CA  . THR A 1 165 ? 6.880   27.007  -0.787  1.00 14.62 ? 165 THR A CA  1 
ATOM   1105 C C   . THR A 1 165 ? 6.820   26.307  -2.146  1.00 16.06 ? 165 THR A C   1 
ATOM   1106 O O   . THR A 1 165 ? 6.458   26.923  -3.172  1.00 17.70 ? 165 THR A O   1 
ATOM   1107 C CB  . THR A 1 165 ? 7.614   26.146  0.282   1.00 14.23 ? 165 THR A CB  1 
ATOM   1108 O OG1 . THR A 1 165 ? 6.753   25.040  0.615   1.00 12.23 ? 165 THR A OG1 1 
ATOM   1109 C CG2 . THR A 1 165 ? 7.832   26.922  1.571   1.00 14.43 ? 165 THR A CG2 1 
ATOM   1110 N N   . LEU A 1 166 ? 7.084   25.010  -2.206  1.00 13.91 ? 166 LEU A N   1 
ATOM   1111 C CA  . LEU A 1 166 ? 6.959   24.265  -3.478  1.00 13.16 ? 166 LEU A CA  1 
ATOM   1112 C C   . LEU A 1 166 ? 5.458   24.177  -3.908  1.00 13.03 ? 166 LEU A C   1 
ATOM   1113 O O   . LEU A 1 166 ? 4.568   24.290  -3.047  1.00 13.88 ? 166 LEU A O   1 
ATOM   1114 C CB  . LEU A 1 166 ? 7.359   22.809  -3.212  1.00 12.20 ? 166 LEU A CB  1 
ATOM   1115 C CG  . LEU A 1 166 ? 8.796   22.547  -2.858  1.00 12.90 ? 166 LEU A CG  1 
ATOM   1116 C CD1 . LEU A 1 166 ? 8.922   21.008  -2.732  1.00 13.74 ? 166 LEU A CD1 1 
ATOM   1117 C CD2 . LEU A 1 166 ? 9.750   23.099  -3.913  1.00 13.20 ? 166 LEU A CD2 1 
ATOM   1118 N N   . PRO A 1 167 ? 5.214   23.972  -5.192  1.00 12.55 ? 167 PRO A N   1 
ATOM   1119 C CA  . PRO A 1 167 ? 3.938   23.424  -5.795  1.00 11.38 ? 167 PRO A CA  1 
ATOM   1120 C C   . PRO A 1 167 ? 3.495   22.221  -4.940  1.00 11.32 ? 167 PRO A C   1 
ATOM   1121 O O   . PRO A 1 167 ? 4.289   21.254  -4.744  1.00 9.48  ? 167 PRO A O   1 
ATOM   1122 C CB  . PRO A 1 167 ? 4.365   22.936  -7.163  1.00 10.81 ? 167 PRO A CB  1 
ATOM   1123 C CG  . PRO A 1 167 ? 5.502   23.913  -7.551  1.00 11.54 ? 167 PRO A CG  1 
ATOM   1124 C CD  . PRO A 1 167 ? 6.287   24.100  -6.230  1.00 11.57 ? 167 PRO A CD  1 
ATOM   1125 N N   . ALA A 1 168 ? 2.307   22.378  -4.339  1.00 11.07 ? 168 ALA A N   1 
ATOM   1126 C CA  . ALA A 1 168 ? 1.800   21.361  -3.394  1.00 11.34 ? 168 ALA A CA  1 
ATOM   1127 C C   . ALA A 1 168 ? 1.783   19.982  -4.017  1.00 9.91  ? 168 ALA A C   1 
ATOM   1128 O O   . ALA A 1 168 ? 2.004   18.994  -3.325  1.00 8.94  ? 168 ALA A O   1 
ATOM   1129 C CB  . ALA A 1 168 ? 0.375   21.703  -2.942  1.00 12.58 ? 168 ALA A CB  1 
ATOM   1130 N N   . HIS A 1 169 ? 1.403   19.891  -5.291  1.00 9.21  ? 169 HIS A N   1 
ATOM   1131 C CA  . HIS A 1 169 ? 1.262   18.612  -5.942  1.00 9.37  ? 169 HIS A CA  1 
ATOM   1132 C C   . HIS A 1 169 ? 2.599   17.908  -6.190  1.00 9.65  ? 169 HIS A C   1 
ATOM   1133 O O   . HIS A 1 169 ? 2.702   16.716  -5.976  1.00 9.59  ? 169 HIS A O   1 
ATOM   1134 C CB  . HIS A 1 169 ? 0.444   18.727  -7.246  1.00 10.17 ? 169 HIS A CB  1 
ATOM   1135 C CG  . HIS A 1 169 ? -0.013  17.403  -7.789  1.00 8.76  ? 169 HIS A CG  1 
ATOM   1136 N ND1 . HIS A 1 169 ? 0.752   16.670  -8.599  1.00 9.13  ? 169 HIS A ND1 1 
ATOM   1137 C CD2 . HIS A 1 169 ? -1.130  16.650  -7.513  1.00 8.86  ? 169 HIS A CD2 1 
ATOM   1138 C CE1 . HIS A 1 169 ? 0.131   15.495  -8.885  1.00 8.35  ? 169 HIS A CE1 1 
ATOM   1139 N NE2 . HIS A 1 169 ? -1.065  15.519  -8.276  1.00 9.28  ? 169 HIS A NE2 1 
ATOM   1140 N N   . GLU A 1 170 ? 3.671   18.689  -6.438  1.00 8.77  ? 170 GLU A N   1 
ATOM   1141 C CA  . GLU A 1 170 ? 5.034   18.129  -6.588  1.00 8.67  ? 170 GLU A CA  1 
ATOM   1142 C C   . GLU A 1 170 ? 5.573   17.694  -5.195  1.00 7.32  ? 170 GLU A C   1 
ATOM   1143 O O   . GLU A 1 170 ? 6.227   16.654  -5.094  1.00 6.93  ? 170 GLU A O   1 
ATOM   1144 C CB  . GLU A 1 170 ? 6.002   19.135  -7.223  1.00 10.70 ? 170 GLU A CB  1 
ATOM   1145 C CG  . GLU A 1 170 ? 5.539   19.412  -8.673  1.00 12.90 ? 170 GLU A CG  1 
ATOM   1146 C CD  . GLU A 1 170 ? 6.207   20.668  -9.345  1.00 15.38 ? 170 GLU A CD  1 
ATOM   1147 O OE1 . GLU A 1 170 ? 7.135   21.266  -8.746  1.00 14.39 ? 170 GLU A OE1 1 
ATOM   1148 O OE2 . GLU A 1 170 ? 5.727   21.052  -10.478 1.00 17.75 ? 170 GLU A OE2 1 
ATOM   1149 N N   . LEU A 1 171 ? 5.331   18.533  -4.202  1.00 6.87  ? 171 LEU A N   1 
ATOM   1150 C CA  . LEU A 1 171 ? 5.743   18.183  -2.815  1.00 6.52  ? 171 LEU A CA  1 
ATOM   1151 C C   . LEU A 1 171 ? 5.039   16.836  -2.474  1.00 5.90  ? 171 LEU A C   1 
ATOM   1152 O O   . LEU A 1 171 ? 5.699   15.885  -1.909  1.00 5.33  ? 171 LEU A O   1 
ATOM   1153 C CB  . LEU A 1 171 ? 5.328   19.279  -1.812  1.00 7.67  ? 171 LEU A CB  1 
ATOM   1154 C CG  . LEU A 1 171 ? 5.614   19.002  -0.348  1.00 7.67  ? 171 LEU A CG  1 
ATOM   1155 C CD1 . LEU A 1 171 ? 7.053   18.548  -0.100  1.00 7.63  ? 171 LEU A CD1 1 
ATOM   1156 C CD2 . LEU A 1 171 ? 5.223   20.252  0.492   1.00 9.24  ? 171 LEU A CD2 1 
ATOM   1157 N N   . ALA A 1 172 ? 3.727   16.839  -2.666  1.00 5.41  ? 172 ALA A N   1 
ATOM   1158 C CA  . ALA A 1 172 ? 2.921   15.582  -2.367  1.00 5.59  ? 172 ALA A CA  1 
ATOM   1159 C C   . ALA A 1 172 ? 3.471   14.355  -3.081  1.00 5.66  ? 172 ALA A C   1 
ATOM   1160 O O   . ALA A 1 172 ? 3.480   13.226  -2.495  1.00 5.66  ? 172 ALA A O   1 
ATOM   1161 C CB  . ALA A 1 172 ? 1.435   15.789  -2.666  1.00 5.60  ? 172 ALA A CB  1 
ATOM   1162 N N   . THR A 1 173 ? 3.888   14.535  -4.341  1.00 4.97  ? 173 THR A N   1 
ATOM   1163 C CA  . THR A 1 173 ? 4.369   13.384  -5.128  1.00 4.91  ? 173 THR A CA  1 
ATOM   1164 C C   . THR A 1 173 ? 5.655   12.831  -4.482  1.00 4.58  ? 173 THR A C   1 
ATOM   1165 O O   . THR A 1 173 ? 5.750   11.641  -4.211  1.00 4.68  ? 173 THR A O   1 
ATOM   1166 C CB  . THR A 1 173 ? 4.622   13.761  -6.613  1.00 5.46  ? 173 THR A CB  1 
ATOM   1167 O OG1 . THR A 1 173 ? 3.400   14.230  -7.204  1.00 5.96  ? 173 THR A OG1 1 
ATOM   1168 C CG2 . THR A 1 173 ? 5.215   12.581  -7.450  1.00 6.11  ? 173 THR A CG2 1 
ATOM   1169 N N   . ALA A 1 174 ? 6.645   13.698  -4.177  1.00 4.09  ? 174 ALA A N   1 
ATOM   1170 C CA  . ALA A 1 174 ? 7.905   13.211  -3.629  1.00 3.88  ? 174 ALA A CA  1 
ATOM   1171 C C   . ALA A 1 174 ? 7.650   12.573  -2.281  1.00 4.00  ? 174 ALA A C   1 
ATOM   1172 O O   . ALA A 1 174 ? 8.317   11.617  -1.915  1.00 4.00  ? 174 ALA A O   1 
ATOM   1173 C CB  . ALA A 1 174 ? 8.968   14.384  -3.499  1.00 3.46  ? 174 ALA A CB  1 
ATOM   1174 N N   . LEU A 1 175 ? 6.768   13.166  -1.447  1.00 3.98  ? 175 LEU A N   1 
ATOM   1175 C CA  . LEU A 1 175 ? 6.600   12.590  -0.099  1.00 4.34  ? 175 LEU A CA  1 
ATOM   1176 C C   . LEU A 1 175 ? 5.867   11.247  -0.139  1.00 4.44  ? 175 LEU A C   1 
ATOM   1177 O O   . LEU A 1 175 ? 6.224   10.359  0.603   1.00 4.61  ? 175 LEU A O   1 
ATOM   1178 C CB  . LEU A 1 175 ? 5.771   13.528  0.820   1.00 4.54  ? 175 LEU A CB  1 
ATOM   1179 C CG  . LEU A 1 175 ? 6.510   14.913  1.125   1.00 4.58  ? 175 LEU A CG  1 
ATOM   1180 C CD1 . LEU A 1 175 ? 5.448   15.761  1.890   1.00 5.02  ? 175 LEU A CD1 1 
ATOM   1181 C CD2 . LEU A 1 175 ? 7.718   14.643  2.060   1.00 4.98  ? 175 LEU A CD2 1 
ATOM   1182 N N   . ASN A 1 176 ? 4.900   11.087  -1.014  1.00 4.98  ? 176 ASN A N   1 
ATOM   1183 C CA  . ASN A 1 176 ? 4.271   9.762   -1.144  1.00 5.32  ? 176 ASN A CA  1 
ATOM   1184 C C   . ASN A 1 176 ? 5.234   8.753   -1.750  1.00 5.26  ? 176 ASN A C   1 
ATOM   1185 O O   . ASN A 1 176 ? 5.193   7.587   -1.398  1.00 5.43  ? 176 ASN A O   1 
ATOM   1186 C CB  . ASN A 1 176 ? 3.053   9.907   -2.092  1.00 5.93  ? 176 ASN A CB  1 
ATOM   1187 C CG  . ASN A 1 176 ? 1.822   10.370  -1.343  1.00 7.22  ? 176 ASN A CG  1 
ATOM   1188 O OD1 . ASN A 1 176 ? 1.021   9.521   -0.965  1.00 9.42  ? 176 ASN A OD1 1 
ATOM   1189 N ND2 . ASN A 1 176 ? 1.631   11.657  -1.147  1.00 8.15  ? 176 ASN A ND2 1 
ATOM   1190 N N   . LEU A 1 177 ? 6.059   9.185   -2.723  1.00 5.40  ? 177 LEU A N   1 
ATOM   1191 C CA  . LEU A 1 177 ? 7.123   8.249   -3.262  1.00 5.30  ? 177 LEU A CA  1 
ATOM   1192 C C   . LEU A 1 177 ? 8.146   7.842   -2.156  1.00 5.22  ? 177 LEU A C   1 
ATOM   1193 O O   . LEU A 1 177 ? 8.584   6.693   -2.079  1.00 5.74  ? 177 LEU A O   1 
ATOM   1194 C CB  . LEU A 1 177 ? 7.839   8.800   -4.535  1.00 5.50  ? 177 LEU A CB  1 
ATOM   1195 C CG  . LEU A 1 177 ? 6.918   8.893   -5.811  1.00 6.38  ? 177 LEU A CG  1 
ATOM   1196 C CD1 . LEU A 1 177 ? 7.714   9.602   -6.891  1.00 7.36  ? 177 LEU A CD1 1 
ATOM   1197 C CD2 . LEU A 1 177 ? 6.596   7.477   -6.236  1.00 6.93  ? 177 LEU A CD2 1 
ATOM   1198 N N   . MET A 1 178 ? 8.555   8.795   -1.335  1.00 5.40  ? 178 MET A N   1 
ATOM   1199 C CA  . MET A 1 178 ? 9.399   8.457   -0.234  1.00 5.95  ? 178 MET A CA  1 
ATOM   1200 C C   . MET A 1 178 ? 8.712   7.358   0.588   1.00 5.87  ? 178 MET A C   1 
ATOM   1201 O O   . MET A 1 178 ? 9.410   6.417   1.031   1.00 5.43  ? 178 MET A O   1 
ATOM   1202 C CB  . MET A 1 178 ? 9.673   9.659   0.687   1.00 6.27  ? 178 MET A CB  1 
ATOM   1203 C CG  . MET A 1 178 ? 10.375  9.222   2.020   1.00 7.12  ? 178 MET A CG  1 
ATOM   1204 S SD  . MET A 1 178 ? 10.832  10.712  2.978   1.00 8.75  ? 178 MET A SD  1 
ATOM   1205 C CE  . MET A 1 178 ? 9.249   11.419  3.478   1.00 7.81  ? 178 MET A CE  1 
ATOM   1206 N N   . ASN A 1 179 ? 7.442   7.585   0.986   1.00 6.30  ? 179 ASN A N   1 
ATOM   1207 C CA  . ASN A 1 179 ? 6.791   6.618   1.885   1.00 7.06  ? 179 ASN A CA  1 
ATOM   1208 C C   . ASN A 1 179 ? 6.698   5.271   1.224   1.00 7.04  ? 179 ASN A C   1 
ATOM   1209 O O   . ASN A 1 179 ? 6.895   4.239   1.898   1.00 6.88  ? 179 ASN A O   1 
ATOM   1210 C CB  . ASN A 1 179 ? 5.393   7.097   2.283   1.00 6.67  ? 179 ASN A CB  1 
ATOM   1211 C CG  . ASN A 1 179 ? 5.439   8.195   3.265   1.00 7.12  ? 179 ASN A CG  1 
ATOM   1212 O OD1 . ASN A 1 179 ? 6.505   8.865   3.502   1.00 6.75  ? 179 ASN A OD1 1 
ATOM   1213 N ND2 . ASN A 1 179 ? 4.287   8.437   3.881   1.00 7.61  ? 179 ASN A ND2 1 
ATOM   1214 N N   . GLU A 1 180 ? 6.382   5.228   -0.076  1.00 7.03  ? 180 GLU A N   1 
ATOM   1215 C CA  . GLU A 1 180 ? 6.300   3.932   -0.787  1.00 7.79  ? 180 GLU A CA  1 
ATOM   1216 C C   . GLU A 1 180 ? 7.660   3.198   -0.647  1.00 7.91  ? 180 GLU A C   1 
ATOM   1217 O O   . GLU A 1 180 ? 7.739   2.024   -0.146  1.00 7.83  ? 180 GLU A O   1 
ATOM   1218 C CB  . GLU A 1 180 ? 5.998   4.137   -2.267  1.00 9.91  ? 180 GLU A CB  1 
ATOM   1219 C CG  . GLU A 1 180 ? 5.984   2.855   -3.091  1.00 11.89 ? 180 GLU A CG  1 
ATOM   1220 C CD  . GLU A 1 180 ? 6.059   3.174   -4.595  1.00 14.76 ? 180 GLU A CD  1 
ATOM   1221 O OE1 . GLU A 1 180 ? 5.225   3.920   -5.102  1.00 14.57 ? 180 GLU A OE1 1 
ATOM   1222 O OE2 . GLU A 1 180 ? 6.931   2.624   -5.292  1.00 20.19 ? 180 GLU A OE2 1 
ATOM   1223 N N   . ARG A 1 181 ? 8.762   3.904   -0.986  1.00 7.15  ? 181 ARG A N   1 
ATOM   1224 C CA  . ARG A 1 181 ? 10.048  3.214   -1.073  1.00 7.63  ? 181 ARG A CA  1 
ATOM   1225 C C   . ARG A 1 181 ? 10.513  2.857   0.369   1.00 7.24  ? 181 ARG A C   1 
ATOM   1226 O O   . ARG A 1 181 ? 11.059  1.764   0.580   1.00 7.56  ? 181 ARG A O   1 
ATOM   1227 C CB  . ARG A 1 181 ? 11.085  4.165   -1.677  1.00 8.05  ? 181 ARG A CB  1 
ATOM   1228 C CG  . ARG A 1 181 ? 12.412  3.494   -1.988  1.00 10.17 ? 181 ARG A CG  1 
ATOM   1229 C CD  . ARG A 1 181 ? 12.233  2.260   -2.885  1.00 11.69 ? 181 ARG A CD  1 
ATOM   1230 N NE  . ARG A 1 181 ? 13.602  1.771   -2.989  1.00 16.57 ? 181 ARG A NE  1 
ATOM   1231 C CZ  . ARG A 1 181 ? 14.097  0.709   -2.354  1.00 18.95 ? 181 ARG A CZ  1 
ATOM   1232 N NH1 . ARG A 1 181 ? 13.313  -0.024  -1.601  1.00 21.02 ? 181 ARG A NH1 1 
ATOM   1233 N NH2 . ARG A 1 181 ? 15.407  0.406   -2.496  1.00 23.02 ? 181 ARG A NH2 1 
ATOM   1234 N N   . THR A 1 182 ? 10.288  3.750   1.342   1.00 6.68  ? 182 THR A N   1 
ATOM   1235 C CA  . THR A 1 182 ? 10.896  3.575   2.707   1.00 6.66  ? 182 THR A CA  1 
ATOM   1236 C C   . THR A 1 182 ? 10.072  2.503   3.460   1.00 7.76  ? 182 THR A C   1 
ATOM   1237 O O   . THR A 1 182 ? 10.624  1.664   4.098   1.00 7.46  ? 182 THR A O   1 
ATOM   1238 C CB  . THR A 1 182 ? 10.882  4.949   3.448   1.00 6.92  ? 182 THR A CB  1 
ATOM   1239 O OG1 . THR A 1 182 ? 11.630  5.906   2.616   1.00 6.42  ? 182 THR A OG1 1 
ATOM   1240 C CG2 . THR A 1 182 ? 11.538  4.813   4.815   1.00 6.53  ? 182 THR A CG2 1 
ATOM   1241 N N   . LEU A 1 183 ? 8.729   2.607   3.428   1.00 7.31  ? 183 LEU A N   1 
ATOM   1242 C CA  . LEU A 1 183 ? 7.926   1.573   4.102   1.00 9.22  ? 183 LEU A CA  1 
ATOM   1243 C C   . LEU A 1 183 ? 8.244   0.231   3.551   1.00 8.78  ? 183 LEU A C   1 
ATOM   1244 O O   . LEU A 1 183 ? 8.478   -0.718  4.347   1.00 9.08  ? 183 LEU A O   1 
ATOM   1245 C CB  . LEU A 1 183 ? 6.426   1.833   3.885   1.00 9.16  ? 183 LEU A CB  1 
ATOM   1246 C CG  . LEU A 1 183 ? 5.848   2.976   4.725   1.00 9.86  ? 183 LEU A CG  1 
ATOM   1247 C CD1 . LEU A 1 183 ? 4.439   3.252   4.258   1.00 10.49 ? 183 LEU A CD1 1 
ATOM   1248 C CD2 . LEU A 1 183 ? 5.850   2.743   6.253   1.00 9.85  ? 183 LEU A CD2 1 
ATOM   1249 N N   . PHE A 1 184 ? 8.295   0.126   2.215   1.00 9.46  ? 184 PHE A N   1 
ATOM   1250 C CA  . PHE A 1 184 ? 8.450   -1.185  1.620   1.00 11.72 ? 184 PHE A CA  1 
ATOM   1251 C C   . PHE A 1 184 ? 9.904   -1.741  1.851   1.00 11.71 ? 184 PHE A C   1 
ATOM   1252 O O   . PHE A 1 184 ? 10.104  -2.935  2.190   1.00 12.69 ? 184 PHE A O   1 
ATOM   1253 C CB  . PHE A 1 184 ? 7.971   -1.201  0.125   1.00 14.49 ? 184 PHE A CB  1 
ATOM   1254 C CG  . PHE A 1 184 ? 6.473   -0.850  -0.033  1.00 18.32 ? 184 PHE A CG  1 
ATOM   1255 C CD1 . PHE A 1 184 ? 5.612   -0.714  1.108   1.00 19.16 ? 184 PHE A CD1 1 
ATOM   1256 C CD2 . PHE A 1 184 ? 5.920   -0.560  -1.273  1.00 18.90 ? 184 PHE A CD2 1 
ATOM   1257 C CE1 . PHE A 1 184 ? 4.243   -0.340  1.005   1.00 21.49 ? 184 PHE A CE1 1 
ATOM   1258 C CE2 . PHE A 1 184 ? 4.553   -0.226  -1.375  1.00 18.78 ? 184 PHE A CE2 1 
ATOM   1259 C CZ  . PHE A 1 184 ? 3.720   -0.100  -0.263  1.00 19.57 ? 184 PHE A CZ  1 
ATOM   1260 N N   . ALA A 1 185 ? 10.915  -0.870  1.830   1.00 10.84 ? 185 ALA A N   1 
ATOM   1261 C CA  . ALA A 1 185 ? 12.260  -1.351  2.306   1.00 10.37 ? 185 ALA A CA  1 
ATOM   1262 C C   . ALA A 1 185 ? 12.217  -1.804  3.773   1.00 10.50 ? 185 ALA A C   1 
ATOM   1263 O O   . ALA A 1 185 ? 12.887  -2.812  4.096   1.00 11.01 ? 185 ALA A O   1 
ATOM   1264 C CB  . ALA A 1 185 ? 13.310  -0.254  2.165   1.00 11.19 ? 185 ALA A CB  1 
ATOM   1265 N N   . SER A 1 186 ? 11.525  -1.072  4.667   1.00 9.57  ? 186 SER A N   1 
ATOM   1266 C CA  . SER A 1 186 ? 11.500  -1.475  6.083   1.00 9.74  ? 186 SER A CA  1 
ATOM   1267 C C   . SER A 1 186 ? 10.814  -2.835  6.193   1.00 10.40 ? 186 SER A C   1 
ATOM   1268 O O   . SER A 1 186 ? 11.290  -3.706  6.950   1.00 11.91 ? 186 SER A O   1 
ATOM   1269 C CB  . SER A 1 186 ? 10.693  -0.469  6.941   1.00 9.97  ? 186 SER A CB  1 
ATOM   1270 O OG  . SER A 1 186 ? 11.448  0.703   6.946   1.00 15.55 ? 186 SER A OG  1 
ATOM   1271 N N   . PHE A 1 187 ? 9.685   -2.998  5.525   1.00 9.43  ? 187 PHE A N   1 
ATOM   1272 C CA  . PHE A 1 187 ? 8.915   -4.262  5.630   1.00 11.80 ? 187 PHE A CA  1 
ATOM   1273 C C   . PHE A 1 187 ? 9.717   -5.442  5.098   1.00 15.60 ? 187 PHE A C   1 
ATOM   1274 O O   . PHE A 1 187 ? 9.586   -6.553  5.619   1.00 16.84 ? 187 PHE A O   1 
ATOM   1275 C CB  . PHE A 1 187 ? 7.622   -4.186  4.824   1.00 11.48 ? 187 PHE A CB  1 
ATOM   1276 C CG  . PHE A 1 187 ? 6.635   -3.165  5.363   1.00 11.89 ? 187 PHE A CG  1 
ATOM   1277 C CD1 . PHE A 1 187 ? 6.706   -2.784  6.646   1.00 11.94 ? 187 PHE A CD1 1 
ATOM   1278 C CD2 . PHE A 1 187 ? 5.562   -2.701  4.583   1.00 13.25 ? 187 PHE A CD2 1 
ATOM   1279 C CE1 . PHE A 1 187 ? 5.782   -1.856  7.186   1.00 12.44 ? 187 PHE A CE1 1 
ATOM   1280 C CE2 . PHE A 1 187 ? 4.647   -1.797  5.097   1.00 12.98 ? 187 PHE A CE2 1 
ATOM   1281 C CZ  . PHE A 1 187 ? 4.768   -1.352  6.403   1.00 12.91 ? 187 PHE A CZ  1 
ATOM   1282 N N   . ALA A 1 188 ? 10.503  -5.234  4.059   1.00 16.73 ? 188 ALA A N   1 
ATOM   1283 C CA  . ALA A 1 188 ? 11.294  -6.355  3.454   1.00 18.03 ? 188 ALA A CA  1 
ATOM   1284 C C   . ALA A 1 188 ? 12.595  -6.617  4.177   1.00 20.28 ? 188 ALA A C   1 
ATOM   1285 O O   . ALA A 1 188 ? 13.330  -7.503  3.780   1.00 23.64 ? 188 ALA A O   1 
ATOM   1286 C CB  . ALA A 1 188 ? 11.518  -6.104  1.960   1.00 20.47 ? 188 ALA A CB  1 
ATOM   1287 N N   . GLY A 1 189 ? 12.887  -5.834  5.209   1.00 19.63 ? 189 GLY A N   1 
ATOM   1288 C CA  . GLY A 1 189 ? 14.203  -5.772  5.856   1.00 19.28 ? 189 GLY A CA  1 
ATOM   1289 C C   . GLY A 1 189 ? 15.361  -5.611  4.858   1.00 22.64 ? 189 GLY A C   1 
ATOM   1290 O O   . GLY A 1 189 ? 16.427  -6.248  5.038   1.00 21.76 ? 189 GLY A O   1 
ATOM   1291 N N   . GLU A 1 190 ? 15.199  -4.752  3.832   1.00 18.21 ? 190 GLU A N   1 
ATOM   1292 C CA  . GLU A 1 190 ? 16.298  -4.465  2.887   1.00 17.12 ? 190 GLU A CA  1 
ATOM   1293 C C   . GLU A 1 190 ? 17.506  -3.842  3.561   1.00 16.65 ? 190 GLU A C   1 
ATOM   1294 O O   . GLU A 1 190 ? 17.399  -3.235  4.617   1.00 15.01 ? 190 GLU A O   1 
ATOM   1295 C CB  . GLU A 1 190 ? 15.890  -3.486  1.797   1.00 17.39 ? 190 GLU A CB  1 
ATOM   1296 C CG  . GLU A 1 190 ? 14.846  -4.040  0.898   1.00 19.63 ? 190 GLU A CG  1 
ATOM   1297 C CD  . GLU A 1 190 ? 14.555  -3.152  -0.288  1.00 23.50 ? 190 GLU A CD  1 
ATOM   1298 O OE1 . GLU A 1 190 ? 15.193  -2.100  -0.481  1.00 26.07 ? 190 GLU A OE1 1 
ATOM   1299 O OE2 . GLU A 1 190 ? 13.670  -3.553  -1.054  1.00 30.44 ? 190 GLU A OE2 1 
ATOM   1300 N N   . GLN A 1 191 ? 18.652  -3.936  2.883   1.00 16.36 ? 191 GLN A N   1 
ATOM   1301 C CA  . GLN A 1 191 ? 19.851  -3.220  3.297   1.00 19.11 ? 191 GLN A CA  1 
ATOM   1302 C C   . GLN A 1 191 ? 20.193  -2.203  2.217   1.00 19.31 ? 191 GLN A C   1 
ATOM   1303 O O   . GLN A 1 191 ? 20.546  -2.565  1.054   1.00 20.09 ? 191 GLN A O   1 
ATOM   1304 C CB  . GLN A 1 191 ? 20.991  -4.220  3.514   1.00 25.92 ? 191 GLN A CB  1 
ATOM   1305 C CG  . GLN A 1 191 ? 21.943  -3.707  4.579   1.00 38.61 ? 191 GLN A CG  1 
ATOM   1306 C CD  . GLN A 1 191 ? 22.892  -4.788  5.024   1.00 50.27 ? 191 GLN A CD  1 
ATOM   1307 O OE1 . GLN A 1 191 ? 22.551  -5.976  4.998   1.00 59.32 ? 191 GLN A OE1 1 
ATOM   1308 N NE2 . GLN A 1 191 ? 24.101  -4.396  5.399   1.00 52.65 ? 191 GLN A NE2 1 
ATOM   1309 N N   . PRO A 1 192 ? 20.043  -0.910  2.525   1.00 16.31 ? 192 PRO A N   1 
ATOM   1310 C CA  . PRO A 1 192 ? 19.686  -0.234  3.772   1.00 14.82 ? 192 PRO A CA  1 
ATOM   1311 C C   . PRO A 1 192 ? 18.154  -0.101  3.961   1.00 11.83 ? 192 PRO A C   1 
ATOM   1312 O O   . PRO A 1 192 ? 17.340  -0.054  2.956   1.00 12.48 ? 192 PRO A O   1 
ATOM   1313 C CB  . PRO A 1 192 ? 20.265  1.180   3.522   1.00 15.09 ? 192 PRO A CB  1 
ATOM   1314 C CG  . PRO A 1 192 ? 19.950  1.410   2.041   1.00 16.95 ? 192 PRO A CG  1 
ATOM   1315 C CD  . PRO A 1 192 ? 20.158  0.046   1.384   1.00 17.28 ? 192 PRO A CD  1 
ATOM   1316 N N   . SER A 1 193 ? 17.755  0.109   5.227   1.00 11.11 ? 193 SER A N   1 
ATOM   1317 C CA  . SER A 1 193 ? 16.349  0.411   5.494   1.00 9.93  ? 193 SER A CA  1 
ATOM   1318 C C   . SER A 1 193 ? 16.271  1.030   6.861   1.00 9.78  ? 193 SER A C   1 
ATOM   1319 O O   . SER A 1 193 ? 17.171  0.882   7.691   1.00 10.45 ? 193 SER A O   1 
ATOM   1320 C CB  . SER A 1 193 ? 15.428  -0.818  5.348   1.00 9.53  ? 193 SER A CB  1 
ATOM   1321 O OG  . SER A 1 193 ? 15.836  -1.807  6.309   1.00 11.07 ? 193 SER A OG  1 
ATOM   1322 N N   . VAL A 1 194 ? 15.198  1.729   7.108   1.00 9.29  ? 194 VAL A N   1 
ATOM   1323 C CA  . VAL A 1 194 ? 14.889  2.265   8.460   1.00 9.01  ? 194 VAL A CA  1 
ATOM   1324 C C   . VAL A 1 194 ? 14.221  1.109   9.237   1.00 9.83  ? 194 VAL A C   1 
ATOM   1325 O O   . VAL A 1 194 ? 13.381  0.412   8.661   1.00 8.45  ? 194 VAL A O   1 
ATOM   1326 C CB  . VAL A 1 194 ? 13.860  3.390   8.298   1.00 8.59  ? 194 VAL A CB  1 
ATOM   1327 C CG1 . VAL A 1 194 ? 13.532  3.940   9.663   1.00 8.45  ? 194 VAL A CG1 1 
ATOM   1328 C CG2 . VAL A 1 194 ? 14.467  4.583   7.507   1.00 9.93  ? 194 VAL A CG2 1 
ATOM   1329 N N   . PRO A 1 195 ? 14.620  0.873   10.499  1.00 9.98  ? 195 PRO A N   1 
ATOM   1330 C CA  . PRO A 1 195 ? 13.968  -0.228  11.176  1.00 10.36 ? 195 PRO A CA  1 
ATOM   1331 C C   . PRO A 1 195 ? 12.458  0.008   11.231  1.00 9.66  ? 195 PRO A C   1 
ATOM   1332 O O   . PRO A 1 195 ? 11.982  1.146   11.439  1.00 8.30  ? 195 PRO A O   1 
ATOM   1333 C CB  . PRO A 1 195 ? 14.477  -0.098  12.611  1.00 11.65 ? 195 PRO A CB  1 
ATOM   1334 C CG  . PRO A 1 195 ? 15.816  0.587   12.494  1.00 13.08 ? 195 PRO A CG  1 
ATOM   1335 C CD  . PRO A 1 195 ? 15.679  1.542   11.327  1.00 11.04 ? 195 PRO A CD  1 
ATOM   1336 N N   . GLU A 1 196 ? 11.693  -1.056  11.100  1.00 8.95  ? 196 GLU A N   1 
ATOM   1337 C CA  . GLU A 1 196 ? 10.264  -0.893  11.110  1.00 10.41 ? 196 GLU A CA  1 
ATOM   1338 C C   . GLU A 1 196 ? 9.674   -0.179  12.339  1.00 9.70  ? 196 GLU A C   1 
ATOM   1339 O O   . GLU A 1 196 ? 8.715   0.580   12.222  1.00 9.52  ? 196 GLU A O   1 
ATOM   1340 C CB  . GLU A 1 196 ? 9.700   -2.301  10.946  1.00 14.28 ? 196 GLU A CB  1 
ATOM   1341 C CG  . GLU A 1 196 ? 8.204   -2.279  10.974  1.00 18.61 ? 196 GLU A CG  1 
ATOM   1342 C CD  . GLU A 1 196 ? 7.596   -3.641  10.637  1.00 23.09 ? 196 GLU A CD  1 
ATOM   1343 O OE1 . GLU A 1 196 ? 8.288   -4.478  10.028  1.00 28.11 ? 196 GLU A OE1 1 
ATOM   1344 O OE2 . GLU A 1 196 ? 6.423   -3.803  10.942  1.00 32.19 ? 196 GLU A OE2 1 
ATOM   1345 N N   . ALA A 1 197 ? 10.312  -0.326  13.521  1.00 9.40  ? 197 ALA A N   1 
ATOM   1346 C CA  . ALA A 1 197 ? 9.827   0.340   14.759  1.00 10.05 ? 197 ALA A CA  1 
ATOM   1347 C C   . ALA A 1 197 ? 10.207  1.805   14.723  1.00 9.64  ? 197 ALA A C   1 
ATOM   1348 O O   . ALA A 1 197 ? 9.904   2.510   15.665  1.00 11.30 ? 197 ALA A O   1 
ATOM   1349 C CB  . ALA A 1 197 ? 10.520  -0.280  16.012  1.00 11.85 ? 197 ALA A CB  1 
ATOM   1350 N N   . ARG A 1 198 ? 10.944  2.257   13.700  1.00 7.74  ? 198 ARG A N   1 
ATOM   1351 C CA  . ARG A 1 198 ? 11.370  3.691   13.645  1.00 7.70  ? 198 ARG A CA  1 
ATOM   1352 C C   . ARG A 1 198 ? 10.839  4.378   12.394  1.00 7.44  ? 198 ARG A C   1 
ATOM   1353 O O   . ARG A 1 198 ? 10.970  5.632   12.266  1.00 7.55  ? 198 ARG A O   1 
ATOM   1354 C CB  . ARG A 1 198 ? 12.881  3.857   13.616  1.00 9.51  ? 198 ARG A CB  1 
ATOM   1355 C CG  . ARG A 1 198 ? 13.568  3.397   14.928  1.00 10.34 ? 198 ARG A CG  1 
ATOM   1356 C CD  . ARG A 1 198 ? 13.188  4.368   16.092  1.00 12.47 ? 198 ARG A CD  1 
ATOM   1357 N NE  . ARG A 1 198 ? 13.454  5.773   15.628  1.00 16.37 ? 198 ARG A NE  1 
ATOM   1358 C CZ  . ARG A 1 198 ? 12.791  6.844   16.085  1.00 17.75 ? 198 ARG A CZ  1 
ATOM   1359 N NH1 . ARG A 1 198 ? 11.890  6.685   17.044  1.00 17.94 ? 198 ARG A NH1 1 
ATOM   1360 N NH2 . ARG A 1 198 ? 12.996  8.084   15.614  1.00 18.31 ? 198 ARG A NH2 1 
ATOM   1361 N N   . VAL A 1 199 ? 10.222  3.609   11.512  1.00 6.77  ? 199 VAL A N   1 
ATOM   1362 C CA  . VAL A 1 199 ? 9.920   4.245   10.180  1.00 7.07  ? 199 VAL A CA  1 
ATOM   1363 C C   . VAL A 1 199 ? 8.756   5.274   10.279  1.00 7.44  ? 199 VAL A C   1 
ATOM   1364 O O   . VAL A 1 199 ? 8.781   6.298   9.630   1.00 6.04  ? 199 VAL A O   1 
ATOM   1365 C CB  . VAL A 1 199 ? 9.808   3.149   9.094   1.00 8.83  ? 199 VAL A CB  1 
ATOM   1366 C CG1 . VAL A 1 199 ? 8.597   2.352   9.317   1.00 8.56  ? 199 VAL A CG1 1 
ATOM   1367 C CG2 . VAL A 1 199 ? 9.759   3.782   7.667   1.00 9.17  ? 199 VAL A CG2 1 
ATOM   1368 N N   . LEU A 1 200 ? 7.742   4.992   11.122  1.00 7.83  ? 200 LEU A N   1 
ATOM   1369 C CA  . LEU A 1 200 ? 6.627   5.954   11.230  1.00 8.75  ? 200 LEU A CA  1 
ATOM   1370 C C   . LEU A 1 200 ? 7.117   7.310   11.711  1.00 8.81  ? 200 LEU A C   1 
ATOM   1371 O O   . LEU A 1 200 ? 6.880   8.298   11.013  1.00 8.86  ? 200 LEU A O   1 
ATOM   1372 C CB  . LEU A 1 200 ? 5.471   5.328   12.052  1.00 9.96  ? 200 LEU A CB  1 
ATOM   1373 C CG  . LEU A 1 200 ? 4.165   6.098   12.098  1.00 11.36 ? 200 LEU A CG  1 
ATOM   1374 C CD1 . LEU A 1 200 ? 3.633   6.346   10.684  1.00 10.23 ? 200 LEU A CD1 1 
ATOM   1375 C CD2 . LEU A 1 200 ? 3.220   5.200   12.984  1.00 11.21 ? 200 LEU A CD2 1 
ATOM   1376 N N   . ASP A 1 201 ? 7.887   7.382   12.799  1.00 8.38  ? 201 ASP A N   1 
ATOM   1377 C CA  . ASP A 1 201 ? 8.409   8.650   13.326  1.00 9.61  ? 201 ASP A CA  1 
ATOM   1378 C C   . ASP A 1 201 ? 9.331   9.370   12.301  1.00 8.12  ? 201 ASP A C   1 
ATOM   1379 O O   . ASP A 1 201 ? 9.395   10.611  12.202  1.00 8.00  ? 201 ASP A O   1 
ATOM   1380 C CB  . ASP A 1 201 ? 9.310   8.385   14.523  1.00 13.67 ? 201 ASP A CB  1 
ATOM   1381 C CG  . ASP A 1 201 ? 8.560   8.211   15.902  1.00 19.43 ? 201 ASP A CG  1 
ATOM   1382 O OD1 . ASP A 1 201 ? 7.306   8.352   15.974  1.00 20.22 ? 201 ASP A OD1 1 
ATOM   1383 O OD2 . ASP A 1 201 ? 9.319   7.988   16.951  1.00 23.84 ? 201 ASP A OD2 1 
ATOM   1384 N N   . THR A 1 202 ? 10.083  8.562   11.547  1.00 6.70  ? 202 THR A N   1 
ATOM   1385 C CA  . THR A 1 202 ? 11.060  9.125   10.599  1.00 6.17  ? 202 THR A CA  1 
ATOM   1386 C C   . THR A 1 202 ? 10.287  9.866   9.463   1.00 5.06  ? 202 THR A C   1 
ATOM   1387 O O   . THR A 1 202 ? 10.532  11.041  9.126   1.00 5.45  ? 202 THR A O   1 
ATOM   1388 C CB  . THR A 1 202 ? 11.903  7.978   9.974   1.00 6.04  ? 202 THR A CB  1 
ATOM   1389 O OG1 . THR A 1 202 ? 12.680  7.362   11.058  1.00 7.37  ? 202 THR A OG1 1 
ATOM   1390 C CG2 . THR A 1 202 ? 12.868  8.527   8.891   1.00 7.18  ? 202 THR A CG2 1 
ATOM   1391 N N   . LEU A 1 203 ? 9.318   9.203   8.935   1.00 4.74  ? 203 LEU A N   1 
ATOM   1392 C CA  . LEU A 1 203 ? 8.479   9.765   7.819   1.00 4.98  ? 203 LEU A CA  1 
ATOM   1393 C C   . LEU A 1 203 ? 7.637   10.933  8.324   1.00 5.40  ? 203 LEU A C   1 
ATOM   1394 O O   . LEU A 1 203 ? 7.522   11.935  7.588   1.00 5.72  ? 203 LEU A O   1 
ATOM   1395 C CB  . LEU A 1 203 ? 7.475   8.671   7.251   1.00 4.71  ? 203 LEU A CB  1 
ATOM   1396 C CG  . LEU A 1 203 ? 8.322   7.536   6.620   1.00 5.07  ? 203 LEU A CG  1 
ATOM   1397 C CD1 . LEU A 1 203 ? 7.389   6.408   6.189   1.00 4.86  ? 203 LEU A CD1 1 
ATOM   1398 C CD2 . LEU A 1 203 ? 9.170   7.948   5.389   1.00 4.74  ? 203 LEU A CD2 1 
ATOM   1399 N N   . VAL A 1 204 ? 7.048   10.825  9.523   1.00 5.29  ? 204 VAL A N   1 
ATOM   1400 C CA  . VAL A 1 204 ? 6.222   11.949  10.016  1.00 5.60  ? 204 VAL A CA  1 
ATOM   1401 C C   . VAL A 1 204 ? 7.098   13.205  10.136  1.00 5.48  ? 204 VAL A C   1 
ATOM   1402 O O   . VAL A 1 204 ? 6.700   14.286  9.729   1.00 5.58  ? 204 VAL A O   1 
ATOM   1403 C CB  . VAL A 1 204 ? 5.579   11.623  11.341  1.00 5.79  ? 204 VAL A CB  1 
ATOM   1404 C CG1 . VAL A 1 204 ? 4.947   12.917  11.932  1.00 6.31  ? 204 VAL A CG1 1 
ATOM   1405 C CG2 . VAL A 1 204 ? 4.476   10.463  11.169  1.00 5.75  ? 204 VAL A CG2 1 
ATOM   1406 N N   . HIS A 1 205 ? 8.309   13.056  10.666  1.00 5.60  ? 205 HIS A N   1 
ATOM   1407 C CA  . HIS A 1 205 ? 9.242   14.219  10.754  1.00 6.19  ? 205 HIS A CA  1 
ATOM   1408 C C   . HIS A 1 205 ? 9.476   14.904  9.434   1.00 6.35  ? 205 HIS A C   1 
ATOM   1409 O O   . HIS A 1 205 ? 9.376   16.123  9.341   1.00 6.84  ? 205 HIS A O   1 
ATOM   1410 C CB  . HIS A 1 205 ? 10.586  13.790  11.367  1.00 6.06  ? 205 HIS A CB  1 
ATOM   1411 C CG  . HIS A 1 205 ? 11.666  14.886  11.320  1.00 7.39  ? 205 HIS A CG  1 
ATOM   1412 N ND1 . HIS A 1 205 ? 11.734  15.875  12.270  1.00 8.00  ? 205 HIS A ND1 1 
ATOM   1413 C CD2 . HIS A 1 205 ? 12.602  15.186  10.367  1.00 7.17  ? 205 HIS A CD2 1 
ATOM   1414 C CE1 . HIS A 1 205 ? 12.725  16.739  11.964  1.00 8.64  ? 205 HIS A CE1 1 
ATOM   1415 N NE2 . HIS A 1 205 ? 13.288  16.315  10.791  1.00 7.61  ? 205 HIS A NE2 1 
ATOM   1416 N N   . ILE A 1 206 ? 9.826   14.113  8.398   1.00 5.96  ? 206 ILE A N   1 
ATOM   1417 C CA  . ILE A 1 206 ? 10.081  14.677  7.076   1.00 6.06  ? 206 ILE A CA  1 
ATOM   1418 C C   . ILE A 1 206 ? 8.845   15.320  6.471   1.00 6.38  ? 206 ILE A C   1 
ATOM   1419 O O   . ILE A 1 206 ? 8.971   16.421  5.932   1.00 6.22  ? 206 ILE A O   1 
ATOM   1420 C CB  . ILE A 1 206 ? 10.643  13.554  6.145   1.00 6.04  ? 206 ILE A CB  1 
ATOM   1421 C CG1 . ILE A 1 206 ? 11.974  13.142  6.805   1.00 6.65  ? 206 ILE A CG1 1 
ATOM   1422 C CG2 . ILE A 1 206 ? 10.951  14.099  4.721   1.00 6.18  ? 206 ILE A CG2 1 
ATOM   1423 C CD1 . ILE A 1 206 ? 12.585  11.868  6.104   1.00 6.92  ? 206 ILE A CD1 1 
ATOM   1424 N N   . TRP A 1 207 ? 7.659   14.713  6.616   1.00 6.30  ? 207 TRP A N   1 
ATOM   1425 C CA  . TRP A 1 207 ? 6.406   15.297  6.092   1.00 7.27  ? 207 TRP A CA  1 
ATOM   1426 C C   . TRP A 1 207 ? 6.134   16.607  6.815   1.00 7.90  ? 207 TRP A C   1 
ATOM   1427 O O   . TRP A 1 207 ? 5.898   17.642  6.162   1.00 7.62  ? 207 TRP A O   1 
ATOM   1428 C CB  . TRP A 1 207 ? 5.234   14.360  6.358   1.00 6.95  ? 207 TRP A CB  1 
ATOM   1429 C CG  . TRP A 1 207 ? 5.115   13.238  5.345   1.00 7.12  ? 207 TRP A CG  1 
ATOM   1430 C CD1 . TRP A 1 207 ? 6.072   12.219  5.011   1.00 7.08  ? 207 TRP A CD1 1 
ATOM   1431 C CD2 . TRP A 1 207 ? 4.002   12.987  4.492   1.00 7.52  ? 207 TRP A CD2 1 
ATOM   1432 N NE1 . TRP A 1 207 ? 5.596   11.459  4.023   1.00 7.15  ? 207 TRP A NE1 1 
ATOM   1433 C CE2 . TRP A 1 207 ? 4.359   11.855  3.660   1.00 7.22  ? 207 TRP A CE2 1 
ATOM   1434 C CE3 . TRP A 1 207 ? 2.736   13.639  4.283   1.00 7.65  ? 207 TRP A CE3 1 
ATOM   1435 C CZ2 . TRP A 1 207 ? 3.476   11.324  2.691   1.00 7.50  ? 207 TRP A CZ2 1 
ATOM   1436 C CZ3 . TRP A 1 207 ? 1.879   13.092  3.324   1.00 7.97  ? 207 TRP A CZ3 1 
ATOM   1437 C CH2 . TRP A 1 207 ? 2.229   11.988  2.527   1.00 7.52  ? 207 TRP A CH2 1 
ATOM   1438 N N   . VAL A 1 208 ? 6.250   16.621  8.150   1.00 8.65  ? 208 VAL A N   1 
ATOM   1439 C CA  . VAL A 1 208 ? 5.885   17.824  8.901   1.00 9.10  ? 208 VAL A CA  1 
ATOM   1440 C C   . VAL A 1 208 ? 6.859   18.996  8.671   1.00 9.32  ? 208 VAL A C   1 
ATOM   1441 O O   . VAL A 1 208 ? 6.442   20.156  8.395   1.00 9.79  ? 208 VAL A O   1 
ATOM   1442 C CB  . VAL A 1 208 ? 5.685   17.509  10.403  1.00 10.43 ? 208 VAL A CB  1 
ATOM   1443 C CG1 . VAL A 1 208 ? 5.409   18.809  11.133  1.00 16.43 ? 208 VAL A CG1 1 
ATOM   1444 C CG2 . VAL A 1 208 ? 4.431   16.579  10.498  1.00 11.98 ? 208 VAL A CG2 1 
ATOM   1445 N N   . THR A 1 209 ? 8.147   18.700  8.644   1.00 8.55  ? 209 THR A N   1 
ATOM   1446 C CA  . THR A 1 209 ? 9.086   19.781  8.411   1.00 8.99  ? 209 THR A CA  1 
ATOM   1447 C C   . THR A 1 209 ? 8.962   20.281  6.977   1.00 9.50  ? 209 THR A C   1 
ATOM   1448 O O   . THR A 1 209 ? 9.088   21.500  6.746   1.00 9.63  ? 209 THR A O   1 
ATOM   1449 C CB  . THR A 1 209 ? 10.522  19.329  8.709   1.00 9.27  ? 209 THR A CB  1 
ATOM   1450 O OG1 . THR A 1 209 ? 10.894  18.169  7.913   1.00 8.61  ? 209 THR A OG1 1 
ATOM   1451 C CG2 . THR A 1 209 ? 10.676  19.119  10.237  1.00 9.15  ? 209 THR A CG2 1 
ATOM   1452 N N   . SER A 1 210 ? 8.739   19.360  6.000   1.00 8.36  ? 210 SER A N   1 
ATOM   1453 C CA  . SER A 1 210 ? 8.740   19.815  4.609   1.00 8.32  ? 210 SER A CA  1 
ATOM   1454 C C   . SER A 1 210 ? 7.429   20.515  4.256   1.00 9.17  ? 210 SER A C   1 
ATOM   1455 O O   . SER A 1 210 ? 7.429   21.483  3.417   1.00 8.75  ? 210 SER A O   1 
ATOM   1456 C CB  . SER A 1 210 ? 9.043   18.667  3.650   1.00 8.92  ? 210 SER A CB  1 
ATOM   1457 O OG  . SER A 1 210 ? 7.965   17.786  3.583   1.00 9.08  ? 210 SER A OG  1 
ATOM   1458 N N   . ILE A 1 211 ? 6.342   20.144  4.934   1.00 8.81  ? 211 ILE A N   1 
ATOM   1459 C CA  . ILE A 1 211 ? 5.024   20.827  4.679   1.00 9.19  ? 211 ILE A CA  1 
ATOM   1460 C C   . ILE A 1 211 ? 4.963   22.218  5.420   1.00 10.67 ? 211 ILE A C   1 
ATOM   1461 O O   . ILE A 1 211 ? 4.503   23.166  4.805   1.00 10.03 ? 211 ILE A O   1 
ATOM   1462 C CB  . ILE A 1 211 ? 3.830   19.926  5.032   1.00 8.79  ? 211 ILE A CB  1 
ATOM   1463 C CG1 . ILE A 1 211 ? 3.795   18.770  3.995   1.00 7.90  ? 211 ILE A CG1 1 
ATOM   1464 C CG2 . ILE A 1 211 ? 2.485   20.742  5.090   1.00 8.86  ? 211 ILE A CG2 1 
ATOM   1465 C CD1 . ILE A 1 211 ? 2.938   17.553  4.392   1.00 7.92  ? 211 ILE A CD1 1 
ATOM   1466 N N   . TYR A 1 212 ? 5.420   22.293  6.675   1.00 10.12 ? 212 TYR A N   1 
ATOM   1467 C CA  . TYR A 1 212 ? 5.236   23.508  7.489   1.00 12.19 ? 212 TYR A CA  1 
ATOM   1468 C C   . TYR A 1 212 ? 6.469   24.398  7.488   1.00 13.08 ? 212 TYR A C   1 
ATOM   1469 O O   . TYR A 1 212 ? 6.358   25.550  7.943   1.00 12.24 ? 212 TYR A O   1 
ATOM   1470 C CB  . TYR A 1 212 ? 4.782   23.130  8.935   1.00 10.05 ? 212 TYR A CB  1 
ATOM   1471 C CG  . TYR A 1 212 ? 3.446   22.447  8.853   1.00 10.78 ? 212 TYR A CG  1 
ATOM   1472 C CD1 . TYR A 1 212 ? 2.203   23.209  8.730   1.00 11.18 ? 212 TYR A CD1 1 
ATOM   1473 C CD2 . TYR A 1 212 ? 3.354   21.031  8.913   1.00 10.86 ? 212 TYR A CD2 1 
ATOM   1474 C CE1 . TYR A 1 212 ? 0.978   22.558  8.570   1.00 10.34 ? 212 TYR A CE1 1 
ATOM   1475 C CE2 . TYR A 1 212 ? 2.115   20.400  8.812   1.00 11.15 ? 212 TYR A CE2 1 
ATOM   1476 C CZ  . TYR A 1 212 ? 0.939   21.170  8.686   1.00 11.42 ? 212 TYR A CZ  1 
ATOM   1477 O OH  . TYR A 1 212 ? -0.235  20.478  8.504   1.00 11.94 ? 212 TYR A OH  1 
ATOM   1478 N N   . GLY A 1 213 ? 7.629   23.889  7.025   1.00 13.53 ? 213 GLY A N   1 
ATOM   1479 C CA  . GLY A 1 213 ? 8.934   24.604  7.136   1.00 15.49 ? 213 GLY A CA  1 
ATOM   1480 C C   . GLY A 1 213 ? 9.135   25.648  6.019   1.00 18.23 ? 213 GLY A C   1 
ATOM   1481 O O   . GLY A 1 213 ? 8.721   25.432  4.880   1.00 16.40 ? 213 GLY A O   1 
ATOM   1482 N N   . GLU A 1 214 ? 9.741   26.801  6.328   1.00 23.04 ? 214 GLU A N   1 
ATOM   1483 C CA  . GLU A 1 214 ? 9.687   27.942  5.345   1.00 27.30 ? 214 GLU A CA  1 
ATOM   1484 C C   . GLU A 1 214 ? 11.001  28.030  4.614   1.00 31.87 ? 214 GLU A C   1 
ATOM   1485 O O   . GLU A 1 214 ? 12.012  27.573  5.166   1.00 36.79 ? 214 GLU A O   1 
ATOM   1486 C CB  . GLU A 1 214 ? 9.261   29.275  6.011   1.00 32.37 ? 214 GLU A CB  1 
ATOM   1487 C CG  . GLU A 1 214 ? 8.713   30.354  5.029   1.00 36.28 ? 214 GLU A CG  1 
HETATM 1488 O O1  A P87 B 2 .   ? 2.221   6.638   3.187   0.50 10.02 ? 301 P87 A O1  1 
HETATM 1489 C C6  A P87 B 2 .   ? 1.562   6.801   2.145   0.50 11.55 ? 301 P87 A C6  1 
HETATM 1490 N N   A P87 B 2 .   ? 1.709   6.050   1.076   0.50 12.12 ? 301 P87 A N   1 
HETATM 1491 C C10 A P87 B 2 .   ? 2.607   4.905   1.096   0.50 12.34 ? 301 P87 A C10 1 
HETATM 1492 C C9  A P87 B 2 .   ? 1.948   3.999   0.067   0.50 13.33 ? 301 P87 A C9  1 
HETATM 1493 C C8  A P87 B 2 .   ? 1.334   4.946   -0.946  0.50 12.61 ? 301 P87 A C8  1 
HETATM 1494 C C7  A P87 B 2 .   ? 1.004   6.243   -0.195  0.50 12.48 ? 301 P87 A C7  1 
HETATM 1495 C C5  A P87 B 2 .   ? 0.456   7.821   2.010   0.50 12.11 ? 301 P87 A C5  1 
HETATM 1496 C C4  A P87 B 2 .   ? 0.502   8.865   3.116   0.50 13.99 ? 301 P87 A C4  1 
HETATM 1497 C C1  A P87 B 2 .   ? -0.881  9.362   3.503   0.50 16.05 ? 301 P87 A C1  1 
HETATM 1498 C C2  A P87 B 2 .   ? -1.574  10.022  2.340   0.50 17.43 ? 301 P87 A C2  1 
HETATM 1499 O O   A P87 B 2 .   ? -2.165  11.212  2.863   0.50 19.49 ? 301 P87 A O   1 
HETATM 1500 C C3  A P87 B 2 .   ? -1.928  11.417  4.259   0.50 17.45 ? 301 P87 A C3  1 
HETATM 1501 C C   A P87 B 2 .   ? -0.822  10.422  4.588   0.50 17.70 ? 301 P87 A C   1 
HETATM 1502 O O1  B P87 C 2 .   ? 1.612   7.920   3.516   0.50 14.07 ? 302 P87 A O1  1 
HETATM 1503 C C6  B P87 C 2 .   ? 0.703   8.127   2.709   0.50 14.17 ? 302 P87 A C6  1 
HETATM 1504 N N   B P87 C 2 .   ? -0.192  9.111   2.805   0.50 15.00 ? 302 P87 A N   1 
HETATM 1505 C C10 B P87 C 2 .   ? -1.220  9.346   1.782   0.50 16.21 ? 302 P87 A C10 1 
HETATM 1506 C C9  B P87 C 2 .   ? -2.297  10.076  2.565   0.50 16.18 ? 302 P87 A C9  1 
HETATM 1507 C C8  B P87 C 2 .   ? -1.719  10.400  3.936   0.50 16.31 ? 302 P87 A C8  1 
HETATM 1508 C C7  B P87 C 2 .   ? -0.239  10.065  3.887   0.50 15.63 ? 302 P87 A C7  1 
HETATM 1509 C C5  B P87 C 2 .   ? 0.660   7.236   1.489   0.50 13.25 ? 302 P87 A C5  1 
HETATM 1510 C C4  B P87 C 2 .   ? 1.802   6.244   1.618   0.50 13.66 ? 302 P87 A C4  1 
HETATM 1511 C C1  B P87 C 2 .   ? 1.557   5.084   0.659   0.50 14.36 ? 302 P87 A C1  1 
HETATM 1512 C C2  B P87 C 2 .   ? 2.547   3.909   0.753   0.50 15.11 ? 302 P87 A C2  1 
HETATM 1513 O O   B P87 C 2 .   ? 2.846   3.495   -0.596  0.50 15.55 ? 302 P87 A O   1 
HETATM 1514 C C3  B P87 C 2 .   ? 2.291   4.452   -1.507  0.50 14.44 ? 302 P87 A C3  1 
HETATM 1515 C C   B P87 C 2 .   ? 1.742   5.634   -0.746  0.50 14.61 ? 302 P87 A C   1 
HETATM 1516 O O   . HOH D 3 .   ? 17.781  0.798   -2.011  1.00 27.24 ? 401 HOH A O   1 
HETATM 1517 O O   . HOH D 3 .   ? 16.971  -0.571  0.263   1.00 18.98 ? 402 HOH A O   1 
HETATM 1518 O O   . HOH D 3 .   ? 8.379   21.362  -6.615  1.00 15.73 ? 403 HOH A O   1 
HETATM 1519 O O   . HOH D 3 .   ? 0.767   1.793   14.384  1.00 14.35 ? 404 HOH A O   1 
HETATM 1520 O O   . HOH D 3 .   ? -7.631  21.764  -0.690  1.00 24.50 ? 405 HOH A O   1 
HETATM 1521 O O   . HOH D 3 .   ? -2.651  21.377  -5.689  1.00 22.86 ? 406 HOH A O   1 
HETATM 1522 O O   . HOH D 3 .   ? 9.253   -6.900  -3.888  1.00 28.47 ? 407 HOH A O   1 
HETATM 1523 O O   . HOH D 3 .   ? 3.593   19.892  -11.421 0.50 16.09 ? 408 HOH A O   1 
HETATM 1524 O O   . HOH D 3 .   ? -6.488  7.870   -9.630  1.00 20.47 ? 409 HOH A O   1 
HETATM 1525 O O   . HOH D 3 .   ? 2.772   1.467   -11.099 1.00 29.39 ? 410 HOH A O   1 
HETATM 1526 O O   . HOH D 3 .   ? 0.686   -10.722 2.841   1.00 18.15 ? 411 HOH A O   1 
HETATM 1527 O O   . HOH D 3 .   ? -5.410  17.782  -5.087  1.00 12.31 ? 412 HOH A O   1 
HETATM 1528 O O   . HOH D 3 .   ? 7.429   2.822   13.014  1.00 9.39  ? 413 HOH A O   1 
HETATM 1529 O O   . HOH D 3 .   ? 5.234   -11.161 -7.586  1.00 25.44 ? 414 HOH A O   1 
HETATM 1530 O O   . HOH D 3 .   ? 8.220   11.996  14.225  1.00 17.11 ? 415 HOH A O   1 
HETATM 1531 O O   . HOH D 3 .   ? 3.628   24.143  2.411   1.00 11.64 ? 416 HOH A O   1 
HETATM 1532 O O   . HOH D 3 .   ? -0.068  30.238  3.636   1.00 25.79 ? 417 HOH A O   1 
HETATM 1533 O O   . HOH D 3 .   ? -10.739 -17.852 -15.508 1.00 28.51 ? 418 HOH A O   1 
HETATM 1534 O O   . HOH D 3 .   ? -7.794  12.114  -4.207  1.00 20.93 ? 419 HOH A O   1 
HETATM 1535 O O   . HOH D 3 .   ? -1.067  9.946   15.878  1.00 23.75 ? 420 HOH A O   1 
HETATM 1536 O O   . HOH D 3 .   ? 13.312  1.953   5.092   1.00 11.47 ? 421 HOH A O   1 
HETATM 1537 O O   . HOH D 3 .   ? 0.019   26.667  -2.862  1.00 34.20 ? 422 HOH A O   1 
HETATM 1538 O O   . HOH D 3 .   ? -5.493  -2.738  -12.934 1.00 34.29 ? 423 HOH A O   1 
HETATM 1539 O O   . HOH D 3 .   ? 3.563   31.712  2.357   1.00 27.53 ? 424 HOH A O   1 
HETATM 1540 O O   . HOH D 3 .   ? -2.393  13.050  -8.466  1.00 14.93 ? 425 HOH A O   1 
HETATM 1541 O O   . HOH D 3 .   ? 1.843   19.397  15.512  1.00 29.99 ? 426 HOH A O   1 
HETATM 1542 O O   . HOH D 3 .   ? 5.693   23.753  -11.296 1.00 25.44 ? 427 HOH A O   1 
HETATM 1543 O O   . HOH D 3 .   ? -9.785  -1.191  -7.300  1.00 25.59 ? 428 HOH A O   1 
HETATM 1544 O O   . HOH D 3 .   ? -13.416 -25.900 -14.531 1.00 14.17 ? 429 HOH A O   1 
HETATM 1545 O O   . HOH D 3 .   ? 8.179   -4.787  1.094   1.00 23.01 ? 430 HOH A O   1 
HETATM 1546 O O   . HOH D 3 .   ? -12.268 -29.306 -7.637  1.00 18.14 ? 431 HOH A O   1 
HETATM 1547 O O   . HOH D 3 .   ? 8.430   5.087   14.500  1.00 8.89  ? 432 HOH A O   1 
HETATM 1548 O O   . HOH D 3 .   ? -12.371 1.863   6.868   1.00 33.80 ? 433 HOH A O   1 
HETATM 1549 O O   . HOH D 3 .   ? 0.745   24.761  -5.105  1.00 22.51 ? 434 HOH A O   1 
HETATM 1550 O O   . HOH D 3 .   ? 1.016   -25.747 -12.043 1.00 33.93 ? 435 HOH A O   1 
HETATM 1551 O O   . HOH D 3 .   ? 11.948  -2.742  14.145  1.00 12.53 ? 436 HOH A O   1 
HETATM 1552 O O   . HOH D 3 .   ? 2.478   -9.336  7.162   1.00 20.16 ? 437 HOH A O   1 
HETATM 1553 O O   . HOH D 3 .   ? -10.231 -33.208 -11.142 1.00 21.68 ? 438 HOH A O   1 
HETATM 1554 O O   . HOH D 3 .   ? -0.183  12.033  -9.616  1.00 21.93 ? 439 HOH A O   1 
HETATM 1555 O O   . HOH D 3 .   ? -8.637  14.769  -3.094  1.00 36.25 ? 440 HOH A O   1 
HETATM 1556 O O   . HOH D 3 .   ? 8.875   -4.774  -1.481  1.00 30.99 ? 441 HOH A O   1 
HETATM 1557 O O   . HOH D 3 .   ? 5.600   2.044   14.927  1.00 18.23 ? 442 HOH A O   1 
# 
